data_9DVY
#
_entry.id   9DVY
#
_cell.length_a   1.00
_cell.length_b   1.00
_cell.length_c   1.00
_cell.angle_alpha   90.00
_cell.angle_beta   90.00
_cell.angle_gamma   90.00
#
_symmetry.space_group_name_H-M   'P 1'
#
loop_
_entity.id
_entity.type
_entity.pdbx_description
1 polymer 'ATP-dependent Clp protease ATP-binding subunit clpX-like, mitochondrial'
2 polymer 'Unidentified endogenous substrate'
3 non-polymer 'MAGNESIUM ION'
4 non-polymer "ADENOSINE-5'-TRIPHOSPHATE"
5 non-polymer "ADENOSINE-5'-DIPHOSPHATE"
#
loop_
_entity_poly.entity_id
_entity_poly.type
_entity_poly.pdbx_seq_one_letter_code
_entity_poly.pdbx_strand_id
1 'polypeptide(L)'
;IIKEPESAAEAVKLAFQQKPPPPPKKIYNYLDKYVVGQSFAKKVLSVAVYNHYKRIYNNIPANLRQQAEVEKQTSLTPRE
LEIRRREDEYRFTKLLQIAGISPHGNALGASMQQQVNQQIPQEKRGGEVLDSSHDDIKLEKSNILLLGPTGSGKTLLAQT
LAKCLDVPFAICDCTTLTQAGYVGEDIESVIAKLLQDANYNVEKAQQGIVFLDQVDKIGSVPGIHQLRDVGGEGVQQGLL
KLLEGTIVNVPEKNSRKLRGETVQVDTTNILFVASGAFNGLDRIISRRKNEKYLGFGTPSNLGKGRRAAAAADLANRSGE
SNTHQDIEEKDRLLRHVEARDLIEFGMIPEFVGRLPVVVPLHSLDEKTLVQILTEPRNAVIPQYQALFSMDKCELNVTED
ALKAIARLALERKTGARGLRSIMEKLLLEPMFEVPNSDIVCVEVDKEVVEGKKEPGYIRAPTKESSE
;
A,B,C,D,E,F
2 'polypeptide(L)' (UNK)(UNK)(UNK)(UNK)(UNK)(UNK)(UNK)(UNK)(UNK)(UNK)(UNK)(UNK) G
#
# COMPACT_ATOMS: atom_id res chain seq x y z
N PRO A 20 5.55 -11.90 -56.82
CA PRO A 20 4.22 -12.31 -56.36
C PRO A 20 4.23 -12.77 -54.90
N PRO A 21 3.07 -12.75 -54.25
CA PRO A 21 2.98 -13.24 -52.87
C PRO A 21 3.12 -14.75 -52.81
N PRO A 22 3.85 -15.28 -51.83
CA PRO A 22 3.85 -16.72 -51.58
C PRO A 22 2.45 -17.21 -51.22
N PRO A 23 1.98 -18.26 -51.88
CA PRO A 23 0.72 -18.87 -51.47
C PRO A 23 0.80 -19.31 -50.03
N PRO A 24 -0.35 -19.36 -49.34
CA PRO A 24 -0.32 -19.73 -47.91
C PRO A 24 0.16 -21.16 -47.65
N LYS A 25 -0.17 -22.12 -48.50
CA LYS A 25 0.36 -23.46 -48.36
C LYS A 25 1.82 -23.59 -48.79
N LYS A 26 2.44 -22.54 -49.31
CA LYS A 26 3.90 -22.53 -49.37
C LYS A 26 4.49 -22.13 -48.02
N ILE A 27 3.95 -21.06 -47.42
CA ILE A 27 4.43 -20.62 -46.12
C ILE A 27 4.21 -21.72 -45.08
N TYR A 28 3.03 -22.34 -45.12
CA TYR A 28 2.72 -23.46 -44.24
C TYR A 28 3.77 -24.54 -44.33
N ASN A 29 4.22 -24.87 -45.55
CA ASN A 29 5.26 -25.87 -45.71
C ASN A 29 6.62 -25.40 -45.23
N TYR A 30 6.84 -24.09 -45.12
CA TYR A 30 8.04 -23.61 -44.43
C TYR A 30 7.90 -23.72 -42.92
N LEU A 31 6.77 -23.27 -42.37
CA LEU A 31 6.57 -23.37 -40.93
C LEU A 31 6.65 -24.82 -40.45
N ASP A 32 6.15 -25.76 -41.24
CA ASP A 32 6.22 -27.18 -40.92
C ASP A 32 7.65 -27.71 -40.82
N LYS A 33 8.65 -26.98 -41.32
CA LYS A 33 10.03 -27.38 -41.12
C LYS A 33 10.53 -27.13 -39.70
N TYR A 34 9.89 -26.25 -38.95
CA TYR A 34 10.37 -25.86 -37.62
C TYR A 34 9.38 -26.13 -36.50
N VAL A 35 8.08 -26.01 -36.75
CA VAL A 35 7.06 -26.12 -35.71
C VAL A 35 6.27 -27.39 -35.95
N VAL A 36 6.20 -28.25 -34.94
CA VAL A 36 5.51 -29.52 -35.08
C VAL A 36 4.01 -29.35 -34.87
N GLY A 37 3.62 -28.76 -33.75
CA GLY A 37 2.31 -29.04 -33.21
C GLY A 37 1.11 -28.39 -33.88
N GLN A 38 1.11 -27.06 -33.98
CA GLN A 38 -0.15 -26.33 -34.19
C GLN A 38 -0.40 -26.13 -35.69
N SER A 39 -0.94 -27.19 -36.29
CA SER A 39 -1.38 -27.16 -37.68
C SER A 39 -2.49 -26.14 -37.95
N PHE A 40 -3.20 -25.69 -36.92
CA PHE A 40 -4.20 -24.63 -37.10
C PHE A 40 -3.57 -23.24 -37.15
N ALA A 41 -2.77 -22.90 -36.14
CA ALA A 41 -2.18 -21.57 -36.09
C ALA A 41 -1.28 -21.30 -37.29
N LYS A 42 -0.62 -22.34 -37.81
CA LYS A 42 0.11 -22.23 -39.07
C LYS A 42 -0.78 -21.76 -40.21
N LYS A 43 -2.03 -22.23 -40.26
CA LYS A 43 -2.92 -21.83 -41.34
C LYS A 43 -3.32 -20.37 -41.23
N VAL A 44 -3.71 -19.94 -40.02
CA VAL A 44 -4.11 -18.56 -39.80
C VAL A 44 -2.97 -17.60 -40.11
N LEU A 45 -1.76 -17.89 -39.63
CA LEU A 45 -0.63 -17.04 -39.94
C LEU A 45 -0.30 -17.04 -41.43
N SER A 46 -0.37 -18.20 -42.08
CA SER A 46 -0.10 -18.27 -43.52
C SER A 46 -1.15 -17.50 -44.32
N VAL A 47 -2.42 -17.59 -43.93
CA VAL A 47 -3.45 -16.80 -44.57
C VAL A 47 -3.23 -15.31 -44.33
N ALA A 48 -3.03 -14.92 -43.08
CA ALA A 48 -2.86 -13.51 -42.72
C ALA A 48 -1.64 -12.90 -43.38
N VAL A 49 -0.54 -13.64 -43.50
CA VAL A 49 0.63 -13.12 -44.19
C VAL A 49 0.35 -12.98 -45.68
N TYR A 50 -0.38 -13.92 -46.27
CA TYR A 50 -0.80 -13.79 -47.66
C TYR A 50 -1.71 -12.58 -47.85
N ASN A 51 -2.71 -12.43 -46.98
CA ASN A 51 -3.60 -11.27 -47.03
C ASN A 51 -2.84 -9.96 -46.86
N HIS A 52 -1.79 -9.95 -46.05
CA HIS A 52 -1.00 -8.74 -45.90
C HIS A 52 -0.33 -8.37 -47.22
N TYR A 53 0.28 -9.34 -47.89
CA TYR A 53 0.84 -9.08 -49.22
C TYR A 53 -0.25 -8.65 -50.18
N LYS A 54 -1.41 -9.33 -50.14
CA LYS A 54 -2.50 -9.03 -51.05
C LYS A 54 -3.19 -7.70 -50.75
N ARG A 55 -3.07 -7.20 -49.52
CA ARG A 55 -3.58 -5.88 -49.17
C ARG A 55 -2.55 -4.78 -49.38
N ILE A 56 -1.33 -5.12 -49.84
CA ILE A 56 -0.30 -4.11 -50.05
C ILE A 56 -0.51 -3.30 -51.31
N TYR A 57 -1.41 -3.74 -52.21
CA TYR A 57 -1.73 -2.98 -53.41
C TYR A 57 -3.23 -3.03 -53.64
N ASN A 58 -3.73 -2.02 -54.35
CA ASN A 58 -5.17 -1.84 -54.54
C ASN A 58 -5.91 -1.82 -53.21
N ASN A 59 -5.25 -1.33 -52.16
CA ASN A 59 -5.85 -1.24 -50.84
C ASN A 59 -6.99 -0.22 -50.83
N GLU A 140 -8.49 -2.20 -43.40
CA GLU A 140 -9.06 -3.48 -43.79
C GLU A 140 -8.47 -4.61 -42.96
N LYS A 141 -7.33 -4.36 -42.33
CA LYS A 141 -6.56 -5.42 -41.69
C LYS A 141 -7.33 -6.02 -40.51
N SER A 142 -6.93 -7.24 -40.14
CA SER A 142 -7.24 -7.81 -38.84
C SER A 142 -5.94 -8.18 -38.14
N ASN A 143 -5.73 -7.62 -36.96
CA ASN A 143 -4.62 -7.98 -36.10
C ASN A 143 -4.87 -9.33 -35.43
N ILE A 144 -3.79 -9.96 -34.98
CA ILE A 144 -3.80 -11.35 -34.51
C ILE A 144 -3.37 -11.39 -33.05
N LEU A 145 -4.02 -12.25 -32.27
CA LEU A 145 -3.60 -12.55 -30.90
C LEU A 145 -3.32 -14.04 -30.75
N LEU A 146 -2.06 -14.39 -30.48
CA LEU A 146 -1.66 -15.77 -30.22
C LEU A 146 -1.75 -16.09 -28.73
N LEU A 147 -2.76 -16.88 -28.35
CA LEU A 147 -2.86 -17.39 -26.98
C LEU A 147 -2.21 -18.75 -26.87
N GLY A 148 -1.79 -19.11 -25.67
CA GLY A 148 -1.55 -20.50 -25.36
C GLY A 148 -0.53 -20.80 -24.28
N PRO A 149 -0.45 -22.07 -23.90
CA PRO A 149 0.48 -22.52 -22.84
C PRO A 149 1.93 -22.17 -23.08
N THR A 150 2.73 -22.17 -22.02
CA THR A 150 4.16 -21.95 -22.14
C THR A 150 4.82 -23.09 -22.91
N GLY A 151 5.81 -22.75 -23.72
CA GLY A 151 6.49 -23.73 -24.54
C GLY A 151 5.61 -24.40 -25.58
N SER A 152 4.57 -23.71 -26.05
CA SER A 152 3.70 -24.24 -27.09
C SER A 152 4.19 -23.95 -28.50
N GLY A 153 5.02 -22.93 -28.65
CA GLY A 153 5.47 -22.50 -29.95
C GLY A 153 5.04 -21.12 -30.41
N LYS A 154 4.58 -20.25 -29.49
CA LYS A 154 4.12 -18.93 -29.90
C LYS A 154 5.27 -18.07 -30.40
N THR A 155 6.29 -17.89 -29.56
CA THR A 155 7.46 -17.15 -30.00
C THR A 155 8.20 -17.86 -31.13
N LEU A 156 8.21 -19.19 -31.12
CA LEU A 156 8.84 -19.93 -32.21
C LEU A 156 8.12 -19.70 -33.54
N LEU A 157 6.79 -19.66 -33.53
CA LEU A 157 6.05 -19.32 -34.75
C LEU A 157 6.41 -17.95 -35.26
N ALA A 158 6.36 -16.94 -34.38
CA ALA A 158 6.71 -15.58 -34.78
C ALA A 158 8.13 -15.47 -35.28
N GLN A 159 9.08 -16.04 -34.53
CA GLN A 159 10.49 -15.92 -34.87
C GLN A 159 10.87 -16.74 -36.12
N THR A 160 10.15 -17.82 -36.40
CA THR A 160 10.38 -18.55 -37.65
C THR A 160 9.71 -17.87 -38.84
N LEU A 161 8.51 -17.34 -38.65
CA LEU A 161 7.82 -16.63 -39.73
C LEU A 161 8.62 -15.43 -40.21
N ALA A 162 9.22 -14.68 -39.29
CA ALA A 162 10.06 -13.56 -39.68
C ALA A 162 11.24 -13.94 -40.58
N LYS A 163 11.61 -15.22 -40.64
CA LYS A 163 12.69 -15.62 -41.54
C LYS A 163 12.26 -15.66 -43.00
N CYS A 164 10.96 -15.83 -43.27
CA CYS A 164 10.46 -15.97 -44.63
C CYS A 164 9.80 -14.69 -45.12
N LEU A 165 10.02 -13.57 -44.44
CA LEU A 165 9.22 -12.37 -44.58
C LEU A 165 9.99 -11.31 -45.35
N ASP A 166 9.36 -10.76 -46.39
CA ASP A 166 9.96 -9.67 -47.16
C ASP A 166 9.79 -8.33 -46.46
N VAL A 167 8.57 -8.03 -46.04
CA VAL A 167 8.24 -6.77 -45.38
C VAL A 167 9.02 -6.63 -44.08
N PRO A 168 9.38 -5.40 -43.68
CA PRO A 168 10.08 -5.20 -42.42
C PRO A 168 9.30 -5.75 -41.23
N PHE A 169 10.02 -6.17 -40.20
CA PHE A 169 9.37 -6.65 -38.99
C PHE A 169 10.16 -6.19 -37.77
N ALA A 170 9.45 -6.10 -36.64
CA ALA A 170 10.02 -5.76 -35.35
C ALA A 170 9.52 -6.72 -34.29
N ILE A 171 10.43 -7.16 -33.42
CA ILE A 171 10.11 -7.99 -32.28
C ILE A 171 10.29 -7.17 -31.01
N CYS A 172 9.26 -7.14 -30.17
CA CYS A 172 9.19 -6.23 -29.04
C CYS A 172 8.55 -6.95 -27.87
N ASP A 173 8.98 -6.59 -26.66
CA ASP A 173 8.38 -7.10 -25.43
C ASP A 173 7.70 -5.98 -24.67
N CYS A 174 6.41 -6.13 -24.41
CA CYS A 174 5.64 -5.09 -23.76
C CYS A 174 6.03 -4.87 -22.29
N THR A 175 6.88 -5.72 -21.73
CA THR A 175 7.36 -5.51 -20.36
C THR A 175 8.29 -4.32 -20.24
N THR A 176 8.80 -3.80 -21.35
CA THR A 176 9.69 -2.65 -21.32
C THR A 176 8.95 -1.32 -21.37
N LEU A 177 7.73 -1.31 -21.89
CA LEU A 177 7.06 -0.07 -22.21
C LEU A 177 6.54 0.59 -20.93
N THR A 178 6.45 1.92 -20.95
CA THR A 178 5.84 2.67 -19.87
C THR A 178 5.05 3.84 -20.45
N GLN A 179 4.17 4.38 -19.61
CA GLN A 179 3.44 5.60 -19.94
C GLN A 179 4.40 6.70 -20.35
N ALA A 180 3.91 7.61 -21.19
CA ALA A 180 4.71 8.74 -21.63
C ALA A 180 5.15 9.62 -20.45
N GLY A 181 6.41 10.05 -20.49
CA GLY A 181 6.99 10.87 -19.45
C GLY A 181 7.53 10.15 -18.23
N TYR A 182 7.33 8.85 -18.11
CA TYR A 182 8.02 8.07 -17.08
C TYR A 182 9.30 7.44 -17.63
N VAL A 183 10.17 7.06 -16.70
CA VAL A 183 11.38 6.32 -17.05
C VAL A 183 11.00 5.03 -17.76
N GLY A 184 11.86 4.60 -18.68
CA GLY A 184 11.64 3.38 -19.45
C GLY A 184 11.38 3.67 -20.91
N GLU A 185 11.20 2.59 -21.65
CA GLU A 185 11.03 2.70 -23.10
C GLU A 185 9.65 3.25 -23.43
N ASP A 186 9.62 4.14 -24.41
CA ASP A 186 8.38 4.76 -24.86
C ASP A 186 7.71 3.87 -25.89
N ILE A 187 6.37 3.89 -25.87
CA ILE A 187 5.58 2.97 -26.70
C ILE A 187 5.88 3.19 -28.18
N GLU A 188 6.18 4.42 -28.58
CA GLU A 188 6.55 4.72 -29.96
C GLU A 188 7.82 4.00 -30.39
N SER A 189 8.66 3.58 -29.46
CA SER A 189 9.90 2.88 -29.81
C SER A 189 9.66 1.54 -30.49
N VAL A 190 8.49 0.92 -30.28
CA VAL A 190 8.13 -0.28 -31.03
C VAL A 190 8.22 -0.02 -32.53
N ILE A 191 7.69 1.12 -32.99
CA ILE A 191 7.77 1.48 -34.39
C ILE A 191 9.17 1.94 -34.77
N ALA A 192 9.89 2.57 -33.83
CA ALA A 192 11.26 2.97 -34.09
C ALA A 192 12.15 1.76 -34.39
N LYS A 193 11.99 0.68 -33.66
CA LYS A 193 12.74 -0.54 -33.96
C LYS A 193 12.39 -1.07 -35.34
N LEU A 194 11.11 -0.98 -35.72
CA LEU A 194 10.71 -1.34 -37.07
C LEU A 194 11.38 -0.46 -38.12
N LEU A 195 11.42 0.85 -37.88
CA LEU A 195 12.01 1.75 -38.87
C LEU A 195 13.52 1.55 -38.98
N GLN A 196 14.18 1.09 -37.91
CA GLN A 196 15.58 0.72 -38.04
C GLN A 196 15.76 -0.52 -38.91
N ASP A 197 14.73 -1.36 -39.00
CA ASP A 197 14.65 -2.39 -40.02
C ASP A 197 14.26 -1.81 -41.37
N ALA A 198 14.77 -2.44 -42.42
CA ALA A 198 14.73 -1.90 -43.79
C ALA A 198 15.32 -0.50 -43.88
N ASN A 199 16.29 -0.21 -43.01
CA ASN A 199 17.18 0.93 -43.11
C ASN A 199 16.44 2.24 -43.36
N TYR A 200 15.48 2.54 -42.48
CA TYR A 200 14.81 3.83 -42.44
C TYR A 200 14.05 4.16 -43.74
N ASN A 201 13.76 3.15 -44.56
CA ASN A 201 12.90 3.36 -45.72
C ASN A 201 11.46 3.46 -45.21
N VAL A 202 11.05 4.69 -44.90
CA VAL A 202 9.70 4.92 -44.38
C VAL A 202 8.65 4.39 -45.35
N GLU A 203 8.90 4.50 -46.65
CA GLU A 203 7.96 3.97 -47.63
C GLU A 203 7.78 2.46 -47.50
N LYS A 204 8.82 1.75 -47.07
CA LYS A 204 8.72 0.32 -46.82
C LYS A 204 8.31 -0.01 -45.39
N ALA A 205 8.77 0.78 -44.42
CA ALA A 205 8.46 0.52 -43.03
C ALA A 205 6.96 0.55 -42.74
N GLN A 206 6.22 1.41 -43.44
CA GLN A 206 4.77 1.49 -43.25
C GLN A 206 4.04 0.21 -43.63
N GLN A 207 4.70 -0.74 -44.29
CA GLN A 207 4.09 -2.03 -44.62
C GLN A 207 4.53 -3.17 -43.70
N GLY A 208 5.19 -2.86 -42.59
CA GLY A 208 5.79 -3.91 -41.78
C GLY A 208 4.83 -4.69 -40.91
N ILE A 209 5.38 -5.71 -40.25
CA ILE A 209 4.68 -6.56 -39.29
C ILE A 209 5.34 -6.39 -37.93
N VAL A 210 4.54 -6.12 -36.90
CA VAL A 210 5.04 -5.94 -35.54
C VAL A 210 4.58 -7.10 -34.66
N PHE A 211 5.54 -7.78 -34.04
CA PHE A 211 5.28 -8.88 -33.10
C PHE A 211 5.39 -8.33 -31.68
N LEU A 212 4.26 -8.01 -31.08
CA LEU A 212 4.15 -7.62 -29.66
C LEU A 212 4.04 -8.88 -28.80
N ASP A 213 5.17 -9.41 -28.37
CA ASP A 213 5.13 -10.50 -27.40
C ASP A 213 4.81 -10.01 -25.98
N GLN A 214 4.41 -10.97 -25.13
CA GLN A 214 4.15 -10.75 -23.71
C GLN A 214 3.08 -9.69 -23.46
N VAL A 215 2.09 -9.60 -24.34
CA VAL A 215 1.00 -8.65 -24.18
C VAL A 215 0.13 -8.94 -22.95
N ASP A 216 0.16 -10.16 -22.42
CA ASP A 216 -0.55 -10.44 -21.18
C ASP A 216 0.07 -9.75 -19.97
N LYS A 217 1.33 -9.32 -20.04
CA LYS A 217 2.00 -8.73 -18.89
C LYS A 217 1.63 -7.27 -18.67
N ILE A 218 1.06 -6.60 -19.68
CA ILE A 218 0.54 -5.25 -19.53
C ILE A 218 -0.94 -5.27 -19.20
N GLY A 219 -1.45 -6.42 -18.76
CA GLY A 219 -2.82 -6.46 -18.30
C GLY A 219 -3.06 -5.53 -17.13
N SER A 220 -4.29 -5.02 -17.05
CA SER A 220 -4.71 -4.15 -15.97
C SER A 220 -4.81 -4.92 -14.65
N VAL A 221 -4.91 -4.17 -13.56
CA VAL A 221 -5.06 -4.74 -12.23
C VAL A 221 -6.21 -4.02 -11.52
N PRO A 222 -7.06 -4.75 -10.76
CA PRO A 222 -8.18 -4.15 -10.03
C PRO A 222 -7.80 -2.96 -9.16
N ARG A 228 -3.28 4.78 -12.33
CA ARG A 228 -1.96 5.30 -12.01
C ARG A 228 -0.87 4.34 -12.46
N ASP A 229 -1.26 3.25 -13.13
CA ASP A 229 -0.29 2.27 -13.56
C ASP A 229 0.67 2.88 -14.57
N VAL A 230 1.97 2.71 -14.32
CA VAL A 230 2.95 3.10 -15.31
C VAL A 230 3.04 2.05 -16.41
N GLY A 231 2.89 0.79 -16.05
CA GLY A 231 2.67 -0.25 -17.04
C GLY A 231 1.19 -0.47 -17.28
N GLY A 232 0.78 -1.72 -17.42
CA GLY A 232 -0.61 -2.09 -17.29
C GLY A 232 -1.52 -1.36 -18.25
N GLU A 233 -2.68 -0.93 -17.75
CA GLU A 233 -3.67 -0.23 -18.57
C GLU A 233 -3.14 1.07 -19.16
N GLY A 234 -2.15 1.68 -18.51
CA GLY A 234 -1.54 2.87 -19.09
C GLY A 234 -0.82 2.61 -20.40
N VAL A 235 -0.18 1.45 -20.53
CA VAL A 235 0.47 1.09 -21.78
C VAL A 235 -0.55 0.73 -22.86
N GLN A 236 -1.62 0.02 -22.48
CA GLN A 236 -2.63 -0.38 -23.46
C GLN A 236 -3.29 0.82 -24.12
N GLN A 237 -3.59 1.86 -23.35
CA GLN A 237 -4.19 3.06 -23.91
C GLN A 237 -3.30 3.71 -24.96
N GLY A 238 -1.99 3.54 -24.84
CA GLY A 238 -1.09 4.00 -25.89
C GLY A 238 -1.09 3.16 -27.15
N LEU A 239 -1.08 1.83 -27.00
CA LEU A 239 -1.06 0.96 -28.17
C LEU A 239 -2.27 1.14 -29.08
N LEU A 240 -3.43 1.54 -28.53
CA LEU A 240 -4.57 1.88 -29.38
C LEU A 240 -4.22 2.90 -30.45
N LYS A 241 -3.39 3.89 -30.12
CA LYS A 241 -3.03 4.89 -31.13
C LYS A 241 -2.05 4.35 -32.16
N LEU A 242 -1.55 3.14 -31.99
CA LEU A 242 -0.79 2.41 -33.01
C LEU A 242 -1.65 1.44 -33.80
N LEU A 243 -2.50 0.67 -33.10
CA LEU A 243 -3.27 -0.37 -33.78
C LEU A 243 -4.30 0.26 -34.72
N GLU A 244 -5.05 1.24 -34.22
CA GLU A 244 -5.70 2.19 -35.10
C GLU A 244 -4.67 3.17 -35.65
N GLY A 245 -4.76 3.47 -36.94
CA GLY A 245 -3.71 4.19 -37.61
C GLY A 245 -3.50 5.59 -37.05
N THR A 246 -2.23 5.95 -36.85
CA THR A 246 -1.86 7.32 -36.53
C THR A 246 -0.51 7.63 -37.17
N ILE A 247 -0.29 8.91 -37.46
CA ILE A 247 1.01 9.39 -37.93
C ILE A 247 1.89 9.68 -36.72
N VAL A 248 2.87 8.81 -36.48
CA VAL A 248 3.67 8.84 -35.26
C VAL A 248 5.04 9.41 -35.60
N ASN A 249 5.47 10.41 -34.83
CA ASN A 249 6.82 10.95 -34.96
C ASN A 249 7.86 9.98 -34.43
N VAL A 250 8.87 9.69 -35.24
CA VAL A 250 9.89 8.71 -34.88
C VAL A 250 11.26 9.30 -35.17
N PRO A 251 12.23 9.19 -34.25
CA PRO A 251 13.61 9.63 -34.48
C PRO A 251 14.37 8.74 -35.46
N THR A 262 13.99 13.46 -37.59
CA THR A 262 12.71 12.82 -37.30
C THR A 262 11.87 12.66 -38.58
N VAL A 263 11.02 11.63 -38.59
CA VAL A 263 10.06 11.40 -39.65
C VAL A 263 8.72 11.02 -39.03
N GLN A 264 7.67 11.08 -39.84
CA GLN A 264 6.34 10.60 -39.47
C GLN A 264 6.05 9.31 -40.20
N VAL A 265 5.63 8.29 -39.45
CA VAL A 265 5.29 6.98 -39.99
C VAL A 265 3.80 6.74 -39.76
N ASP A 266 3.07 6.45 -40.83
CA ASP A 266 1.67 6.06 -40.73
C ASP A 266 1.58 4.57 -40.41
N THR A 267 0.98 4.24 -39.27
CA THR A 267 0.80 2.86 -38.83
C THR A 267 -0.38 2.17 -39.50
N THR A 268 -1.17 2.90 -40.30
CA THR A 268 -2.45 2.40 -40.79
C THR A 268 -2.33 1.03 -41.46
N ASN A 269 -1.27 0.81 -42.23
CA ASN A 269 -1.09 -0.45 -42.93
C ASN A 269 -0.16 -1.45 -42.23
N ILE A 270 0.36 -1.12 -41.06
CA ILE A 270 1.17 -2.09 -40.32
C ILE A 270 0.26 -3.16 -39.72
N LEU A 271 0.67 -4.41 -39.83
CA LEU A 271 -0.01 -5.54 -39.21
C LEU A 271 0.65 -5.86 -37.88
N PHE A 272 -0.13 -5.86 -36.81
CA PHE A 272 0.37 -6.22 -35.49
C PHE A 272 -0.04 -7.65 -35.16
N VAL A 273 0.94 -8.45 -34.77
CA VAL A 273 0.70 -9.75 -34.14
C VAL A 273 0.99 -9.62 -32.66
N ALA A 274 0.11 -10.16 -31.83
CA ALA A 274 0.30 -10.21 -30.39
C ALA A 274 0.39 -11.65 -29.92
N SER A 275 1.14 -11.86 -28.84
CA SER A 275 1.23 -13.17 -28.21
C SER A 275 1.34 -13.03 -26.71
N GLY A 276 0.85 -14.03 -26.00
CA GLY A 276 0.91 -14.04 -24.56
C GLY A 276 0.44 -15.37 -24.02
N ALA A 277 0.90 -15.69 -22.81
CA ALA A 277 0.47 -16.93 -22.17
C ALA A 277 -0.92 -16.83 -21.58
N PHE A 278 -1.28 -15.68 -21.01
CA PHE A 278 -2.57 -15.48 -20.36
C PHE A 278 -2.83 -16.58 -19.33
N ASN A 279 -1.82 -16.84 -18.51
CA ASN A 279 -1.94 -17.86 -17.48
C ASN A 279 -3.06 -17.53 -16.52
N GLY A 280 -4.03 -18.44 -16.40
CA GLY A 280 -5.23 -18.22 -15.63
C GLY A 280 -6.44 -17.83 -16.44
N LEU A 281 -6.29 -17.57 -17.73
CA LEU A 281 -7.43 -17.26 -18.58
C LEU A 281 -8.35 -18.46 -18.76
N ASP A 282 -7.80 -19.67 -18.71
CA ASP A 282 -8.64 -20.86 -18.70
C ASP A 282 -9.62 -20.86 -17.53
N ARG A 283 -9.16 -20.48 -16.34
CA ARG A 283 -10.04 -20.39 -15.19
C ARG A 283 -11.11 -19.32 -15.36
N ILE A 284 -10.78 -18.20 -16.01
CA ILE A 284 -11.77 -17.17 -16.27
C ILE A 284 -12.87 -17.68 -17.19
N ILE A 285 -12.50 -18.42 -18.23
CA ILE A 285 -13.48 -19.05 -19.12
C ILE A 285 -14.31 -20.08 -18.36
N SER A 286 -13.66 -20.89 -17.52
CA SER A 286 -14.37 -21.93 -16.79
C SER A 286 -15.53 -21.36 -15.96
N ARG A 287 -15.31 -20.22 -15.31
CA ARG A 287 -16.38 -19.58 -14.56
C ARG A 287 -17.48 -19.02 -15.44
N ARG A 288 -17.21 -18.84 -16.73
CA ARG A 288 -18.21 -18.34 -17.67
C ARG A 288 -18.91 -19.45 -18.45
N LYS A 289 -18.20 -20.53 -18.76
CA LYS A 289 -18.69 -21.56 -19.66
C LYS A 289 -19.54 -22.62 -18.97
N ASN A 290 -19.42 -22.80 -17.65
CA ASN A 290 -20.10 -23.88 -16.95
C ASN A 290 -20.81 -23.37 -15.70
N GLU A 291 -21.77 -24.16 -15.22
CA GLU A 291 -22.59 -23.80 -14.07
C GLU A 291 -22.69 -24.97 -13.09
N LYS A 292 -22.66 -24.63 -11.79
CA LYS A 292 -22.63 -25.59 -10.68
C LYS A 292 -24.02 -26.10 -10.31
N TYR A 293 -24.67 -26.78 -11.26
CA TYR A 293 -25.96 -27.40 -10.98
C TYR A 293 -25.85 -28.46 -9.88
N LEU A 294 -26.91 -28.57 -9.09
CA LEU A 294 -26.96 -29.44 -7.91
C LEU A 294 -28.36 -30.04 -7.82
N GLY A 295 -28.49 -31.33 -8.12
CA GLY A 295 -29.78 -31.99 -8.05
C GLY A 295 -29.77 -33.30 -8.80
N PHE A 296 -30.98 -33.89 -8.88
CA PHE A 296 -31.13 -35.21 -9.49
C PHE A 296 -31.22 -35.17 -11.00
N GLY A 297 -31.51 -34.01 -11.58
CA GLY A 297 -31.57 -33.88 -13.04
C GLY A 297 -32.69 -34.69 -13.67
N THR A 323 -1.14 -34.53 -15.91
CA THR A 323 -1.64 -35.70 -16.63
C THR A 323 -2.44 -35.30 -17.86
N HIS A 324 -2.62 -36.25 -18.78
CA HIS A 324 -3.32 -35.98 -20.03
C HIS A 324 -4.72 -35.44 -19.78
N GLN A 325 -5.42 -35.97 -18.78
CA GLN A 325 -6.79 -35.54 -18.53
C GLN A 325 -6.85 -34.12 -17.99
N ASP A 326 -5.82 -33.68 -17.25
CA ASP A 326 -5.78 -32.32 -16.74
C ASP A 326 -5.39 -31.32 -17.81
N ILE A 327 -4.54 -31.71 -18.75
CA ILE A 327 -4.10 -30.82 -19.81
C ILE A 327 -5.18 -30.67 -20.88
N GLU A 328 -5.71 -31.80 -21.36
CA GLU A 328 -6.69 -31.73 -22.43
C GLU A 328 -8.00 -31.08 -21.99
N GLU A 329 -8.30 -31.09 -20.68
CA GLU A 329 -9.42 -30.31 -20.17
C GLU A 329 -9.21 -28.82 -20.41
N LYS A 330 -7.96 -28.35 -20.39
CA LYS A 330 -7.69 -26.94 -20.69
C LYS A 330 -7.68 -26.68 -22.19
N ASP A 331 -7.14 -27.59 -22.99
CA ASP A 331 -7.09 -27.40 -24.44
C ASP A 331 -8.49 -27.24 -25.02
N ARG A 332 -9.47 -27.96 -24.50
CA ARG A 332 -10.85 -27.74 -24.91
C ARG A 332 -11.35 -26.38 -24.46
N LEU A 333 -11.12 -26.03 -23.21
CA LEU A 333 -11.73 -24.84 -22.63
C LEU A 333 -11.17 -23.57 -23.24
N LEU A 334 -9.84 -23.51 -23.41
CA LEU A 334 -9.20 -22.35 -24.04
C LEU A 334 -9.64 -22.16 -25.49
N ARG A 335 -10.09 -23.23 -26.16
CA ARG A 335 -10.61 -23.12 -27.52
C ARG A 335 -11.91 -22.33 -27.61
N HIS A 336 -12.59 -22.09 -26.48
CA HIS A 336 -13.83 -21.34 -26.43
C HIS A 336 -13.65 -19.95 -25.85
N VAL A 337 -12.41 -19.44 -25.82
CA VAL A 337 -12.19 -18.07 -25.40
C VAL A 337 -13.00 -17.11 -26.26
N GLU A 338 -13.49 -16.04 -25.63
CA GLU A 338 -14.22 -14.99 -26.32
C GLU A 338 -13.72 -13.65 -25.81
N ALA A 339 -13.95 -12.61 -26.61
CA ALA A 339 -13.44 -11.27 -26.27
C ALA A 339 -13.85 -10.84 -24.86
N ARG A 340 -15.09 -11.15 -24.46
CA ARG A 340 -15.55 -10.83 -23.11
C ARG A 340 -14.72 -11.48 -22.01
N ASP A 341 -13.98 -12.55 -22.31
CA ASP A 341 -13.10 -13.15 -21.32
C ASP A 341 -11.76 -12.44 -21.22
N LEU A 342 -11.24 -11.93 -22.34
CA LEU A 342 -9.99 -11.19 -22.31
C LEU A 342 -10.14 -9.84 -21.61
N ILE A 343 -11.33 -9.24 -21.68
CA ILE A 343 -11.63 -8.05 -20.89
C ILE A 343 -11.55 -8.34 -19.39
N GLU A 344 -12.09 -9.48 -18.96
CA GLU A 344 -12.00 -9.85 -17.55
C GLU A 344 -10.56 -10.12 -17.12
N PHE A 345 -9.72 -10.61 -18.02
CA PHE A 345 -8.31 -10.77 -17.69
C PHE A 345 -7.63 -9.42 -17.47
N GLY A 346 -8.22 -8.33 -17.98
CA GLY A 346 -7.68 -7.01 -17.75
C GLY A 346 -7.21 -6.28 -18.99
N MET A 347 -7.47 -6.82 -20.17
CA MET A 347 -7.27 -6.07 -21.39
C MET A 347 -8.45 -5.12 -21.58
N ILE A 348 -8.16 -3.86 -21.89
CA ILE A 348 -9.22 -2.86 -22.02
C ILE A 348 -10.10 -3.14 -23.23
N PRO A 349 -11.40 -2.86 -23.16
CA PRO A 349 -12.33 -3.27 -24.24
C PRO A 349 -11.95 -2.84 -25.64
N GLU A 350 -11.34 -1.66 -25.78
CA GLU A 350 -10.97 -1.18 -27.11
C GLU A 350 -9.75 -1.91 -27.65
N PHE A 351 -8.87 -2.37 -26.76
CA PHE A 351 -7.66 -3.06 -27.18
C PHE A 351 -8.00 -4.46 -27.70
N VAL A 352 -8.90 -5.15 -27.01
CA VAL A 352 -9.39 -6.45 -27.48
C VAL A 352 -10.10 -6.31 -28.82
N GLY A 353 -10.92 -5.28 -28.98
CA GLY A 353 -11.59 -5.06 -30.26
C GLY A 353 -10.65 -4.80 -31.42
N ARG A 354 -9.46 -4.28 -31.15
CA ARG A 354 -8.46 -4.08 -32.19
C ARG A 354 -7.72 -5.35 -32.57
N LEU A 355 -8.02 -6.49 -31.93
CA LEU A 355 -7.38 -7.77 -32.22
C LEU A 355 -8.47 -8.75 -32.65
N PRO A 356 -8.98 -8.61 -33.88
CA PRO A 356 -10.19 -9.34 -34.26
C PRO A 356 -10.08 -10.85 -34.31
N VAL A 357 -8.89 -11.41 -34.57
CA VAL A 357 -8.71 -12.85 -34.66
C VAL A 357 -7.80 -13.35 -33.55
N VAL A 358 -8.33 -14.28 -32.75
CA VAL A 358 -7.62 -14.90 -31.64
C VAL A 358 -7.30 -16.35 -32.02
N VAL A 359 -6.05 -16.74 -31.82
CA VAL A 359 -5.55 -18.05 -32.23
C VAL A 359 -4.98 -18.75 -31.01
N PRO A 360 -5.74 -19.66 -30.39
CA PRO A 360 -5.24 -20.43 -29.24
C PRO A 360 -4.40 -21.63 -29.68
N LEU A 361 -3.12 -21.62 -29.33
CA LEU A 361 -2.25 -22.77 -29.56
C LEU A 361 -2.56 -23.89 -28.57
N HIS A 362 -2.64 -25.12 -29.07
CA HIS A 362 -2.87 -26.29 -28.22
C HIS A 362 -1.63 -26.66 -27.43
N SER A 363 -1.84 -27.41 -26.35
CA SER A 363 -0.74 -27.94 -25.55
C SER A 363 -0.07 -29.12 -26.26
N LEU A 364 1.25 -29.19 -26.14
CA LEU A 364 2.03 -30.28 -26.72
C LEU A 364 1.80 -31.56 -25.94
N ASP A 365 1.08 -32.52 -26.53
CA ASP A 365 0.91 -33.83 -25.94
C ASP A 365 2.12 -34.72 -26.23
N GLU A 366 2.20 -35.83 -25.49
CA GLU A 366 3.38 -36.69 -25.52
C GLU A 366 3.73 -37.19 -26.92
N LYS A 367 2.73 -37.40 -27.77
CA LYS A 367 3.00 -37.81 -29.15
C LYS A 367 3.71 -36.73 -29.94
N THR A 368 3.49 -35.47 -29.62
CA THR A 368 4.24 -34.38 -30.23
C THR A 368 5.63 -34.23 -29.61
N LEU A 369 5.74 -34.33 -28.29
CA LEU A 369 7.02 -34.15 -27.63
C LEU A 369 8.06 -35.14 -28.12
N VAL A 370 7.66 -36.41 -28.31
CA VAL A 370 8.60 -37.40 -28.84
C VAL A 370 9.03 -37.06 -30.26
N GLN A 371 8.13 -36.47 -31.05
CA GLN A 371 8.50 -36.04 -32.39
C GLN A 371 9.44 -34.84 -32.36
N ILE A 372 9.23 -33.92 -31.42
CA ILE A 372 10.11 -32.76 -31.27
C ILE A 372 11.53 -33.16 -30.92
N LEU A 373 11.72 -34.27 -30.21
CA LEU A 373 13.06 -34.73 -29.89
C LEU A 373 13.86 -35.09 -31.13
N THR A 374 13.29 -35.94 -31.99
CA THR A 374 13.94 -36.32 -33.24
C THR A 374 13.80 -35.30 -34.36
N GLU A 375 12.56 -34.89 -34.67
CA GLU A 375 12.22 -34.45 -36.02
C GLU A 375 12.68 -33.05 -36.43
N PRO A 376 12.40 -32.00 -35.65
CA PRO A 376 12.51 -30.65 -36.22
C PRO A 376 13.95 -30.22 -36.45
N ARG A 377 14.08 -29.15 -37.22
CA ARG A 377 15.34 -28.43 -37.29
C ARG A 377 15.77 -27.95 -35.91
N ASN A 378 17.05 -28.16 -35.59
CA ASN A 378 17.61 -27.94 -34.25
C ASN A 378 16.94 -28.79 -33.17
N ALA A 379 16.54 -30.01 -33.53
CA ALA A 379 15.92 -30.91 -32.57
C ALA A 379 16.83 -31.13 -31.36
N VAL A 380 16.20 -31.39 -30.20
CA VAL A 380 16.91 -31.37 -28.92
C VAL A 380 18.07 -32.37 -28.91
N ILE A 381 17.80 -33.62 -29.27
CA ILE A 381 18.79 -34.69 -29.18
C ILE A 381 19.96 -34.48 -30.15
N PRO A 382 19.73 -34.08 -31.40
CA PRO A 382 20.87 -33.66 -32.24
C PRO A 382 21.78 -32.62 -31.61
N GLN A 383 21.27 -31.76 -30.72
CA GLN A 383 22.16 -30.84 -30.01
C GLN A 383 23.07 -31.56 -29.02
N TYR A 384 22.53 -32.49 -28.24
CA TYR A 384 23.37 -33.25 -27.33
C TYR A 384 24.35 -34.16 -28.06
N GLN A 385 23.92 -34.75 -29.18
CA GLN A 385 24.84 -35.53 -30.00
C GLN A 385 26.00 -34.68 -30.50
N ALA A 386 25.75 -33.42 -30.83
CA ALA A 386 26.86 -32.53 -31.20
C ALA A 386 27.77 -32.24 -30.02
N LEU A 387 27.21 -32.06 -28.82
CA LEU A 387 28.03 -31.84 -27.63
C LEU A 387 28.92 -33.04 -27.33
N PHE A 388 28.42 -34.25 -27.56
CA PHE A 388 29.24 -35.44 -27.37
C PHE A 388 30.19 -35.66 -28.54
N SER A 389 29.75 -35.39 -29.76
CA SER A 389 30.58 -35.73 -30.92
C SER A 389 31.86 -34.93 -30.96
N MET A 390 31.86 -33.72 -30.41
CA MET A 390 33.09 -32.96 -30.32
C MET A 390 33.96 -33.39 -29.14
N ASP A 391 33.48 -34.32 -28.31
CA ASP A 391 34.35 -35.12 -27.45
C ASP A 391 34.74 -36.44 -28.10
N LYS A 392 34.46 -36.60 -29.39
CA LYS A 392 34.73 -37.84 -30.12
C LYS A 392 33.94 -39.01 -29.55
N CYS A 393 32.77 -38.74 -29.01
CA CYS A 393 31.89 -39.75 -28.42
C CYS A 393 30.57 -39.75 -29.18
N GLU A 394 30.00 -40.93 -29.36
CA GLU A 394 28.69 -41.10 -29.98
C GLU A 394 27.63 -41.38 -28.93
N LEU A 395 26.55 -40.60 -28.95
CA LEU A 395 25.42 -40.80 -28.06
C LEU A 395 24.34 -41.56 -28.82
N ASN A 396 23.94 -42.71 -28.30
CA ASN A 396 22.84 -43.50 -28.83
C ASN A 396 21.70 -43.51 -27.83
N VAL A 397 20.52 -43.04 -28.25
CA VAL A 397 19.30 -43.13 -27.44
C VAL A 397 18.31 -43.99 -28.21
N THR A 398 17.84 -45.07 -27.58
CA THR A 398 16.91 -45.97 -28.27
C THR A 398 15.53 -45.33 -28.38
N GLU A 399 14.78 -45.80 -29.38
CA GLU A 399 13.44 -45.27 -29.64
C GLU A 399 12.51 -45.45 -28.45
N ASP A 400 12.70 -46.49 -27.64
CA ASP A 400 11.88 -46.68 -26.46
C ASP A 400 12.29 -45.78 -25.30
N ALA A 401 13.52 -45.26 -25.31
CA ALA A 401 13.87 -44.19 -24.37
C ALA A 401 13.21 -42.87 -24.73
N LEU A 402 13.17 -42.54 -26.03
CA LEU A 402 12.47 -41.33 -26.47
C LEU A 402 11.03 -41.29 -25.97
N LYS A 403 10.31 -42.40 -26.12
CA LYS A 403 8.96 -42.48 -25.58
C LYS A 403 8.93 -42.36 -24.07
N ALA A 404 10.01 -42.75 -23.38
CA ALA A 404 10.09 -42.60 -21.94
C ALA A 404 10.39 -41.16 -21.53
N ILE A 405 11.27 -40.48 -22.28
CA ILE A 405 11.56 -39.08 -22.02
C ILE A 405 10.31 -38.23 -22.20
N ALA A 406 9.57 -38.47 -23.28
CA ALA A 406 8.38 -37.69 -23.59
C ALA A 406 7.34 -37.76 -22.49
N ARG A 407 7.18 -38.92 -21.85
CA ARG A 407 6.24 -39.01 -20.74
C ARG A 407 6.69 -38.16 -19.55
N LEU A 408 7.96 -38.28 -19.16
CA LEU A 408 8.49 -37.48 -18.05
C LEU A 408 8.35 -35.98 -18.30
N ALA A 409 8.52 -35.55 -19.55
CA ALA A 409 8.40 -34.12 -19.85
C ALA A 409 6.96 -33.63 -19.73
N LEU A 410 6.01 -34.48 -20.11
CA LEU A 410 4.60 -34.11 -20.00
C LEU A 410 4.18 -33.82 -18.57
N GLU A 411 4.85 -34.43 -17.59
CA GLU A 411 4.41 -34.31 -16.21
C GLU A 411 4.70 -32.93 -15.62
N ARG A 412 5.82 -32.32 -15.97
CA ARG A 412 6.21 -31.07 -15.33
C ARG A 412 5.61 -29.83 -15.97
N LYS A 413 4.86 -29.98 -17.06
CA LYS A 413 3.92 -28.95 -17.51
C LYS A 413 4.62 -27.62 -17.83
N THR A 414 5.84 -27.69 -18.33
CA THR A 414 6.57 -26.51 -18.82
C THR A 414 6.78 -26.56 -20.33
N GLY A 415 5.94 -27.31 -21.05
CA GLY A 415 5.98 -27.39 -22.49
C GLY A 415 7.24 -28.05 -23.01
N ALA A 416 7.62 -27.69 -24.24
CA ALA A 416 8.77 -28.31 -24.87
C ALA A 416 10.08 -28.02 -24.16
N ARG A 417 10.12 -27.03 -23.28
CA ARG A 417 11.33 -26.83 -22.48
C ARG A 417 11.54 -27.92 -21.45
N GLY A 418 10.50 -28.66 -21.10
CA GLY A 418 10.67 -29.79 -20.20
C GLY A 418 11.62 -30.84 -20.72
N LEU A 419 11.67 -31.02 -22.04
CA LEU A 419 12.59 -31.98 -22.65
C LEU A 419 14.02 -31.72 -22.25
N ARG A 420 14.44 -30.46 -22.25
CA ARG A 420 15.82 -30.11 -21.90
C ARG A 420 16.10 -30.37 -20.43
N SER A 421 15.15 -30.08 -19.56
CA SER A 421 15.36 -30.31 -18.13
C SER A 421 15.62 -31.78 -17.81
N ILE A 422 15.00 -32.70 -18.54
CA ILE A 422 15.24 -34.13 -18.32
C ILE A 422 16.53 -34.61 -18.97
N MET A 423 16.80 -34.18 -20.20
CA MET A 423 18.05 -34.58 -20.84
C MET A 423 19.27 -34.14 -20.05
N GLU A 424 19.25 -32.94 -19.48
CA GLU A 424 20.36 -32.50 -18.63
C GLU A 424 20.45 -33.31 -17.35
N LYS A 425 19.32 -33.69 -16.78
CA LYS A 425 19.33 -34.55 -15.60
C LYS A 425 19.87 -35.95 -15.91
N LEU A 426 19.48 -36.50 -17.05
CA LEU A 426 19.85 -37.88 -17.38
C LEU A 426 21.31 -37.98 -17.79
N LEU A 427 21.79 -37.05 -18.60
CA LEU A 427 23.12 -37.13 -19.19
C LEU A 427 24.22 -36.51 -18.32
N LEU A 428 23.90 -36.07 -17.10
CA LEU A 428 24.89 -35.41 -16.26
C LEU A 428 26.11 -36.30 -16.00
N GLU A 429 25.89 -37.55 -15.61
CA GLU A 429 27.02 -38.43 -15.31
C GLU A 429 27.92 -38.69 -16.51
N PRO A 430 27.42 -39.10 -17.68
CA PRO A 430 28.34 -39.27 -18.81
C PRO A 430 29.02 -37.99 -19.26
N MET A 431 28.35 -36.83 -19.22
CA MET A 431 29.03 -35.59 -19.59
C MET A 431 30.19 -35.26 -18.66
N PHE A 432 30.11 -35.65 -17.39
CA PHE A 432 31.24 -35.50 -16.48
C PHE A 432 32.34 -36.53 -16.72
N GLU A 433 31.97 -37.80 -16.90
CA GLU A 433 32.95 -38.86 -17.06
C GLU A 433 33.62 -38.88 -18.43
N VAL A 434 32.88 -38.60 -19.49
CA VAL A 434 33.37 -38.81 -20.86
C VAL A 434 34.54 -37.94 -21.30
N PRO A 435 34.57 -36.63 -21.05
CA PRO A 435 35.63 -35.81 -21.64
C PRO A 435 37.01 -36.17 -21.10
N ASN A 436 37.97 -36.19 -22.03
CA ASN A 436 39.35 -36.59 -21.74
C ASN A 436 39.41 -38.02 -21.20
N SER A 437 38.64 -38.91 -21.80
CA SER A 437 38.56 -40.30 -21.38
C SER A 437 38.52 -41.23 -22.58
N ASP A 438 38.79 -42.50 -22.32
CA ASP A 438 38.75 -43.56 -23.34
C ASP A 438 37.35 -44.02 -23.71
N ILE A 439 36.30 -43.44 -23.14
CA ILE A 439 34.93 -43.80 -23.55
C ILE A 439 34.70 -43.37 -24.98
N VAL A 440 34.04 -44.22 -25.76
CA VAL A 440 33.77 -43.93 -27.16
C VAL A 440 32.28 -43.93 -27.51
N CYS A 441 31.42 -44.53 -26.71
CA CYS A 441 29.99 -44.42 -26.96
C CYS A 441 29.23 -44.47 -25.65
N VAL A 442 28.14 -43.71 -25.56
CA VAL A 442 27.20 -43.75 -24.46
C VAL A 442 25.86 -44.22 -24.99
N GLU A 443 25.24 -45.18 -24.32
CA GLU A 443 23.97 -45.74 -24.74
C GLU A 443 22.93 -45.54 -23.65
N VAL A 444 21.81 -44.95 -24.02
CA VAL A 444 20.67 -44.73 -23.13
C VAL A 444 19.51 -45.60 -23.59
N ASP A 445 18.91 -46.33 -22.65
CA ASP A 445 17.76 -47.18 -22.92
C ASP A 445 16.70 -46.95 -21.86
N LYS A 446 15.49 -47.47 -22.12
CA LYS A 446 14.34 -47.20 -21.26
C LYS A 446 14.58 -47.55 -19.80
N GLU A 447 15.50 -48.46 -19.51
CA GLU A 447 15.90 -48.73 -18.13
C GLU A 447 16.73 -47.59 -17.55
N VAL A 448 17.56 -46.94 -18.38
CA VAL A 448 18.34 -45.80 -17.91
C VAL A 448 17.44 -44.60 -17.63
N VAL A 449 16.50 -44.32 -18.53
CA VAL A 449 15.57 -43.20 -18.34
C VAL A 449 14.73 -43.41 -17.08
N GLU A 450 14.38 -44.66 -16.79
CA GLU A 450 13.55 -44.95 -15.63
C GLU A 450 14.34 -44.98 -14.32
N GLY A 451 15.65 -44.76 -14.37
CA GLY A 451 16.48 -44.82 -13.18
C GLY A 451 16.84 -46.21 -12.72
N LYS A 452 16.43 -47.25 -13.44
CA LYS A 452 16.70 -48.63 -13.06
C LYS A 452 18.12 -49.05 -13.38
N LYS A 453 18.85 -48.30 -14.21
CA LYS A 453 20.20 -48.67 -14.60
C LYS A 453 21.00 -47.40 -14.79
N GLU A 454 22.31 -47.51 -14.63
CA GLU A 454 23.20 -46.45 -15.02
C GLU A 454 23.46 -46.47 -16.52
N PRO A 455 23.73 -45.30 -17.11
CA PRO A 455 24.05 -45.25 -18.54
C PRO A 455 25.15 -46.22 -18.94
N GLY A 456 24.98 -46.86 -20.09
CA GLY A 456 25.98 -47.76 -20.61
C GLY A 456 27.15 -46.98 -21.19
N TYR A 457 28.34 -47.54 -21.02
CA TYR A 457 29.55 -46.97 -21.59
C TYR A 457 30.21 -48.03 -22.46
N ILE A 458 30.79 -47.58 -23.57
CA ILE A 458 31.60 -48.44 -24.43
C ILE A 458 32.95 -47.78 -24.63
N ARG A 459 34.01 -48.59 -24.62
CA ARG A 459 35.36 -48.10 -24.49
C ARG A 459 36.24 -48.66 -25.61
N ALA A 460 37.25 -47.88 -25.98
CA ALA A 460 38.16 -48.26 -27.05
C ALA A 460 38.91 -49.55 -26.71
N PRO B 20 43.04 -25.29 -24.29
CA PRO B 20 41.69 -25.85 -24.38
C PRO B 20 40.92 -25.67 -23.09
N PRO B 21 39.59 -25.81 -23.15
CA PRO B 21 38.78 -25.73 -21.92
C PRO B 21 39.25 -26.74 -20.90
N PRO B 22 39.26 -26.37 -19.62
CA PRO B 22 39.56 -27.33 -18.57
C PRO B 22 38.43 -28.33 -18.40
N PRO B 23 38.74 -29.62 -18.32
CA PRO B 23 37.70 -30.64 -18.22
C PRO B 23 36.97 -30.51 -16.89
N PRO B 24 35.76 -31.03 -16.79
CA PRO B 24 34.96 -30.78 -15.57
C PRO B 24 35.58 -31.34 -14.31
N LYS B 25 36.36 -32.41 -14.38
CA LYS B 25 37.06 -32.91 -13.20
C LYS B 25 38.13 -31.95 -12.68
N LYS B 26 38.69 -31.11 -13.54
CA LYS B 26 39.65 -30.12 -13.06
C LYS B 26 38.96 -29.00 -12.29
N ILE B 27 37.87 -28.47 -12.82
CA ILE B 27 37.09 -27.47 -12.09
C ILE B 27 36.55 -28.05 -10.79
N TYR B 28 36.10 -29.31 -10.83
CA TYR B 28 35.64 -29.98 -9.62
C TYR B 28 36.73 -30.03 -8.56
N ASN B 29 37.93 -30.48 -8.94
CA ASN B 29 39.04 -30.55 -7.99
C ASN B 29 39.43 -29.20 -7.42
N TYR B 30 39.03 -28.09 -8.05
CA TYR B 30 39.23 -26.79 -7.42
C TYR B 30 38.13 -26.48 -6.43
N LEU B 31 36.87 -26.64 -6.84
CA LEU B 31 35.75 -26.44 -5.92
C LEU B 31 35.89 -27.29 -4.67
N ASP B 32 36.45 -28.49 -4.81
CA ASP B 32 36.67 -29.38 -3.67
C ASP B 32 37.57 -28.77 -2.61
N LYS B 33 38.40 -27.78 -2.96
CA LYS B 33 39.31 -27.18 -1.99
C LYS B 33 38.63 -26.19 -1.06
N TYR B 34 37.45 -25.70 -1.40
CA TYR B 34 36.74 -24.69 -0.63
C TYR B 34 35.43 -25.16 -0.07
N VAL B 35 34.71 -26.02 -0.76
CA VAL B 35 33.38 -26.47 -0.38
C VAL B 35 33.46 -27.92 0.04
N VAL B 36 32.86 -28.24 1.17
CA VAL B 36 32.84 -29.61 1.69
C VAL B 36 31.47 -30.21 1.41
N GLY B 37 31.47 -31.38 0.79
CA GLY B 37 30.29 -32.22 0.72
C GLY B 37 29.10 -31.65 -0.01
N GLN B 38 29.30 -31.16 -1.23
CA GLN B 38 28.22 -30.75 -2.13
C GLN B 38 28.49 -31.32 -3.51
N SER B 39 28.85 -32.60 -3.54
CA SER B 39 29.43 -33.21 -4.74
C SER B 39 28.51 -33.18 -5.94
N PHE B 40 27.20 -33.21 -5.74
CA PHE B 40 26.29 -33.10 -6.87
C PHE B 40 26.31 -31.71 -7.49
N ALA B 41 26.19 -30.67 -6.67
CA ALA B 41 26.24 -29.31 -7.18
C ALA B 41 27.59 -28.99 -7.79
N LYS B 42 28.66 -29.50 -7.21
CA LYS B 42 29.99 -29.39 -7.80
C LYS B 42 30.06 -30.03 -9.19
N LYS B 43 29.40 -31.17 -9.37
CA LYS B 43 29.34 -31.81 -10.68
C LYS B 43 28.56 -30.97 -11.68
N VAL B 44 27.37 -30.54 -11.32
CA VAL B 44 26.50 -29.77 -12.22
C VAL B 44 27.19 -28.49 -12.66
N LEU B 45 27.77 -27.76 -11.73
CA LEU B 45 28.48 -26.53 -12.06
C LEU B 45 29.71 -26.80 -12.92
N SER B 46 30.42 -27.89 -12.67
CA SER B 46 31.60 -28.22 -13.46
C SER B 46 31.24 -28.62 -14.89
N VAL B 47 30.18 -29.40 -15.06
CA VAL B 47 29.73 -29.76 -16.41
C VAL B 47 29.20 -28.54 -17.15
N ALA B 48 28.41 -27.71 -16.46
CA ALA B 48 27.82 -26.53 -17.09
C ALA B 48 28.86 -25.51 -17.52
N VAL B 49 29.91 -25.31 -16.72
CA VAL B 49 30.99 -24.44 -17.16
C VAL B 49 31.71 -25.01 -18.37
N TYR B 50 31.95 -26.33 -18.36
CA TYR B 50 32.56 -26.98 -19.51
C TYR B 50 31.68 -26.89 -20.74
N ASN B 51 30.38 -27.15 -20.59
CA ASN B 51 29.44 -26.99 -21.69
C ASN B 51 29.37 -25.56 -22.21
N HIS B 52 29.51 -24.57 -21.31
CA HIS B 52 29.51 -23.18 -21.73
C HIS B 52 30.67 -22.88 -22.69
N TYR B 53 31.90 -23.19 -22.28
CA TYR B 53 33.04 -22.99 -23.18
C TYR B 53 32.90 -23.80 -24.46
N LYS B 54 32.53 -25.07 -24.32
CA LYS B 54 32.36 -25.95 -25.47
C LYS B 54 31.28 -25.44 -26.41
N ARG B 55 30.21 -24.86 -25.86
CA ARG B 55 29.16 -24.27 -26.68
C ARG B 55 29.60 -22.96 -27.32
N ILE B 56 30.26 -22.08 -26.57
CA ILE B 56 30.70 -20.81 -27.13
C ILE B 56 31.67 -21.02 -28.29
N TYR B 57 32.57 -22.00 -28.15
CA TYR B 57 33.47 -22.35 -29.25
C TYR B 57 32.71 -22.76 -30.51
N ASN B 58 31.56 -23.43 -30.35
CA ASN B 58 30.74 -23.86 -31.46
C ASN B 58 29.75 -22.80 -31.94
N ASN B 59 29.01 -22.21 -31.01
CA ASN B 59 27.88 -21.36 -31.35
C ASN B 59 28.31 -19.93 -31.70
N ILE B 60 29.56 -19.56 -31.40
CA ILE B 60 30.13 -18.28 -31.77
C ILE B 60 29.22 -17.12 -31.41
N LEU B 130 11.01 -20.49 -49.00
CA LEU B 130 11.77 -21.61 -49.53
C LEU B 130 12.53 -22.34 -48.43
N ASP B 131 12.94 -23.58 -48.72
CA ASP B 131 13.76 -24.34 -47.79
C ASP B 131 15.16 -23.77 -47.71
N SER B 132 15.90 -24.23 -46.70
CA SER B 132 17.30 -23.90 -46.52
C SER B 132 18.05 -25.15 -46.08
N SER B 133 19.36 -25.13 -46.27
CA SER B 133 20.18 -26.31 -46.05
C SER B 133 21.59 -25.89 -45.65
N HIS B 134 22.33 -26.85 -45.08
CA HIS B 134 23.74 -26.67 -44.72
C HIS B 134 23.94 -25.68 -43.59
N ASP B 135 22.90 -25.37 -42.82
CA ASP B 135 23.09 -24.70 -41.55
C ASP B 135 23.43 -25.69 -40.44
N ASP B 136 24.34 -25.29 -39.57
CA ASP B 136 24.79 -26.10 -38.45
C ASP B 136 23.83 -25.98 -37.26
N ILE B 137 23.89 -26.97 -36.38
CA ILE B 137 23.07 -26.97 -35.19
C ILE B 137 23.49 -25.80 -34.30
N LYS B 138 22.52 -25.16 -33.64
CA LYS B 138 22.81 -24.18 -32.60
C LYS B 138 22.62 -24.82 -31.23
N LEU B 139 23.60 -24.62 -30.36
CA LEU B 139 23.65 -25.23 -29.03
C LEU B 139 23.03 -24.28 -28.00
N GLU B 140 21.73 -24.41 -27.78
CA GLU B 140 21.05 -23.59 -26.78
C GLU B 140 21.56 -23.86 -25.36
N LYS B 141 21.39 -22.86 -24.49
CA LYS B 141 21.89 -22.86 -23.12
C LYS B 141 20.89 -23.50 -22.15
N SER B 142 21.43 -24.09 -21.08
CA SER B 142 20.64 -24.65 -19.99
C SER B 142 20.99 -23.95 -18.66
N ASN B 143 20.24 -22.91 -18.32
CA ASN B 143 20.40 -22.19 -17.07
C ASN B 143 20.18 -23.09 -15.86
N ILE B 144 20.74 -22.67 -14.71
CA ILE B 144 20.84 -23.47 -13.50
C ILE B 144 20.08 -22.80 -12.35
N LEU B 145 19.48 -23.60 -11.48
CA LEU B 145 18.89 -23.12 -10.22
C LEU B 145 19.42 -23.92 -9.03
N LEU B 146 20.03 -23.22 -8.07
CA LEU B 146 20.51 -23.82 -6.81
C LEU B 146 19.52 -23.56 -5.69
N LEU B 147 19.07 -24.63 -5.01
CA LEU B 147 17.92 -24.55 -4.12
C LEU B 147 18.19 -24.73 -2.64
N GLY B 148 19.37 -25.16 -2.23
CA GLY B 148 19.51 -25.68 -0.88
C GLY B 148 19.40 -24.67 0.25
N PRO B 149 19.34 -25.20 1.48
CA PRO B 149 19.02 -24.38 2.67
C PRO B 149 20.06 -23.33 3.01
N THR B 150 19.78 -22.53 4.04
CA THR B 150 20.69 -21.48 4.47
C THR B 150 21.98 -22.05 5.05
N GLY B 151 23.10 -21.41 4.73
CA GLY B 151 24.38 -21.85 5.22
C GLY B 151 24.84 -23.16 4.65
N SER B 152 24.40 -23.50 3.45
CA SER B 152 24.66 -24.79 2.84
C SER B 152 25.77 -24.75 1.79
N GLY B 153 26.21 -23.57 1.39
CA GLY B 153 27.25 -23.44 0.40
C GLY B 153 26.84 -22.92 -0.96
N LYS B 154 25.64 -22.36 -1.09
CA LYS B 154 25.18 -21.88 -2.40
C LYS B 154 25.99 -20.70 -2.88
N THR B 155 26.08 -19.65 -2.07
CA THR B 155 26.89 -18.50 -2.45
C THR B 155 28.37 -18.83 -2.45
N LEU B 156 28.83 -19.71 -1.57
CA LEU B 156 30.24 -20.12 -1.58
C LEU B 156 30.62 -20.86 -2.87
N LEU B 157 29.71 -21.70 -3.38
CA LEU B 157 29.94 -22.33 -4.68
C LEU B 157 30.04 -21.28 -5.78
N ALA B 158 29.09 -20.34 -5.80
CA ALA B 158 29.10 -19.27 -6.78
C ALA B 158 30.36 -18.41 -6.70
N GLN B 159 30.72 -17.96 -5.50
CA GLN B 159 31.91 -17.13 -5.31
C GLN B 159 33.22 -17.87 -5.59
N THR B 160 33.24 -19.18 -5.47
CA THR B 160 34.45 -19.94 -5.83
C THR B 160 34.54 -20.18 -7.32
N LEU B 161 33.42 -20.54 -7.95
CA LEU B 161 33.39 -20.74 -9.39
C LEU B 161 33.75 -19.48 -10.16
N ALA B 162 33.32 -18.31 -9.67
CA ALA B 162 33.71 -17.04 -10.28
C ALA B 162 35.22 -16.82 -10.36
N LYS B 163 36.02 -17.55 -9.60
CA LYS B 163 37.47 -17.53 -9.75
C LYS B 163 37.97 -18.49 -10.82
N CYS B 164 37.19 -19.50 -11.19
CA CYS B 164 37.58 -20.43 -12.25
C CYS B 164 37.23 -19.88 -13.62
N LEU B 165 36.28 -18.95 -13.69
CA LEU B 165 35.76 -18.48 -14.96
C LEU B 165 36.81 -17.68 -15.72
N ASP B 166 37.07 -18.09 -16.96
CA ASP B 166 37.95 -17.39 -17.88
C ASP B 166 37.16 -16.46 -18.80
N VAL B 167 36.01 -15.98 -18.33
CA VAL B 167 35.03 -15.26 -19.15
C VAL B 167 34.33 -14.30 -18.19
N PRO B 168 33.86 -13.13 -18.66
CA PRO B 168 33.27 -12.16 -17.74
C PRO B 168 32.11 -12.71 -16.92
N PHE B 169 31.93 -12.15 -15.73
CA PHE B 169 30.84 -12.56 -14.87
C PHE B 169 30.35 -11.37 -14.05
N ALA B 170 29.10 -11.49 -13.60
CA ALA B 170 28.49 -10.51 -12.70
C ALA B 170 27.76 -11.25 -11.60
N ILE B 171 27.92 -10.78 -10.37
CA ILE B 171 27.15 -11.26 -9.23
C ILE B 171 26.25 -10.14 -8.77
N CYS B 172 24.94 -10.40 -8.72
CA CYS B 172 23.98 -9.39 -8.34
C CYS B 172 22.84 -10.03 -7.58
N ASP B 173 22.06 -9.19 -6.92
CA ASP B 173 21.07 -9.63 -5.94
C ASP B 173 19.69 -9.20 -6.39
N CYS B 174 18.78 -10.16 -6.53
CA CYS B 174 17.45 -9.89 -7.06
C CYS B 174 16.58 -9.03 -6.15
N THR B 175 16.99 -8.74 -4.92
CA THR B 175 16.17 -7.85 -4.10
C THR B 175 16.36 -6.38 -4.43
N THR B 176 17.41 -6.02 -5.17
CA THR B 176 17.59 -4.62 -5.56
C THR B 176 16.61 -4.19 -6.65
N LEU B 177 16.15 -5.14 -7.47
CA LEU B 177 15.48 -4.81 -8.73
C LEU B 177 14.01 -4.51 -8.53
N THR B 178 13.46 -3.71 -9.45
CA THR B 178 12.03 -3.46 -9.58
C THR B 178 11.70 -3.33 -11.06
N GLN B 179 10.44 -3.55 -11.40
CA GLN B 179 10.03 -3.44 -12.80
C GLN B 179 10.17 -2.02 -13.31
N ALA B 180 10.26 -1.91 -14.64
CA ALA B 180 10.46 -0.64 -15.33
C ALA B 180 9.40 0.38 -14.97
N GLY B 181 9.85 1.64 -14.82
CA GLY B 181 8.97 2.74 -14.52
C GLY B 181 8.81 3.04 -13.04
N TYR B 182 9.38 2.20 -12.18
CA TYR B 182 9.33 2.39 -10.74
C TYR B 182 10.75 2.56 -10.22
N VAL B 183 10.88 3.29 -9.11
CA VAL B 183 12.18 3.56 -8.55
C VAL B 183 12.87 2.26 -8.12
N GLY B 184 14.18 2.30 -8.04
CA GLY B 184 15.01 1.12 -7.88
C GLY B 184 15.81 0.83 -9.14
N GLU B 185 16.66 -0.19 -9.04
CA GLU B 185 17.48 -0.59 -10.18
C GLU B 185 16.65 -1.33 -11.22
N ASP B 186 16.92 -1.04 -12.49
CA ASP B 186 16.31 -1.76 -13.59
C ASP B 186 16.85 -3.19 -13.70
N ILE B 187 16.05 -4.06 -14.32
CA ILE B 187 16.49 -5.40 -14.67
C ILE B 187 17.75 -5.36 -15.51
N GLU B 188 17.84 -4.38 -16.42
CA GLU B 188 19.01 -4.24 -17.28
C GLU B 188 20.29 -3.91 -16.53
N SER B 189 20.19 -3.48 -15.26
CA SER B 189 21.40 -3.24 -14.48
C SER B 189 22.22 -4.51 -14.32
N VAL B 190 21.57 -5.66 -14.33
CA VAL B 190 22.26 -6.96 -14.32
C VAL B 190 23.26 -7.06 -15.46
N ILE B 191 22.88 -6.63 -16.66
CA ILE B 191 23.75 -6.76 -17.81
C ILE B 191 24.79 -5.64 -17.84
N ALA B 192 24.42 -4.44 -17.40
CA ALA B 192 25.38 -3.35 -17.29
C ALA B 192 26.52 -3.72 -16.34
N LYS B 193 26.20 -4.36 -15.22
CA LYS B 193 27.22 -4.80 -14.28
C LYS B 193 28.14 -5.84 -14.89
N LEU B 194 27.59 -6.71 -15.75
CA LEU B 194 28.41 -7.64 -16.52
C LEU B 194 29.30 -6.91 -17.52
N LEU B 195 28.77 -5.89 -18.20
CA LEU B 195 29.55 -5.15 -19.19
C LEU B 195 30.72 -4.39 -18.57
N GLN B 196 30.55 -3.87 -17.35
CA GLN B 196 31.67 -3.27 -16.63
C GLN B 196 32.79 -4.28 -16.39
N ASP B 197 32.46 -5.49 -15.95
CA ASP B 197 33.48 -6.51 -15.75
C ASP B 197 34.22 -6.85 -17.03
N ALA B 198 33.55 -6.82 -18.18
CA ALA B 198 34.19 -7.03 -19.46
C ALA B 198 34.95 -5.82 -19.97
N ASN B 199 35.14 -4.79 -19.14
CA ASN B 199 35.76 -3.53 -19.56
C ASN B 199 35.05 -2.94 -20.78
N TYR B 200 33.73 -3.12 -20.86
CA TYR B 200 32.91 -2.63 -21.98
C TYR B 200 33.28 -3.26 -23.31
N ASN B 201 34.00 -4.37 -23.29
CA ASN B 201 34.21 -5.18 -24.49
C ASN B 201 32.92 -5.94 -24.74
N VAL B 202 32.07 -5.42 -25.62
CA VAL B 202 30.73 -5.98 -25.83
C VAL B 202 30.82 -7.43 -26.30
N GLU B 203 31.73 -7.72 -27.22
CA GLU B 203 31.86 -9.10 -27.71
C GLU B 203 32.22 -10.07 -26.59
N LYS B 204 33.05 -9.64 -25.65
CA LYS B 204 33.42 -10.50 -24.53
C LYS B 204 32.35 -10.55 -23.44
N ALA B 205 31.64 -9.44 -23.22
CA ALA B 205 30.51 -9.47 -22.30
C ALA B 205 29.39 -10.37 -22.78
N GLN B 206 29.18 -10.42 -24.09
CA GLN B 206 28.08 -11.17 -24.68
C GLN B 206 28.16 -12.67 -24.49
N GLN B 207 29.24 -13.19 -23.89
CA GLN B 207 29.37 -14.61 -23.59
C GLN B 207 29.64 -14.88 -22.11
N GLY B 208 29.40 -13.91 -21.24
CA GLY B 208 29.65 -14.06 -19.82
C GLY B 208 28.60 -14.87 -19.07
N ILE B 209 28.80 -14.95 -17.75
CA ILE B 209 27.93 -15.72 -16.85
C ILE B 209 27.41 -14.79 -15.76
N VAL B 210 26.11 -14.86 -15.50
CA VAL B 210 25.44 -14.00 -14.52
C VAL B 210 24.91 -14.87 -13.37
N PHE B 211 25.29 -14.52 -12.14
CA PHE B 211 24.78 -15.18 -10.93
C PHE B 211 23.71 -14.30 -10.29
N LEU B 212 22.47 -14.78 -10.28
CA LEU B 212 21.34 -14.11 -9.64
C LEU B 212 21.15 -14.71 -8.25
N ASP B 213 21.57 -13.99 -7.21
CA ASP B 213 21.30 -14.42 -5.85
C ASP B 213 19.90 -14.03 -5.38
N GLN B 214 19.43 -14.73 -4.35
CA GLN B 214 18.16 -14.45 -3.68
C GLN B 214 16.96 -14.49 -4.62
N VAL B 215 17.00 -15.35 -5.63
CA VAL B 215 15.90 -15.45 -6.60
C VAL B 215 14.58 -15.89 -5.98
N ASP B 216 14.61 -16.54 -4.83
CA ASP B 216 13.37 -16.88 -4.15
C ASP B 216 12.62 -15.67 -3.61
N LYS B 217 13.29 -14.52 -3.42
CA LYS B 217 12.65 -13.37 -2.81
C LYS B 217 11.74 -12.62 -3.77
N ILE B 218 11.92 -12.79 -5.08
CA ILE B 218 11.00 -12.22 -6.05
C ILE B 218 9.80 -13.11 -6.33
N GLY B 219 9.67 -14.22 -5.61
CA GLY B 219 8.47 -15.02 -5.75
C GLY B 219 7.22 -14.22 -5.42
N SER B 220 6.18 -14.41 -6.22
CA SER B 220 4.98 -13.61 -6.08
C SER B 220 4.23 -13.96 -4.78
N VAL B 221 3.35 -13.05 -4.39
CA VAL B 221 2.50 -13.19 -3.21
C VAL B 221 1.35 -14.14 -3.49
N PRO B 222 1.03 -15.08 -2.58
CA PRO B 222 -0.10 -16.01 -2.72
C PRO B 222 -1.39 -15.34 -3.14
N GLN B 226 -5.51 -9.51 -7.28
CA GLN B 226 -4.26 -9.21 -7.97
C GLN B 226 -3.55 -8.01 -7.35
N LEU B 227 -2.24 -7.94 -7.58
CA LEU B 227 -1.41 -6.85 -7.08
C LEU B 227 -0.40 -6.49 -8.17
N ARG B 228 -0.07 -5.20 -8.25
CA ARG B 228 1.08 -4.77 -9.03
C ARG B 228 2.34 -4.98 -8.19
N ASP B 229 2.86 -6.21 -8.23
CA ASP B 229 4.02 -6.61 -7.44
C ASP B 229 5.27 -6.01 -8.10
N VAL B 230 5.51 -4.74 -7.83
CA VAL B 230 6.60 -4.00 -8.45
C VAL B 230 7.94 -4.70 -8.28
N GLY B 231 8.19 -5.28 -7.10
CA GLY B 231 9.42 -6.00 -6.85
C GLY B 231 9.29 -7.50 -6.75
N GLY B 232 8.12 -8.05 -7.00
CA GLY B 232 7.86 -9.48 -6.91
C GLY B 232 7.72 -10.05 -8.29
N GLU B 233 6.50 -10.45 -8.63
CA GLU B 233 6.22 -11.03 -9.95
C GLU B 233 6.62 -10.10 -11.08
N GLY B 234 6.51 -8.79 -10.88
CA GLY B 234 6.90 -7.86 -11.92
C GLY B 234 8.36 -7.94 -12.30
N VAL B 235 9.21 -8.40 -11.38
CA VAL B 235 10.62 -8.63 -11.68
C VAL B 235 10.81 -9.93 -12.45
N GLN B 236 10.04 -10.96 -12.13
CA GLN B 236 10.07 -12.20 -12.89
C GLN B 236 9.69 -11.98 -14.34
N GLN B 237 8.60 -11.24 -14.56
CA GLN B 237 8.15 -10.92 -15.91
C GLN B 237 9.21 -10.16 -16.70
N GLY B 238 9.97 -9.30 -16.04
CA GLY B 238 11.06 -8.62 -16.70
C GLY B 238 12.24 -9.50 -17.07
N LEU B 239 12.55 -10.49 -16.25
CA LEU B 239 13.70 -11.36 -16.49
C LEU B 239 13.51 -12.33 -17.66
N LEU B 240 12.26 -12.64 -18.02
CA LEU B 240 12.00 -13.60 -19.10
C LEU B 240 12.75 -13.28 -20.38
N LYS B 241 12.86 -12.00 -20.72
CA LYS B 241 13.56 -11.62 -21.94
C LYS B 241 15.07 -11.59 -21.78
N LEU B 242 15.59 -11.68 -20.56
CA LEU B 242 17.01 -11.92 -20.38
C LEU B 242 17.36 -13.40 -20.39
N LEU B 243 16.57 -14.22 -19.70
CA LEU B 243 16.90 -15.63 -19.56
C LEU B 243 16.86 -16.33 -20.91
N GLU B 244 15.88 -15.99 -21.74
CA GLU B 244 15.92 -16.30 -23.16
C GLU B 244 16.63 -15.17 -23.89
N GLY B 245 17.14 -15.46 -25.08
CA GLY B 245 17.97 -14.50 -25.78
C GLY B 245 17.17 -13.33 -26.34
N THR B 246 17.51 -12.10 -25.93
CA THR B 246 17.02 -10.91 -26.60
C THR B 246 18.10 -9.85 -26.62
N ILE B 247 17.99 -8.92 -27.58
CA ILE B 247 18.82 -7.73 -27.60
C ILE B 247 18.37 -6.79 -26.48
N VAL B 248 19.33 -6.27 -25.72
CA VAL B 248 19.05 -5.32 -24.65
C VAL B 248 19.94 -4.09 -24.79
N ASN B 249 19.35 -2.91 -24.61
CA ASN B 249 20.08 -1.64 -24.58
C ASN B 249 20.52 -1.33 -23.16
N VAL B 250 21.83 -1.28 -22.93
CA VAL B 250 22.34 -0.94 -21.60
C VAL B 250 22.99 0.44 -21.63
N PRO B 251 22.81 1.25 -20.58
CA PRO B 251 23.40 2.60 -20.56
C PRO B 251 24.92 2.54 -20.54
N GLU B 252 25.55 3.34 -21.39
CA GLU B 252 27.00 3.34 -21.49
C GLU B 252 27.62 4.15 -20.35
N LYS B 253 28.90 3.86 -20.08
CA LYS B 253 29.65 4.51 -19.02
C LYS B 253 29.67 6.04 -19.14
N ASN B 254 29.46 6.57 -20.35
CA ASN B 254 29.61 8.00 -20.60
C ASN B 254 28.68 8.85 -19.75
N GLU B 261 23.70 7.71 -23.52
CA GLU B 261 23.87 6.80 -24.65
C GLU B 261 23.78 5.35 -24.20
N THR B 262 23.49 4.45 -25.14
CA THR B 262 23.33 3.04 -24.86
C THR B 262 24.01 2.22 -25.95
N VAL B 263 24.35 0.98 -25.60
CA VAL B 263 24.92 0.02 -26.54
C VAL B 263 24.12 -1.26 -26.45
N GLN B 264 23.90 -1.89 -27.61
CA GLN B 264 23.17 -3.16 -27.67
C GLN B 264 24.07 -4.33 -27.32
N VAL B 265 23.52 -5.28 -26.55
CA VAL B 265 24.17 -6.57 -26.32
C VAL B 265 23.08 -7.63 -26.29
N ASP B 266 23.43 -8.85 -26.70
CA ASP B 266 22.47 -9.94 -26.89
C ASP B 266 22.72 -11.03 -25.86
N THR B 267 21.72 -11.28 -25.02
CA THR B 267 21.80 -12.25 -23.94
C THR B 267 21.75 -13.70 -24.41
N THR B 268 21.66 -13.95 -25.71
CA THR B 268 21.41 -15.31 -26.20
C THR B 268 22.44 -16.32 -25.73
N ASN B 269 23.71 -15.93 -25.58
CA ASN B 269 24.72 -16.84 -25.08
C ASN B 269 25.07 -16.66 -23.61
N ILE B 270 24.59 -15.60 -22.97
CA ILE B 270 24.89 -15.39 -21.56
C ILE B 270 24.19 -16.46 -20.72
N LEU B 271 24.92 -17.08 -19.81
CA LEU B 271 24.40 -18.14 -18.96
C LEU B 271 24.05 -17.57 -17.60
N PHE B 272 22.86 -17.88 -17.11
CA PHE B 272 22.39 -17.38 -15.83
C PHE B 272 22.36 -18.49 -14.81
N VAL B 273 22.86 -18.22 -13.61
CA VAL B 273 22.82 -19.16 -12.50
C VAL B 273 22.05 -18.51 -11.35
N ALA B 274 20.88 -19.04 -11.05
CA ALA B 274 20.05 -18.54 -9.96
C ALA B 274 20.34 -19.34 -8.69
N SER B 275 20.11 -18.71 -7.54
CA SER B 275 20.09 -19.45 -6.29
C SER B 275 19.15 -18.80 -5.29
N GLY B 276 18.60 -19.62 -4.40
CA GLY B 276 17.73 -19.14 -3.35
C GLY B 276 17.54 -20.20 -2.29
N ALA B 277 17.08 -19.77 -1.13
CA ALA B 277 16.81 -20.72 -0.06
C ALA B 277 15.45 -21.39 -0.17
N PHE B 278 14.45 -20.68 -0.71
CA PHE B 278 13.11 -21.23 -0.90
C PHE B 278 12.54 -21.83 0.38
N ASN B 279 12.55 -21.04 1.45
CA ASN B 279 12.02 -21.48 2.73
C ASN B 279 10.55 -21.84 2.62
N GLY B 280 10.22 -23.05 3.07
CA GLY B 280 8.86 -23.54 3.01
C GLY B 280 8.54 -24.39 1.81
N LEU B 281 9.51 -24.63 0.93
CA LEU B 281 9.27 -25.49 -0.22
C LEU B 281 9.07 -26.94 0.18
N ASP B 282 9.70 -27.39 1.27
CA ASP B 282 9.48 -28.75 1.72
C ASP B 282 8.04 -29.00 2.15
N ARG B 283 7.38 -27.98 2.72
CA ARG B 283 5.95 -28.09 3.01
C ARG B 283 5.08 -28.16 1.76
N ILE B 284 5.62 -27.80 0.60
CA ILE B 284 4.89 -27.91 -0.65
C ILE B 284 5.11 -29.27 -1.30
N ILE B 285 6.35 -29.76 -1.27
CA ILE B 285 6.68 -31.06 -1.85
C ILE B 285 5.98 -32.18 -1.09
N SER B 286 5.94 -32.10 0.24
CA SER B 286 5.25 -33.13 1.01
C SER B 286 3.75 -33.14 0.75
N ARG B 287 3.14 -31.95 0.66
CA ARG B 287 1.73 -31.87 0.31
C ARG B 287 1.45 -32.35 -1.11
N ARG B 288 2.40 -32.15 -2.02
CA ARG B 288 2.27 -32.74 -3.36
C ARG B 288 2.32 -34.25 -3.33
N LYS B 289 3.11 -34.82 -2.44
CA LYS B 289 3.27 -36.27 -2.34
C LYS B 289 2.10 -36.97 -1.64
N ASN B 290 0.99 -36.27 -1.40
CA ASN B 290 -0.13 -36.81 -0.63
C ASN B 290 0.30 -37.24 0.77
N GLU B 291 1.32 -36.59 1.32
CA GLU B 291 1.73 -36.81 2.69
C GLU B 291 0.85 -36.06 3.70
N LYS B 292 -0.16 -35.34 3.21
CA LYS B 292 -1.13 -34.66 4.06
C LYS B 292 -2.56 -35.06 3.70
N TYR B 293 -2.74 -36.31 3.26
CA TYR B 293 -4.04 -36.80 2.85
C TYR B 293 -4.86 -37.28 4.04
N LEU B 294 -6.18 -37.08 3.94
CA LEU B 294 -7.13 -37.38 5.00
C LEU B 294 -8.00 -38.56 4.61
N GLY B 295 -8.11 -39.53 5.52
CA GLY B 295 -8.89 -40.74 5.28
C GLY B 295 -8.06 -41.93 4.84
N PHE B 296 -8.77 -42.99 4.46
CA PHE B 296 -8.15 -44.23 4.02
C PHE B 296 -7.72 -44.15 2.57
N GLY B 297 -6.82 -45.04 2.20
CA GLY B 297 -6.43 -45.19 0.81
C GLY B 297 -5.59 -46.42 0.57
N THR B 298 -5.83 -47.10 -0.56
CA THR B 298 -5.17 -48.39 -0.80
C THR B 298 -3.68 -48.24 -1.10
N PRO B 299 -3.23 -47.35 -1.98
CA PRO B 299 -1.80 -47.33 -2.33
C PRO B 299 -0.93 -46.87 -1.17
N SER B 300 0.11 -47.64 -0.88
CA SER B 300 1.11 -47.30 0.12
C SER B 300 2.48 -47.59 -0.46
N ASN B 301 3.40 -46.64 -0.32
CA ASN B 301 4.69 -46.71 -1.01
C ASN B 301 5.81 -47.27 -0.16
N LEU B 302 5.79 -47.05 1.15
CA LEU B 302 6.88 -47.49 2.02
C LEU B 302 6.34 -47.85 3.39
N GLY B 303 7.02 -48.78 4.05
CA GLY B 303 6.84 -49.01 5.47
C GLY B 303 7.60 -48.02 6.32
N LYS B 304 7.12 -46.78 6.34
CA LYS B 304 7.83 -45.69 7.04
C LYS B 304 7.94 -45.99 8.53
N GLY B 305 8.87 -45.27 9.16
CA GLY B 305 9.25 -45.58 10.53
C GLY B 305 10.40 -46.58 10.54
N ARG B 306 10.28 -47.60 11.40
CA ARG B 306 11.23 -48.72 11.44
C ARG B 306 12.65 -48.25 11.74
N ARG B 307 12.78 -47.12 12.45
CA ARG B 307 14.08 -46.61 12.86
C ARG B 307 14.06 -46.25 14.34
N ALA B 308 15.20 -46.44 14.98
CA ALA B 308 15.42 -46.10 16.39
C ALA B 308 14.26 -46.56 17.29
N SER B 321 19.53 -35.47 19.05
CA SER B 321 19.36 -36.34 17.89
C SER B 321 18.03 -36.06 17.19
N ASN B 322 17.09 -35.49 17.95
CA ASN B 322 15.79 -35.15 17.39
C ASN B 322 15.91 -34.10 16.30
N THR B 323 16.83 -33.15 16.47
CA THR B 323 17.11 -32.16 15.44
C THR B 323 17.76 -32.77 14.21
N HIS B 324 18.42 -33.92 14.35
CA HIS B 324 18.97 -34.60 13.20
C HIS B 324 17.90 -35.21 12.32
N GLN B 325 16.75 -35.59 12.88
CA GLN B 325 15.68 -36.16 12.07
C GLN B 325 14.98 -35.11 11.22
N ASP B 326 14.83 -33.88 11.71
CA ASP B 326 14.27 -32.81 10.90
C ASP B 326 15.17 -32.48 9.72
N ILE B 327 16.49 -32.54 9.91
CA ILE B 327 17.43 -32.34 8.82
C ILE B 327 17.31 -33.46 7.79
N GLU B 328 17.23 -34.71 8.26
CA GLU B 328 17.07 -35.84 7.35
C GLU B 328 15.78 -35.76 6.55
N GLU B 329 14.69 -35.31 7.17
CA GLU B 329 13.42 -35.18 6.45
C GLU B 329 13.47 -34.08 5.40
N LYS B 330 13.99 -32.91 5.77
CA LYS B 330 14.08 -31.80 4.84
C LYS B 330 14.96 -32.13 3.64
N ASP B 331 16.09 -32.81 3.87
CA ASP B 331 16.93 -33.24 2.76
C ASP B 331 16.22 -34.23 1.85
N ARG B 332 15.44 -35.14 2.42
CA ARG B 332 14.68 -36.12 1.64
C ARG B 332 13.69 -35.45 0.69
N LEU B 333 12.92 -34.49 1.19
CA LEU B 333 11.90 -33.84 0.37
C LEU B 333 12.52 -33.01 -0.75
N LEU B 334 13.50 -32.17 -0.41
CA LEU B 334 14.13 -31.32 -1.42
C LEU B 334 14.76 -32.13 -2.54
N ARG B 335 15.27 -33.32 -2.24
CA ARG B 335 15.83 -34.19 -3.27
C ARG B 335 14.79 -34.53 -4.35
N HIS B 336 13.51 -34.37 -4.06
CA HIS B 336 12.41 -34.64 -4.98
C HIS B 336 11.73 -33.39 -5.50
N VAL B 337 12.40 -32.23 -5.39
CA VAL B 337 11.80 -31.00 -5.88
C VAL B 337 11.55 -31.11 -7.38
N GLU B 338 10.46 -30.48 -7.83
CA GLU B 338 10.01 -30.61 -9.20
C GLU B 338 9.37 -29.28 -9.59
N ALA B 339 9.34 -29.02 -10.91
CA ALA B 339 8.81 -27.76 -11.42
C ALA B 339 7.41 -27.45 -10.92
N ARG B 340 6.60 -28.49 -10.68
CA ARG B 340 5.27 -28.30 -10.11
C ARG B 340 5.31 -27.55 -8.80
N ASP B 341 6.39 -27.70 -8.03
CA ASP B 341 6.53 -27.06 -6.73
C ASP B 341 6.90 -25.58 -6.84
N LEU B 342 7.84 -25.25 -7.70
CA LEU B 342 8.24 -23.85 -7.84
C LEU B 342 7.10 -22.99 -8.37
N ILE B 343 6.26 -23.56 -9.25
CA ILE B 343 5.06 -22.87 -9.67
C ILE B 343 4.10 -22.68 -8.51
N GLU B 344 4.11 -23.58 -7.54
CA GLU B 344 3.27 -23.41 -6.35
C GLU B 344 3.92 -22.51 -5.32
N PHE B 345 5.25 -22.37 -5.35
CA PHE B 345 5.92 -21.52 -4.38
C PHE B 345 5.65 -20.05 -4.67
N GLY B 346 5.44 -19.71 -5.94
CA GLY B 346 5.26 -18.33 -6.34
C GLY B 346 6.01 -17.91 -7.57
N MET B 347 6.82 -18.79 -8.14
CA MET B 347 7.44 -18.52 -9.42
C MET B 347 6.42 -18.73 -10.54
N ILE B 348 6.52 -17.93 -11.59
CA ILE B 348 5.61 -18.07 -12.73
C ILE B 348 6.10 -19.16 -13.69
N PRO B 349 5.19 -19.87 -14.36
CA PRO B 349 5.60 -20.95 -15.28
C PRO B 349 6.57 -20.53 -16.36
N GLU B 350 6.45 -19.31 -16.87
CA GLU B 350 7.38 -18.84 -17.89
C GLU B 350 8.79 -18.74 -17.32
N PHE B 351 8.91 -18.41 -16.04
CA PHE B 351 10.21 -18.23 -15.40
C PHE B 351 10.84 -19.57 -15.05
N VAL B 352 10.06 -20.46 -14.43
CA VAL B 352 10.52 -21.81 -14.10
C VAL B 352 10.92 -22.58 -15.36
N GLY B 353 10.15 -22.43 -16.43
CA GLY B 353 10.42 -23.20 -17.65
C GLY B 353 11.74 -22.93 -18.31
N ARG B 354 12.38 -21.81 -18.02
CA ARG B 354 13.64 -21.48 -18.67
C ARG B 354 14.81 -21.45 -17.69
N LEU B 355 14.65 -22.13 -16.55
CA LEU B 355 15.74 -22.55 -15.67
C LEU B 355 15.73 -24.08 -15.65
N PRO B 356 16.18 -24.71 -16.73
CA PRO B 356 15.95 -26.16 -16.90
C PRO B 356 16.66 -27.02 -15.87
N VAL B 357 17.84 -26.61 -15.41
CA VAL B 357 18.66 -27.41 -14.50
C VAL B 357 18.42 -26.92 -13.08
N VAL B 358 18.07 -27.85 -12.19
CA VAL B 358 17.72 -27.52 -10.82
C VAL B 358 18.50 -28.46 -9.89
N VAL B 359 19.12 -27.88 -8.87
CA VAL B 359 20.18 -28.53 -8.10
C VAL B 359 19.87 -28.36 -6.61
N PRO B 360 19.22 -29.30 -5.96
CA PRO B 360 19.08 -29.22 -4.51
C PRO B 360 20.37 -29.53 -3.76
N LEU B 361 20.96 -28.50 -3.15
CA LEU B 361 21.99 -28.71 -2.14
C LEU B 361 21.39 -29.28 -0.87
N HIS B 362 22.10 -30.21 -0.24
CA HIS B 362 21.64 -30.78 1.01
C HIS B 362 22.17 -30.01 2.21
N SER B 363 21.42 -30.08 3.31
CA SER B 363 21.88 -29.61 4.60
C SER B 363 23.07 -30.44 5.08
N LEU B 364 23.76 -29.93 6.10
CA LEU B 364 25.06 -30.44 6.49
C LEU B 364 24.91 -31.30 7.74
N ASP B 365 25.39 -32.55 7.67
CA ASP B 365 25.49 -33.41 8.83
C ASP B 365 26.56 -32.92 9.80
N GLU B 366 26.41 -33.34 11.05
CA GLU B 366 27.47 -33.16 12.03
C GLU B 366 28.80 -33.73 11.53
N LYS B 367 28.75 -34.89 10.86
CA LYS B 367 29.93 -35.47 10.25
C LYS B 367 30.63 -34.52 9.29
N THR B 368 29.87 -33.66 8.62
CA THR B 368 30.44 -32.64 7.73
C THR B 368 30.89 -31.41 8.49
N LEU B 369 30.09 -30.96 9.46
CA LEU B 369 30.45 -29.79 10.26
C LEU B 369 31.77 -29.98 10.98
N VAL B 370 32.05 -31.19 11.48
CA VAL B 370 33.37 -31.47 12.05
C VAL B 370 34.47 -31.29 11.02
N GLN B 371 34.18 -31.54 9.76
CA GLN B 371 35.16 -31.39 8.69
C GLN B 371 35.33 -29.94 8.26
N ILE B 372 34.24 -29.17 8.20
CA ILE B 372 34.31 -27.76 7.82
C ILE B 372 35.14 -26.93 8.80
N LEU B 373 35.21 -27.35 10.06
CA LEU B 373 36.00 -26.63 11.04
C LEU B 373 37.50 -26.64 10.72
N THR B 374 38.06 -27.81 10.45
CA THR B 374 39.47 -27.91 10.08
C THR B 374 39.75 -27.83 8.57
N GLU B 375 38.96 -28.54 7.76
CA GLU B 375 39.47 -29.02 6.47
C GLU B 375 39.67 -27.94 5.41
N PRO B 376 38.69 -27.08 5.10
CA PRO B 376 38.83 -26.23 3.92
C PRO B 376 39.92 -25.18 4.06
N ARG B 377 40.14 -24.47 2.95
CA ARG B 377 40.71 -23.13 3.00
C ARG B 377 39.77 -22.17 3.68
N ASN B 378 40.35 -21.21 4.43
CA ASN B 378 39.59 -20.27 5.25
C ASN B 378 38.72 -20.96 6.30
N ALA B 379 39.13 -22.13 6.74
CA ALA B 379 38.34 -22.88 7.71
C ALA B 379 38.19 -22.09 9.01
N VAL B 380 37.12 -22.40 9.74
CA VAL B 380 36.71 -21.56 10.87
C VAL B 380 37.77 -21.52 11.97
N ILE B 381 38.29 -22.69 12.36
CA ILE B 381 39.27 -22.75 13.45
C ILE B 381 40.61 -22.14 13.07
N PRO B 382 41.20 -22.44 11.90
CA PRO B 382 42.41 -21.72 11.49
C PRO B 382 42.31 -20.20 11.55
N GLN B 383 41.20 -19.62 11.16
CA GLN B 383 41.04 -18.17 11.20
C GLN B 383 40.74 -17.60 12.58
N TYR B 384 40.27 -18.41 13.53
CA TYR B 384 40.19 -17.94 14.90
C TYR B 384 41.56 -17.93 15.57
N GLN B 385 42.31 -19.01 15.44
CA GLN B 385 43.65 -19.05 16.01
C GLN B 385 44.60 -18.08 15.33
N ALA B 386 44.27 -17.61 14.14
CA ALA B 386 44.97 -16.46 13.57
C ALA B 386 44.76 -15.19 14.38
N LEU B 387 43.59 -15.03 15.01
CA LEU B 387 43.38 -13.88 15.90
C LEU B 387 44.23 -13.97 17.16
N PHE B 388 44.40 -15.16 17.72
CA PHE B 388 45.23 -15.29 18.90
C PHE B 388 46.70 -15.14 18.55
N SER B 389 47.08 -15.52 17.32
CA SER B 389 48.46 -15.32 16.86
C SER B 389 48.86 -13.85 16.93
N MET B 390 47.92 -12.93 16.69
CA MET B 390 48.25 -11.52 16.84
C MET B 390 48.53 -11.15 18.29
N ASP B 391 47.85 -11.79 19.24
CA ASP B 391 48.17 -11.65 20.66
C ASP B 391 49.28 -12.59 21.11
N LYS B 392 50.03 -13.17 20.17
CA LYS B 392 51.16 -14.05 20.49
C LYS B 392 50.74 -15.26 21.30
N CYS B 393 49.52 -15.73 21.08
CA CYS B 393 48.89 -16.77 21.87
C CYS B 393 48.52 -17.92 20.93
N GLU B 394 48.56 -19.14 21.44
CA GLU B 394 48.18 -20.32 20.70
C GLU B 394 46.87 -20.90 21.21
N LEU B 395 45.91 -21.10 20.31
CA LEU B 395 44.65 -21.74 20.64
C LEU B 395 44.73 -23.21 20.24
N ASN B 396 44.55 -24.10 21.21
CA ASN B 396 44.50 -25.53 20.97
C ASN B 396 43.11 -26.07 21.24
N VAL B 397 42.45 -26.60 20.20
CA VAL B 397 41.18 -27.31 20.34
C VAL B 397 41.43 -28.77 20.07
N THR B 398 41.13 -29.62 21.05
CA THR B 398 41.36 -31.05 20.90
C THR B 398 40.28 -31.70 20.06
N GLU B 399 40.64 -32.82 19.43
CA GLU B 399 39.82 -33.41 18.38
C GLU B 399 38.45 -33.86 18.86
N ASP B 400 38.30 -34.15 20.14
CA ASP B 400 36.99 -34.51 20.67
C ASP B 400 36.17 -33.31 21.12
N ALA B 401 36.77 -32.12 21.20
CA ALA B 401 35.99 -30.89 21.34
C ALA B 401 35.29 -30.52 20.05
N LEU B 402 35.96 -30.73 18.90
CA LEU B 402 35.35 -30.40 17.61
C LEU B 402 34.04 -31.14 17.38
N LYS B 403 33.98 -32.42 17.74
CA LYS B 403 32.72 -33.15 17.65
C LYS B 403 31.64 -32.51 18.53
N ALA B 404 32.02 -32.04 19.72
CA ALA B 404 31.05 -31.38 20.60
C ALA B 404 30.60 -30.04 20.05
N ILE B 405 31.53 -29.29 19.43
CA ILE B 405 31.14 -28.03 18.79
C ILE B 405 30.16 -28.26 17.65
N ALA B 406 30.42 -29.27 16.81
CA ALA B 406 29.55 -29.57 15.69
C ALA B 406 28.15 -30.00 16.12
N ARG B 407 28.05 -30.73 17.23
CA ARG B 407 26.72 -31.03 17.77
C ARG B 407 25.97 -29.76 18.14
N LEU B 408 26.61 -28.87 18.89
CA LEU B 408 25.97 -27.62 19.30
C LEU B 408 25.59 -26.74 18.12
N ALA B 409 26.43 -26.73 17.08
CA ALA B 409 26.12 -25.93 15.89
C ALA B 409 24.95 -26.50 15.11
N LEU B 410 24.87 -27.82 14.99
CA LEU B 410 23.76 -28.43 14.25
C LEU B 410 22.40 -28.03 14.83
N GLU B 411 22.32 -27.87 16.16
CA GLU B 411 21.07 -27.46 16.78
C GLU B 411 20.67 -26.03 16.47
N ARG B 412 21.56 -25.20 15.93
CA ARG B 412 21.21 -23.81 15.70
C ARG B 412 20.23 -23.63 14.55
N LYS B 413 20.13 -24.59 13.64
CA LYS B 413 19.30 -24.49 12.44
C LYS B 413 19.71 -23.31 11.55
N THR B 414 20.99 -22.96 11.54
CA THR B 414 21.49 -21.90 10.67
C THR B 414 22.67 -22.37 9.82
N GLY B 415 22.87 -23.68 9.70
CA GLY B 415 23.90 -24.23 8.85
C GLY B 415 25.32 -23.98 9.34
N ALA B 416 26.26 -23.99 8.39
CA ALA B 416 27.67 -23.89 8.73
C ALA B 416 28.01 -22.55 9.37
N ARG B 417 27.24 -21.52 9.10
CA ARG B 417 27.46 -20.23 9.76
C ARG B 417 26.98 -20.23 11.21
N GLY B 418 26.42 -21.34 11.69
CA GLY B 418 26.22 -21.57 13.12
C GLY B 418 27.48 -21.93 13.87
N LEU B 419 28.52 -22.41 13.19
CA LEU B 419 29.74 -22.82 13.88
C LEU B 419 30.40 -21.67 14.62
N ARG B 420 30.48 -20.50 13.99
CA ARG B 420 31.09 -19.35 14.65
C ARG B 420 30.21 -18.78 15.76
N SER B 421 28.91 -19.05 15.74
CA SER B 421 28.08 -18.68 16.88
C SER B 421 28.49 -19.45 18.13
N ILE B 422 28.93 -20.70 17.98
CA ILE B 422 29.49 -21.45 19.10
C ILE B 422 30.86 -20.91 19.48
N MET B 423 31.74 -20.73 18.50
CA MET B 423 33.10 -20.28 18.76
C MET B 423 33.15 -18.92 19.44
N GLU B 424 32.28 -17.99 19.05
CA GLU B 424 32.21 -16.71 19.73
C GLU B 424 31.73 -16.82 21.16
N LYS B 425 30.89 -17.81 21.47
CA LYS B 425 30.45 -17.99 22.85
C LYS B 425 31.52 -18.61 23.74
N LEU B 426 32.30 -19.56 23.21
CA LEU B 426 33.34 -20.17 24.02
C LEU B 426 34.51 -19.22 24.27
N LEU B 427 34.99 -18.57 23.23
CA LEU B 427 36.25 -17.86 23.31
C LEU B 427 36.14 -16.45 23.85
N LEU B 428 34.94 -15.98 24.19
CA LEU B 428 34.78 -14.60 24.64
C LEU B 428 35.62 -14.30 25.88
N GLU B 429 35.63 -15.22 26.86
CA GLU B 429 36.47 -15.01 28.04
C GLU B 429 37.95 -15.03 27.71
N PRO B 430 38.51 -16.05 27.03
CA PRO B 430 39.90 -15.94 26.57
C PRO B 430 40.24 -14.66 25.82
N MET B 431 39.41 -14.27 24.85
CA MET B 431 39.70 -13.09 24.03
C MET B 431 39.66 -11.80 24.82
N PHE B 432 38.99 -11.76 25.97
CA PHE B 432 38.98 -10.59 26.84
C PHE B 432 40.15 -10.58 27.82
N GLU B 433 40.68 -11.74 28.17
CA GLU B 433 41.68 -11.87 29.22
C GLU B 433 43.09 -12.06 28.69
N VAL B 434 43.25 -12.55 27.47
CA VAL B 434 44.56 -12.74 26.84
C VAL B 434 45.20 -11.45 26.32
N PRO B 435 44.48 -10.48 25.75
CA PRO B 435 45.12 -9.61 24.76
C PRO B 435 46.16 -8.65 25.31
N ASN B 436 46.31 -8.54 26.63
CA ASN B 436 47.46 -7.80 27.14
C ASN B 436 48.11 -8.52 28.32
N SER B 437 47.96 -9.84 28.41
CA SER B 437 48.38 -10.64 29.55
C SER B 437 49.61 -11.46 29.20
N ASP B 438 50.13 -12.16 30.20
CA ASP B 438 51.20 -13.13 30.04
C ASP B 438 50.71 -14.54 29.74
N ILE B 439 49.47 -14.69 29.26
CA ILE B 439 48.99 -15.99 28.80
C ILE B 439 49.60 -16.30 27.45
N VAL B 440 50.17 -17.50 27.31
CA VAL B 440 50.85 -17.92 26.09
C VAL B 440 50.02 -18.90 25.27
N CYS B 441 49.16 -19.70 25.92
CA CYS B 441 48.35 -20.65 25.17
C CYS B 441 47.01 -20.85 25.84
N VAL B 442 45.98 -21.04 25.01
CA VAL B 442 44.62 -21.35 25.43
C VAL B 442 44.28 -22.76 24.97
N GLU B 443 43.88 -23.61 25.90
CA GLU B 443 43.54 -25.00 25.61
C GLU B 443 42.05 -25.24 25.82
N VAL B 444 41.41 -25.85 24.84
CA VAL B 444 39.97 -26.15 24.86
C VAL B 444 39.78 -27.65 24.68
N ASP B 445 38.82 -28.22 25.42
CA ASP B 445 38.57 -29.65 25.38
C ASP B 445 37.08 -29.93 25.48
N LYS B 446 36.75 -31.22 25.36
CA LYS B 446 35.37 -31.69 25.42
C LYS B 446 34.58 -31.16 26.61
N GLU B 447 35.26 -30.89 27.73
CA GLU B 447 34.58 -30.42 28.93
C GLU B 447 34.39 -28.91 28.96
N VAL B 448 35.36 -28.16 28.43
CA VAL B 448 35.19 -26.71 28.28
C VAL B 448 34.01 -26.39 27.38
N VAL B 449 33.91 -27.06 26.23
CA VAL B 449 32.78 -26.85 25.33
C VAL B 449 31.46 -27.28 25.95
N GLU B 450 31.49 -28.28 26.82
CA GLU B 450 30.28 -28.68 27.55
C GLU B 450 29.86 -27.64 28.59
N GLY B 451 30.69 -26.65 28.86
CA GLY B 451 30.42 -25.64 29.87
C GLY B 451 30.66 -26.09 31.29
N LYS B 452 31.26 -27.27 31.47
CA LYS B 452 31.59 -27.78 32.79
C LYS B 452 32.83 -27.11 33.37
N LYS B 453 33.62 -26.45 32.52
CA LYS B 453 35.01 -26.11 32.84
C LYS B 453 35.34 -24.78 32.17
N GLU B 454 36.21 -24.03 32.81
CA GLU B 454 36.79 -22.85 32.19
C GLU B 454 37.98 -23.21 31.31
N PRO B 455 38.17 -22.50 30.21
CA PRO B 455 39.27 -22.83 29.30
C PRO B 455 40.62 -22.74 30.00
N GLY B 456 41.51 -23.67 29.67
CA GLY B 456 42.80 -23.70 30.32
C GLY B 456 43.69 -22.57 29.85
N TYR B 457 44.33 -21.90 30.80
CA TYR B 457 45.32 -20.87 30.50
C TYR B 457 46.69 -21.39 30.88
N ILE B 458 47.61 -21.38 29.92
CA ILE B 458 49.01 -21.72 30.18
C ILE B 458 49.76 -20.40 30.32
N ARG B 459 50.35 -20.19 31.50
CA ARG B 459 50.96 -18.92 31.83
C ARG B 459 52.40 -18.92 31.32
N ALA B 460 52.90 -17.74 30.98
CA ALA B 460 54.30 -17.57 30.63
C ALA B 460 55.21 -18.02 31.76
N PRO C 20 49.10 0.40 18.94
CA PRO C 20 48.12 -0.68 18.92
C PRO C 20 46.72 -0.21 19.28
N PRO C 21 45.69 -0.94 18.87
CA PRO C 21 44.33 -0.60 19.27
C PRO C 21 44.14 -0.81 20.76
N PRO C 22 43.18 -0.14 21.37
CA PRO C 22 43.00 -0.23 22.81
C PRO C 22 42.47 -1.60 23.21
N PRO C 23 43.04 -2.20 24.24
CA PRO C 23 42.64 -3.56 24.62
C PRO C 23 41.24 -3.55 25.20
N PRO C 24 40.55 -4.69 25.19
CA PRO C 24 39.17 -4.73 25.72
C PRO C 24 39.05 -4.21 27.14
N LYS C 25 40.03 -4.47 28.00
CA LYS C 25 40.03 -3.92 29.35
C LYS C 25 39.85 -2.41 29.35
N LYS C 26 40.59 -1.71 28.49
CA LYS C 26 40.52 -0.26 28.45
C LYS C 26 39.16 0.22 27.97
N ILE C 27 38.59 -0.44 26.97
CA ILE C 27 37.29 -0.03 26.45
C ILE C 27 36.20 -0.35 27.45
N TYR C 28 36.28 -1.51 28.12
CA TYR C 28 35.33 -1.86 29.16
C TYR C 28 35.31 -0.81 30.27
N ASN C 29 36.49 -0.36 30.71
CA ASN C 29 36.56 0.71 31.70
C ASN C 29 35.94 2.02 31.25
N TYR C 30 35.84 2.28 29.95
CA TYR C 30 35.11 3.46 29.49
C TYR C 30 33.60 3.26 29.58
N LEU C 31 33.11 2.13 29.07
CA LEU C 31 31.69 1.84 29.14
C LEU C 31 31.20 1.78 30.58
N ASP C 32 32.05 1.28 31.47
CA ASP C 32 31.67 1.11 32.88
C ASP C 32 31.40 2.43 33.58
N LYS C 33 31.85 3.56 33.03
CA LYS C 33 31.60 4.86 33.62
C LYS C 33 30.19 5.38 33.38
N TYR C 34 29.52 4.92 32.32
CA TYR C 34 28.18 5.36 31.96
C TYR C 34 27.10 4.33 32.23
N VAL C 35 27.38 3.05 32.05
CA VAL C 35 26.38 2.00 32.12
C VAL C 35 26.59 1.23 33.41
N VAL C 36 25.55 1.16 34.23
CA VAL C 36 25.57 0.33 35.43
C VAL C 36 25.15 -1.07 35.05
N GLY C 37 25.82 -2.06 35.64
CA GLY C 37 25.56 -3.46 35.41
C GLY C 37 25.97 -3.92 34.01
N GLN C 38 25.38 -5.05 33.60
CA GLN C 38 25.54 -5.59 32.26
C GLN C 38 27.01 -5.78 31.91
N SER C 39 27.72 -6.45 32.81
CA SER C 39 29.14 -6.76 32.59
C SER C 39 29.35 -7.64 31.38
N PHE C 40 28.37 -8.47 31.02
CA PHE C 40 28.50 -9.31 29.84
C PHE C 40 28.44 -8.51 28.54
N ALA C 41 27.44 -7.64 28.40
CA ALA C 41 27.33 -6.83 27.19
C ALA C 41 28.52 -5.90 27.00
N LYS C 42 29.05 -5.34 28.08
CA LYS C 42 30.28 -4.56 28.00
C LYS C 42 31.46 -5.38 27.49
N LYS C 43 31.60 -6.62 27.96
CA LYS C 43 32.66 -7.48 27.47
C LYS C 43 32.51 -7.80 25.99
N VAL C 44 31.29 -8.15 25.56
CA VAL C 44 31.06 -8.48 24.16
C VAL C 44 31.40 -7.31 23.26
N LEU C 45 30.89 -6.11 23.59
CA LEU C 45 31.16 -4.94 22.77
C LEU C 45 32.64 -4.56 22.77
N SER C 46 33.31 -4.67 23.93
CA SER C 46 34.72 -4.34 24.00
C SER C 46 35.60 -5.31 23.19
N VAL C 47 35.35 -6.61 23.30
CA VAL C 47 36.09 -7.59 22.50
C VAL C 47 35.75 -7.44 21.02
N ALA C 48 34.49 -7.14 20.71
CA ALA C 48 34.06 -7.01 19.32
C ALA C 48 34.76 -5.88 18.58
N VAL C 49 34.87 -4.71 19.20
CA VAL C 49 35.54 -3.62 18.51
C VAL C 49 37.04 -3.80 18.50
N TYR C 50 37.59 -4.48 19.50
CA TYR C 50 39.00 -4.88 19.46
C TYR C 50 39.29 -5.84 18.31
N ASN C 51 38.42 -6.83 18.11
CA ASN C 51 38.56 -7.72 16.96
C ASN C 51 38.34 -6.99 15.64
N HIS C 52 37.47 -5.98 15.61
CA HIS C 52 37.28 -5.19 14.40
C HIS C 52 38.57 -4.53 13.93
N TYR C 53 39.31 -3.93 14.85
CA TYR C 53 40.61 -3.35 14.50
C TYR C 53 41.60 -4.40 14.02
N LYS C 54 41.62 -5.57 14.65
CA LYS C 54 42.49 -6.65 14.19
C LYS C 54 42.12 -7.16 12.80
N ARG C 55 40.84 -7.32 12.51
CA ARG C 55 40.42 -7.68 11.16
C ARG C 55 40.76 -6.61 10.14
N ILE C 56 40.52 -5.34 10.46
CA ILE C 56 40.86 -4.26 9.53
C ILE C 56 42.35 -4.29 9.18
N TYR C 57 43.21 -4.30 10.20
CA TYR C 57 44.65 -4.25 9.94
C TYR C 57 45.14 -5.49 9.21
N ASN C 58 44.47 -6.63 9.41
CA ASN C 58 44.78 -7.83 8.65
C ASN C 58 44.20 -7.79 7.25
N ASN C 59 42.92 -7.46 7.12
CA ASN C 59 42.25 -7.49 5.82
C ASN C 59 42.59 -6.29 4.95
N ILE C 60 43.09 -5.20 5.54
CA ILE C 60 43.39 -3.93 4.88
C ILE C 60 42.29 -3.53 3.91
N GLY C 127 43.13 -13.38 -14.12
CA GLY C 127 42.85 -14.58 -14.89
C GLY C 127 42.42 -15.75 -14.04
N GLU C 128 42.18 -16.89 -14.66
CA GLU C 128 41.72 -18.09 -13.98
C GLU C 128 42.81 -19.16 -14.01
N VAL C 129 43.27 -19.55 -12.83
CA VAL C 129 44.22 -20.66 -12.67
C VAL C 129 43.76 -21.51 -11.50
N LEU C 130 43.85 -22.83 -11.66
CA LEU C 130 43.20 -23.76 -10.75
C LEU C 130 44.19 -24.58 -9.94
N ASP C 131 45.50 -24.35 -10.09
CA ASP C 131 46.50 -25.20 -9.48
C ASP C 131 47.74 -24.37 -9.17
N SER C 132 48.60 -24.93 -8.29
CA SER C 132 49.88 -24.33 -7.93
C SER C 132 49.74 -23.01 -7.18
N SER C 133 48.59 -22.73 -6.58
CA SER C 133 48.37 -21.43 -5.97
C SER C 133 47.67 -21.58 -4.62
N HIS C 134 47.84 -20.57 -3.77
CA HIS C 134 47.33 -20.56 -2.41
C HIS C 134 46.82 -19.16 -2.10
N ASP C 135 46.03 -19.05 -1.02
CA ASP C 135 45.57 -17.77 -0.54
C ASP C 135 45.67 -17.72 0.98
N ASP C 136 46.14 -16.58 1.49
CA ASP C 136 46.24 -16.38 2.93
C ASP C 136 44.88 -16.18 3.57
N ILE C 137 44.76 -16.65 4.82
CA ILE C 137 43.47 -16.71 5.50
C ILE C 137 42.87 -15.32 5.64
N LYS C 138 41.61 -15.18 5.24
CA LYS C 138 40.84 -13.95 5.42
C LYS C 138 39.98 -14.06 6.67
N LEU C 139 40.14 -13.11 7.58
CA LEU C 139 39.30 -13.04 8.77
C LEU C 139 37.93 -12.52 8.40
N GLU C 140 36.90 -13.01 9.10
CA GLU C 140 35.54 -12.62 8.80
C GLU C 140 34.84 -12.08 10.04
N LYS C 141 34.03 -11.05 9.84
CA LYS C 141 33.34 -10.36 10.91
C LYS C 141 32.29 -11.26 11.56
N SER C 142 31.95 -10.95 12.81
CA SER C 142 30.82 -11.54 13.50
C SER C 142 29.91 -10.43 14.01
N ASN C 143 28.80 -10.20 13.32
CA ASN C 143 27.82 -9.20 13.69
C ASN C 143 27.17 -9.56 15.03
N ILE C 144 26.66 -8.53 15.71
CA ILE C 144 26.17 -8.64 17.07
C ILE C 144 24.69 -8.32 17.10
N LEU C 145 23.96 -8.97 18.00
CA LEU C 145 22.58 -8.61 18.30
C LEU C 145 22.47 -8.35 19.80
N LEU C 146 21.93 -7.19 20.18
CA LEU C 146 21.64 -6.84 21.56
C LEU C 146 20.15 -7.01 21.84
N LEU C 147 19.83 -7.84 22.81
CA LEU C 147 18.47 -8.09 23.23
C LEU C 147 18.25 -7.55 24.63
N GLY C 148 17.06 -7.04 24.91
CA GLY C 148 16.75 -6.71 26.27
C GLY C 148 15.53 -5.84 26.48
N PRO C 149 15.11 -5.74 27.74
CA PRO C 149 13.90 -4.98 28.06
C PRO C 149 14.05 -3.50 27.78
N THR C 150 12.93 -2.79 27.90
CA THR C 150 12.94 -1.34 27.76
C THR C 150 13.78 -0.70 28.86
N GLY C 151 14.51 0.34 28.50
CA GLY C 151 15.18 1.17 29.49
C GLY C 151 16.30 0.49 30.23
N SER C 152 16.97 -0.47 29.61
CA SER C 152 17.95 -1.28 30.31
C SER C 152 19.39 -1.06 29.85
N GLY C 153 19.62 -0.33 28.76
CA GLY C 153 20.97 0.06 28.41
C GLY C 153 21.38 -0.24 26.98
N LYS C 154 20.44 -0.64 26.13
CA LYS C 154 20.78 -1.02 24.77
C LYS C 154 21.27 0.16 23.95
N THR C 155 20.47 1.23 23.89
CA THR C 155 20.89 2.41 23.14
C THR C 155 21.99 3.19 23.85
N LEU C 156 21.98 3.18 25.19
CA LEU C 156 23.07 3.81 25.94
C LEU C 156 24.42 3.17 25.67
N LEU C 157 24.47 1.84 25.64
CA LEU C 157 25.71 1.15 25.25
C LEU C 157 26.13 1.53 23.84
N ALA C 158 25.20 1.54 22.90
CA ALA C 158 25.49 1.90 21.52
C ALA C 158 26.01 3.32 21.38
N GLN C 159 25.36 4.28 22.05
CA GLN C 159 25.81 5.68 21.98
C GLN C 159 27.13 5.93 22.68
N THR C 160 27.32 5.37 23.88
CA THR C 160 28.58 5.60 24.58
C THR C 160 29.74 4.83 23.98
N LEU C 161 29.46 3.73 23.27
CA LEU C 161 30.50 3.09 22.48
C LEU C 161 30.90 3.94 21.28
N ALA C 162 29.91 4.48 20.56
CA ALA C 162 30.20 5.24 19.35
C ALA C 162 31.07 6.46 19.62
N LYS C 163 31.04 7.00 20.84
CA LYS C 163 31.94 8.07 21.22
C LYS C 163 33.38 7.61 21.36
N CYS C 164 33.64 6.31 21.31
CA CYS C 164 34.96 5.75 21.58
C CYS C 164 35.51 4.98 20.38
N LEU C 165 35.03 5.27 19.19
CA LEU C 165 35.43 4.58 17.97
C LEU C 165 36.40 5.45 17.18
N ASP C 166 37.50 4.85 16.75
CA ASP C 166 38.46 5.46 15.84
C ASP C 166 38.03 5.36 14.38
N VAL C 167 36.87 4.76 14.11
CA VAL C 167 36.48 4.38 12.75
C VAL C 167 35.07 4.90 12.52
N PRO C 168 34.68 5.29 11.31
CA PRO C 168 33.36 5.89 11.10
C PRO C 168 32.23 5.02 11.61
N PHE C 169 31.12 5.65 11.96
CA PHE C 169 29.94 4.91 12.40
C PHE C 169 28.67 5.60 11.94
N ALA C 170 27.61 4.81 11.82
CA ALA C 170 26.27 5.30 11.55
C ALA C 170 25.30 4.63 12.51
N ILE C 171 24.33 5.40 13.00
CA ILE C 171 23.29 4.89 13.87
C ILE C 171 21.95 5.28 13.28
N CYS C 172 21.06 4.29 13.10
CA CYS C 172 19.86 4.53 12.33
C CYS C 172 18.73 3.63 12.81
N ASP C 173 17.52 4.01 12.45
CA ASP C 173 16.29 3.40 12.92
C ASP C 173 15.70 2.54 11.81
N CYS C 174 15.58 1.23 12.06
CA CYS C 174 15.09 0.33 11.04
C CYS C 174 13.62 0.56 10.69
N THR C 175 12.86 1.24 11.54
CA THR C 175 11.45 1.46 11.23
C THR C 175 11.24 2.45 10.09
N THR C 176 12.26 3.20 9.69
CA THR C 176 12.14 4.10 8.56
C THR C 176 12.22 3.40 7.21
N LEU C 177 12.86 2.24 7.16
CA LEU C 177 13.17 1.55 5.92
C LEU C 177 11.95 0.86 5.34
N THR C 178 11.94 0.71 4.00
CA THR C 178 10.96 -0.09 3.30
C THR C 178 11.61 -0.82 2.14
N GLN C 179 10.92 -1.85 1.66
CA GLN C 179 11.33 -2.59 0.48
C GLN C 179 11.49 -1.67 -0.73
N ALA C 180 12.38 -2.06 -1.64
CA ALA C 180 12.64 -1.29 -2.86
C ALA C 180 11.39 -1.13 -3.72
N GLY C 181 11.22 0.07 -4.26
CA GLY C 181 10.08 0.40 -5.10
C GLY C 181 8.91 1.04 -4.38
N TYR C 182 8.98 1.16 -3.06
CA TYR C 182 7.92 1.71 -2.22
C TYR C 182 8.42 2.94 -1.49
N VAL C 183 7.49 3.83 -1.17
CA VAL C 183 7.85 5.06 -0.45
C VAL C 183 8.50 4.74 0.89
N GLY C 184 9.37 5.64 1.33
CA GLY C 184 10.21 5.41 2.50
C GLY C 184 11.68 5.40 2.14
N GLU C 185 12.50 5.34 3.19
CA GLU C 185 13.95 5.36 3.00
C GLU C 185 14.44 4.03 2.47
N ASP C 186 15.30 4.08 1.46
CA ASP C 186 15.92 2.88 0.92
C ASP C 186 16.93 2.30 1.91
N ILE C 187 17.08 0.98 1.87
CA ILE C 187 17.94 0.29 2.83
C ILE C 187 19.39 0.71 2.66
N GLU C 188 19.79 1.11 1.45
CA GLU C 188 21.14 1.60 1.23
C GLU C 188 21.40 2.98 1.84
N SER C 189 20.37 3.69 2.28
CA SER C 189 20.59 4.94 3.01
C SER C 189 21.37 4.71 4.30
N VAL C 190 21.30 3.50 4.85
CA VAL C 190 22.14 3.13 5.99
C VAL C 190 23.61 3.30 5.68
N ILE C 191 24.02 2.95 4.46
CA ILE C 191 25.41 3.11 4.06
C ILE C 191 25.71 4.56 3.67
N ALA C 192 24.75 5.24 3.06
CA ALA C 192 24.96 6.64 2.67
C ALA C 192 25.26 7.54 3.86
N LYS C 193 24.55 7.38 4.97
CA LYS C 193 24.85 8.19 6.15
C LYS C 193 26.13 7.74 6.85
N LEU C 194 26.57 6.50 6.64
CA LEU C 194 27.91 6.11 7.07
C LEU C 194 28.98 6.79 6.22
N LEU C 195 28.76 6.89 4.91
CA LEU C 195 29.71 7.55 4.03
C LEU C 195 29.78 9.05 4.31
N GLN C 196 28.65 9.67 4.63
CA GLN C 196 28.67 11.06 5.08
C GLN C 196 29.48 11.23 6.35
N ASP C 197 29.35 10.30 7.30
CA ASP C 197 30.15 10.35 8.51
C ASP C 197 31.64 10.24 8.24
N ALA C 198 32.02 9.57 7.15
CA ALA C 198 33.42 9.42 6.78
C ALA C 198 33.93 10.54 5.88
N ASN C 199 33.21 11.65 5.78
CA ASN C 199 33.56 12.74 4.86
C ASN C 199 33.75 12.24 3.43
N TYR C 200 32.97 11.24 3.04
CA TYR C 200 33.01 10.62 1.72
C TYR C 200 34.35 9.96 1.40
N ASN C 201 35.16 9.65 2.40
CA ASN C 201 36.35 8.84 2.20
C ASN C 201 35.91 7.38 2.15
N VAL C 202 35.72 6.87 0.93
CA VAL C 202 35.12 5.56 0.74
C VAL C 202 35.95 4.46 1.42
N GLU C 203 37.26 4.50 1.27
CA GLU C 203 38.10 3.44 1.84
C GLU C 203 38.11 3.48 3.37
N LYS C 204 37.70 4.59 3.97
CA LYS C 204 37.47 4.66 5.41
C LYS C 204 36.06 4.27 5.79
N ALA C 205 35.07 4.62 4.98
CA ALA C 205 33.70 4.18 5.22
C ALA C 205 33.59 2.66 5.21
N GLN C 206 34.34 2.00 4.33
CA GLN C 206 34.32 0.55 4.23
C GLN C 206 34.83 -0.16 5.48
N GLN C 207 35.31 0.59 6.47
CA GLN C 207 35.72 0.04 7.76
C GLN C 207 34.75 0.32 8.90
N GLY C 208 33.63 0.99 8.62
CA GLY C 208 32.79 1.52 9.68
C GLY C 208 32.00 0.48 10.46
N ILE C 209 31.35 0.97 11.51
CA ILE C 209 30.44 0.19 12.34
C ILE C 209 29.04 0.79 12.20
N VAL C 210 28.05 -0.05 11.97
CA VAL C 210 26.66 0.39 11.78
C VAL C 210 25.79 -0.18 12.89
N PHE C 211 25.07 0.71 13.58
CA PHE C 211 24.16 0.32 14.66
C PHE C 211 22.72 0.37 14.15
N LEU C 212 22.04 -0.78 14.17
CA LEU C 212 20.66 -0.89 13.72
C LEU C 212 19.73 -1.00 14.93
N ASP C 213 19.12 0.11 15.31
CA ASP C 213 18.11 0.11 16.36
C ASP C 213 16.77 -0.41 15.87
N GLN C 214 15.93 -0.85 16.83
CA GLN C 214 14.56 -1.27 16.57
C GLN C 214 14.45 -2.43 15.59
N VAL C 215 15.43 -3.34 15.61
CA VAL C 215 15.42 -4.50 14.71
C VAL C 215 14.27 -5.46 14.96
N ASP C 216 13.69 -5.46 16.15
CA ASP C 216 12.52 -6.30 16.40
C ASP C 216 11.28 -5.83 15.64
N LYS C 217 11.19 -4.55 15.30
CA LYS C 217 10.03 -4.05 14.57
C LYS C 217 10.00 -4.48 13.10
N ILE C 218 11.07 -5.08 12.61
CA ILE C 218 11.14 -5.64 11.27
C ILE C 218 10.68 -7.09 11.28
N GLY C 219 10.18 -7.56 12.41
CA GLY C 219 9.69 -8.92 12.47
C GLY C 219 8.56 -9.17 11.50
N SER C 220 8.56 -10.36 10.91
CA SER C 220 7.50 -10.79 10.01
C SER C 220 6.20 -10.99 10.79
N VAL C 221 5.12 -11.11 10.05
CA VAL C 221 3.78 -11.18 10.63
C VAL C 221 2.93 -12.21 9.90
N GLN C 226 -3.01 -12.55 0.81
CA GLN C 226 -2.34 -11.60 1.68
C GLN C 226 -1.64 -10.52 0.86
N LEU C 227 -0.67 -9.84 1.47
CA LEU C 227 -0.08 -8.64 0.88
C LEU C 227 1.41 -8.63 1.18
N ARG C 228 2.16 -7.85 0.38
CA ARG C 228 3.58 -7.66 0.63
C ARG C 228 3.80 -7.09 2.02
N ASP C 229 4.84 -7.58 2.70
CA ASP C 229 5.29 -7.01 3.95
C ASP C 229 6.39 -5.99 3.66
N VAL C 230 5.96 -4.83 3.16
CA VAL C 230 6.88 -3.88 2.54
C VAL C 230 7.87 -3.35 3.56
N GLY C 231 7.49 -3.31 4.82
CA GLY C 231 8.41 -3.01 5.90
C GLY C 231 8.23 -3.98 7.03
N GLY C 232 9.31 -4.66 7.41
CA GLY C 232 9.21 -5.98 8.00
C GLY C 232 9.92 -7.02 7.17
N GLU C 233 9.24 -8.13 6.84
CA GLU C 233 9.92 -9.22 6.17
C GLU C 233 10.60 -8.77 4.89
N GLY C 234 9.97 -7.84 4.17
CA GLY C 234 10.59 -7.24 3.00
C GLY C 234 11.83 -6.43 3.27
N VAL C 235 12.01 -5.96 4.50
CA VAL C 235 13.24 -5.27 4.87
C VAL C 235 14.28 -6.24 5.41
N GLN C 236 13.86 -7.28 6.14
CA GLN C 236 14.80 -8.32 6.56
C GLN C 236 15.53 -8.92 5.37
N GLN C 237 14.78 -9.39 4.37
CA GLN C 237 15.40 -9.98 3.18
C GLN C 237 16.16 -8.98 2.33
N GLY C 238 15.91 -7.69 2.51
CA GLY C 238 16.70 -6.69 1.83
C GLY C 238 18.04 -6.39 2.48
N LEU C 239 18.12 -6.57 3.80
CA LEU C 239 19.37 -6.37 4.54
C LEU C 239 20.37 -7.51 4.39
N LEU C 240 19.96 -8.66 3.86
CA LEU C 240 20.89 -9.78 3.69
C LEU C 240 22.08 -9.40 2.82
N LYS C 241 21.90 -8.49 1.87
CA LYS C 241 23.03 -7.99 1.09
C LYS C 241 24.06 -7.30 1.95
N LEU C 242 23.64 -6.65 3.03
CA LEU C 242 24.52 -5.80 3.82
C LEU C 242 25.22 -6.56 4.93
N LEU C 243 24.54 -7.51 5.56
CA LEU C 243 25.11 -8.18 6.72
C LEU C 243 26.21 -9.14 6.33
N GLU C 244 26.14 -9.71 5.13
CA GLU C 244 27.30 -10.30 4.49
C GLU C 244 27.91 -9.31 3.51
N GLY C 245 29.07 -9.67 2.97
CA GLY C 245 29.76 -8.80 2.03
C GLY C 245 29.02 -8.63 0.71
N THR C 246 28.98 -7.39 0.24
CA THR C 246 28.33 -7.04 -1.03
C THR C 246 28.84 -5.66 -1.44
N ILE C 247 28.52 -5.27 -2.67
CA ILE C 247 28.85 -3.94 -3.17
C ILE C 247 27.56 -3.15 -3.33
N VAL C 248 27.50 -1.99 -2.67
CA VAL C 248 26.33 -1.13 -2.61
C VAL C 248 26.58 0.10 -3.48
N ASN C 249 25.64 0.39 -4.37
CA ASN C 249 25.67 1.57 -5.23
C ASN C 249 25.11 2.80 -4.51
N VAL C 250 25.78 3.19 -3.43
CA VAL C 250 25.29 4.28 -2.58
C VAL C 250 25.28 5.58 -3.38
N PRO C 251 24.15 6.25 -3.49
CA PRO C 251 24.11 7.51 -4.23
C PRO C 251 24.75 8.66 -3.46
N GLU C 252 25.44 9.53 -4.18
CA GLU C 252 26.01 10.73 -3.57
C GLU C 252 24.93 11.73 -3.15
N GLY C 260 27.76 8.86 -13.17
CA GLY C 260 26.58 8.72 -12.34
C GLY C 260 26.80 9.17 -10.91
N GLU C 261 25.71 9.37 -10.18
CA GLU C 261 25.77 9.91 -8.83
C GLU C 261 26.04 8.85 -7.78
N THR C 262 26.41 7.64 -8.17
CA THR C 262 26.51 6.51 -7.26
C THR C 262 27.98 6.19 -7.01
N VAL C 263 28.33 6.01 -5.74
CA VAL C 263 29.67 5.55 -5.35
C VAL C 263 29.55 4.14 -4.80
N GLN C 264 30.34 3.23 -5.35
CA GLN C 264 30.30 1.83 -4.93
C GLN C 264 31.01 1.65 -3.60
N VAL C 265 30.30 1.17 -2.59
CA VAL C 265 30.87 0.87 -1.28
C VAL C 265 30.82 -0.63 -1.06
N ASP C 266 31.98 -1.25 -0.87
CA ASP C 266 32.08 -2.67 -0.53
C ASP C 266 31.80 -2.83 0.96
N THR C 267 30.67 -3.43 1.30
CA THR C 267 30.18 -3.56 2.66
C THR C 267 30.75 -4.75 3.43
N THR C 268 31.79 -5.41 2.92
CA THR C 268 32.24 -6.67 3.52
C THR C 268 32.79 -6.48 4.93
N ASN C 269 33.72 -5.54 5.14
CA ASN C 269 34.29 -5.37 6.48
C ASN C 269 33.43 -4.51 7.41
N ILE C 270 32.38 -3.87 6.91
CA ILE C 270 31.51 -3.07 7.76
C ILE C 270 30.81 -3.96 8.77
N LEU C 271 30.94 -3.61 10.05
CA LEU C 271 30.43 -4.43 11.14
C LEU C 271 29.08 -3.88 11.59
N PHE C 272 28.11 -4.76 11.74
CA PHE C 272 26.76 -4.38 12.11
C PHE C 272 26.45 -4.80 13.53
N VAL C 273 25.85 -3.89 14.28
CA VAL C 273 25.42 -4.14 15.66
C VAL C 273 23.93 -3.82 15.75
N ALA C 274 23.10 -4.83 15.95
CA ALA C 274 21.66 -4.69 15.98
C ALA C 274 21.17 -4.60 17.43
N SER C 275 20.06 -3.90 17.64
CA SER C 275 19.43 -3.79 18.95
C SER C 275 17.93 -3.97 18.82
N GLY C 276 17.32 -4.65 19.78
CA GLY C 276 15.88 -4.67 19.86
C GLY C 276 15.41 -5.17 21.21
N ALA C 277 14.16 -4.86 21.54
CA ALA C 277 13.56 -5.39 22.76
C ALA C 277 13.03 -6.80 22.58
N PHE C 278 12.52 -7.14 21.40
CA PHE C 278 11.90 -8.43 21.12
C PHE C 278 10.83 -8.76 22.16
N ASN C 279 9.92 -7.82 22.33
CA ASN C 279 8.86 -7.93 23.34
C ASN C 279 8.02 -9.18 23.13
N GLY C 280 8.04 -10.05 24.13
CA GLY C 280 7.33 -11.32 24.07
C GLY C 280 8.18 -12.52 23.70
N LEU C 281 9.49 -12.35 23.59
CA LEU C 281 10.35 -13.47 23.23
C LEU C 281 10.45 -14.51 24.33
N ASP C 282 10.39 -14.07 25.59
CA ASP C 282 10.49 -15.02 26.70
C ASP C 282 9.32 -15.99 26.73
N ARG C 283 8.16 -15.55 26.27
CA ARG C 283 7.02 -16.45 26.10
C ARG C 283 7.28 -17.51 25.04
N ILE C 284 8.23 -17.28 24.14
CA ILE C 284 8.60 -18.28 23.14
C ILE C 284 9.64 -19.25 23.68
N ILE C 285 10.60 -18.75 24.45
CA ILE C 285 11.66 -19.60 25.01
C ILE C 285 11.10 -20.58 26.04
N SER C 286 10.20 -20.14 26.91
CA SER C 286 9.62 -21.06 27.88
C SER C 286 8.85 -22.19 27.22
N ARG C 287 8.02 -21.86 26.23
CA ARG C 287 7.34 -22.88 25.44
C ARG C 287 8.31 -23.77 24.68
N ARG C 288 9.48 -23.26 24.31
CA ARG C 288 10.52 -24.11 23.73
C ARG C 288 11.11 -25.08 24.75
N LYS C 289 11.29 -24.64 25.99
CA LYS C 289 11.89 -25.46 27.02
C LYS C 289 10.93 -26.47 27.63
N ASN C 290 9.78 -26.70 26.98
CA ASN C 290 8.71 -27.56 27.45
C ASN C 290 8.15 -27.11 28.79
N GLU C 291 8.37 -25.86 29.16
CA GLU C 291 7.79 -25.33 30.39
C GLU C 291 6.30 -25.05 30.24
N LYS C 292 5.75 -25.21 29.04
CA LYS C 292 4.32 -25.26 28.82
C LYS C 292 4.01 -26.56 28.08
N TYR C 293 3.12 -27.37 28.66
CA TYR C 293 2.89 -28.71 28.16
C TYR C 293 1.46 -29.12 28.50
N LEU C 294 0.95 -30.10 27.75
CA LEU C 294 -0.35 -30.68 27.99
C LEU C 294 -0.25 -32.19 28.01
N GLY C 295 -1.02 -32.82 28.88
CA GLY C 295 -0.96 -34.25 29.02
C GLY C 295 0.14 -34.69 29.96
N PHE C 296 0.33 -36.01 30.02
CA PHE C 296 1.18 -36.59 31.06
C PHE C 296 2.65 -36.53 30.69
N GLY C 297 2.97 -36.77 29.41
CA GLY C 297 4.35 -36.69 28.96
C GLY C 297 5.32 -37.55 29.73
N THR C 298 4.87 -38.73 30.15
CA THR C 298 5.55 -39.50 31.19
C THR C 298 7.05 -39.69 30.99
N PRO C 299 7.59 -39.87 29.78
CA PRO C 299 9.06 -39.97 29.63
C PRO C 299 9.82 -38.72 30.04
N SER C 300 9.18 -37.57 30.23
CA SER C 300 9.92 -36.34 30.45
C SER C 300 10.62 -36.35 31.81
N ASN C 301 11.46 -35.35 32.03
CA ASN C 301 12.28 -35.27 33.21
C ASN C 301 11.43 -35.08 34.47
N LEU C 302 11.95 -35.55 35.60
CA LEU C 302 11.14 -35.63 36.81
C LEU C 302 10.88 -34.25 37.39
N GLY C 303 11.93 -33.42 37.50
CA GLY C 303 11.80 -32.08 38.00
C GLY C 303 11.44 -31.95 39.47
N LYS C 304 11.33 -33.06 40.19
CA LYS C 304 10.90 -33.07 41.60
C LYS C 304 12.07 -32.67 42.51
N GLY C 305 12.58 -31.47 42.27
CA GLY C 305 13.69 -30.96 43.05
C GLY C 305 13.30 -30.57 44.47
N ARG C 306 14.33 -30.21 45.23
CA ARG C 306 14.17 -29.82 46.63
C ARG C 306 13.54 -28.44 46.78
N ARG C 307 12.23 -28.35 46.52
CA ARG C 307 11.46 -27.11 46.50
C ARG C 307 11.96 -26.10 45.49
N ALA C 308 12.81 -26.51 44.55
CA ALA C 308 13.33 -25.61 43.53
C ALA C 308 13.72 -26.38 42.27
N SER C 321 9.43 -8.93 46.17
CA SER C 321 8.20 -8.29 45.69
C SER C 321 7.66 -9.02 44.47
N ASN C 322 6.37 -8.83 44.19
CA ASN C 322 5.75 -9.51 43.06
C ASN C 322 6.35 -9.06 41.74
N THR C 323 6.75 -7.79 41.64
CA THR C 323 7.47 -7.34 40.45
C THR C 323 8.82 -8.02 40.33
N HIS C 324 9.51 -8.23 41.45
CA HIS C 324 10.82 -8.86 41.40
C HIS C 324 10.75 -10.30 40.92
N GLN C 325 9.62 -10.98 41.16
CA GLN C 325 9.46 -12.34 40.65
C GLN C 325 9.37 -12.36 39.12
N ASP C 326 8.53 -11.49 38.55
CA ASP C 326 8.41 -11.40 37.10
C ASP C 326 9.71 -10.98 36.44
N ILE C 327 10.43 -10.04 37.06
CA ILE C 327 11.71 -9.59 36.51
C ILE C 327 12.74 -10.71 36.53
N GLU C 328 12.83 -11.42 37.66
CA GLU C 328 13.73 -12.58 37.74
C GLU C 328 13.30 -13.73 36.84
N GLU C 329 12.00 -13.92 36.62
CA GLU C 329 11.55 -14.95 35.69
C GLU C 329 11.95 -14.67 34.26
N LYS C 330 11.66 -13.46 33.77
CA LYS C 330 12.04 -13.09 32.40
C LYS C 330 13.55 -13.04 32.22
N ASP C 331 14.27 -12.47 33.18
CA ASP C 331 15.73 -12.39 33.07
C ASP C 331 16.39 -13.76 33.09
N ARG C 332 15.88 -14.68 33.93
CA ARG C 332 16.35 -16.05 33.88
C ARG C 332 16.20 -16.65 32.49
N LEU C 333 15.13 -16.32 31.80
CA LEU C 333 14.66 -17.07 30.64
C LEU C 333 15.29 -16.55 29.35
N LEU C 334 15.52 -15.24 29.25
CA LEU C 334 16.24 -14.68 28.11
C LEU C 334 17.66 -15.21 28.02
N ARG C 335 18.28 -15.55 29.15
CA ARG C 335 19.64 -16.07 29.09
C ARG C 335 19.74 -17.34 28.26
N HIS C 336 18.61 -18.02 28.04
CA HIS C 336 18.55 -19.24 27.24
C HIS C 336 18.11 -18.97 25.80
N VAL C 337 18.10 -17.71 25.37
CA VAL C 337 17.65 -17.41 24.01
C VAL C 337 18.57 -18.09 23.01
N GLU C 338 17.97 -18.60 21.93
CA GLU C 338 18.71 -19.25 20.86
C GLU C 338 18.17 -18.79 19.53
N ALA C 339 18.95 -19.04 18.47
CA ALA C 339 18.54 -18.72 17.10
C ALA C 339 17.14 -19.25 16.78
N ARG C 340 16.86 -20.49 17.15
CA ARG C 340 15.54 -21.06 16.89
C ARG C 340 14.39 -20.32 17.55
N ASP C 341 14.68 -19.47 18.53
CA ASP C 341 13.67 -18.63 19.17
C ASP C 341 13.50 -17.27 18.49
N LEU C 342 14.56 -16.75 17.89
CA LEU C 342 14.43 -15.56 17.05
C LEU C 342 13.70 -15.89 15.75
N ILE C 343 13.88 -17.10 15.24
CA ILE C 343 13.13 -17.57 14.08
C ILE C 343 11.63 -17.65 14.40
N GLU C 344 11.28 -18.19 15.56
CA GLU C 344 9.88 -18.24 15.96
C GLU C 344 9.31 -16.86 16.27
N PHE C 345 10.14 -15.92 16.70
CA PHE C 345 9.67 -14.55 16.88
C PHE C 345 9.33 -13.91 15.54
N GLY C 346 9.95 -14.36 14.47
CA GLY C 346 9.66 -13.85 13.14
C GLY C 346 10.84 -13.23 12.42
N MET C 347 12.05 -13.49 12.90
CA MET C 347 13.24 -13.22 12.10
C MET C 347 13.45 -14.31 11.07
N ILE C 348 13.84 -13.90 9.87
CA ILE C 348 14.08 -14.83 8.76
C ILE C 348 15.31 -15.69 9.07
N PRO C 349 15.28 -17.00 8.78
CA PRO C 349 16.45 -17.85 9.04
C PRO C 349 17.73 -17.32 8.46
N GLU C 350 17.71 -16.79 7.24
CA GLU C 350 18.89 -16.17 6.66
C GLU C 350 19.37 -14.99 7.51
N PHE C 351 18.43 -14.27 8.14
CA PHE C 351 18.73 -13.06 8.88
C PHE C 351 19.33 -13.37 10.25
N VAL C 352 18.80 -14.38 10.93
CA VAL C 352 19.35 -14.82 12.20
C VAL C 352 20.74 -15.41 12.04
N GLY C 353 20.96 -16.20 10.99
CA GLY C 353 22.23 -16.86 10.81
C GLY C 353 23.42 -15.92 10.68
N ARG C 354 23.21 -14.74 10.13
CA ARG C 354 24.30 -13.79 9.95
C ARG C 354 24.32 -12.70 11.01
N LEU C 355 23.71 -12.95 12.18
CA LEU C 355 23.92 -12.20 13.42
C LEU C 355 24.44 -13.15 14.48
N PRO C 356 25.67 -13.64 14.36
CA PRO C 356 26.12 -14.78 15.16
C PRO C 356 26.10 -14.57 16.67
N VAL C 357 26.31 -13.34 17.14
CA VAL C 357 26.50 -13.06 18.56
C VAL C 357 25.23 -12.46 19.12
N VAL C 358 24.58 -13.19 20.03
CA VAL C 358 23.36 -12.73 20.69
C VAL C 358 23.69 -12.37 22.13
N VAL C 359 23.33 -11.16 22.54
CA VAL C 359 23.63 -10.66 23.88
C VAL C 359 22.33 -10.30 24.59
N PRO C 360 21.90 -11.05 25.60
CA PRO C 360 20.77 -10.63 26.43
C PRO C 360 21.19 -9.70 27.56
N LEU C 361 20.73 -8.45 27.50
CA LEU C 361 20.87 -7.52 28.61
C LEU C 361 19.86 -7.84 29.71
N HIS C 362 20.34 -7.96 30.95
CA HIS C 362 19.46 -8.25 32.08
C HIS C 362 18.61 -7.04 32.44
N SER C 363 17.45 -7.32 33.03
CA SER C 363 16.59 -6.28 33.56
C SER C 363 17.21 -5.61 34.79
N LEU C 364 16.92 -4.33 34.96
CA LEU C 364 17.51 -3.54 36.04
C LEU C 364 16.82 -3.87 37.36
N ASP C 365 17.62 -4.35 38.33
CA ASP C 365 17.12 -4.58 39.68
C ASP C 365 17.02 -3.27 40.45
N GLU C 366 16.26 -3.32 41.55
CA GLU C 366 16.13 -2.17 42.44
C GLU C 366 17.47 -1.71 42.98
N LYS C 367 18.36 -2.65 43.30
CA LYS C 367 19.69 -2.29 43.79
C LYS C 367 20.50 -1.53 42.74
N THR C 368 20.35 -1.88 41.47
CA THR C 368 21.00 -1.13 40.40
C THR C 368 20.33 0.22 40.16
N LEU C 369 19.01 0.31 40.29
CA LEU C 369 18.34 1.60 40.13
C LEU C 369 18.82 2.62 41.16
N VAL C 370 19.14 2.21 42.37
CA VAL C 370 19.74 3.11 43.36
C VAL C 370 21.09 3.63 42.91
N GLN C 371 21.85 2.81 42.17
CA GLN C 371 23.13 3.28 41.63
C GLN C 371 22.93 4.25 40.48
N ILE C 372 22.02 3.92 39.55
CA ILE C 372 21.79 4.76 38.37
C ILE C 372 21.45 6.19 38.78
N LEU C 373 20.80 6.37 39.93
CA LEU C 373 20.45 7.70 40.41
C LEU C 373 21.68 8.54 40.74
N THR C 374 22.57 8.02 41.55
CA THR C 374 23.83 8.68 41.88
C THR C 374 24.99 8.37 40.93
N GLU C 375 25.28 7.08 40.70
CA GLU C 375 26.64 6.67 40.38
C GLU C 375 27.14 7.05 38.99
N PRO C 376 26.43 6.78 37.89
CA PRO C 376 27.05 6.98 36.57
C PRO C 376 27.23 8.44 36.20
N ARG C 377 27.97 8.63 35.11
CA ARG C 377 27.98 9.90 34.41
C ARG C 377 26.57 10.31 34.01
N ASN C 378 26.28 11.60 34.10
CA ASN C 378 24.96 12.15 33.77
C ASN C 378 23.83 11.49 34.55
N ALA C 379 24.10 11.07 35.77
CA ALA C 379 23.10 10.39 36.58
C ALA C 379 21.91 11.32 36.84
N VAL C 380 20.75 10.70 37.12
CA VAL C 380 19.48 11.42 37.08
C VAL C 380 19.45 12.58 38.06
N ILE C 381 19.82 12.34 39.31
CA ILE C 381 19.73 13.37 40.35
C ILE C 381 20.79 14.46 40.18
N PRO C 382 22.04 14.15 39.85
CA PRO C 382 22.95 15.23 39.43
C PRO C 382 22.39 16.18 38.38
N GLN C 383 21.56 15.69 37.46
CA GLN C 383 20.92 16.59 36.50
C GLN C 383 19.93 17.54 37.18
N TYR C 384 19.09 17.03 38.06
CA TYR C 384 18.10 17.89 38.72
C TYR C 384 18.75 18.90 39.66
N GLN C 385 19.73 18.49 40.45
CA GLN C 385 20.40 19.45 41.31
C GLN C 385 21.19 20.46 40.49
N ALA C 386 21.62 20.10 39.29
CA ALA C 386 22.17 21.08 38.37
C ALA C 386 21.13 22.07 37.87
N LEU C 387 19.88 21.64 37.69
CA LEU C 387 18.80 22.58 37.38
C LEU C 387 18.54 23.56 38.53
N PHE C 388 18.67 23.10 39.77
CA PHE C 388 18.51 24.01 40.91
C PHE C 388 19.69 24.94 41.07
N SER C 389 20.88 24.53 40.61
CA SER C 389 22.03 25.43 40.66
C SER C 389 21.76 26.74 39.91
N MET C 390 20.98 26.69 38.84
CA MET C 390 20.65 27.93 38.12
C MET C 390 19.76 28.83 38.93
N ASP C 391 18.93 28.27 39.81
CA ASP C 391 18.14 29.04 40.75
C ASP C 391 18.87 29.31 42.06
N LYS C 392 20.18 29.10 42.10
CA LYS C 392 21.00 29.33 43.29
C LYS C 392 20.51 28.51 44.49
N CYS C 393 19.96 27.34 44.24
CA CYS C 393 19.31 26.52 45.26
C CYS C 393 19.99 25.17 45.32
N GLU C 394 20.09 24.61 46.52
CA GLU C 394 20.52 23.22 46.68
C GLU C 394 19.33 22.28 46.66
N LEU C 395 19.58 21.06 46.19
CA LEU C 395 18.66 19.94 46.38
C LEU C 395 19.39 18.85 47.14
N ASN C 396 18.84 18.46 48.28
CA ASN C 396 19.37 17.35 49.07
C ASN C 396 18.37 16.20 49.08
N VAL C 397 18.76 15.08 48.49
CA VAL C 397 18.00 13.84 48.56
C VAL C 397 18.79 12.86 49.41
N THR C 398 18.13 12.23 50.37
CA THR C 398 18.83 11.45 51.39
C THR C 398 18.82 9.98 51.02
N GLU C 399 19.83 9.26 51.48
CA GLU C 399 20.07 7.88 51.07
C GLU C 399 18.91 6.95 51.43
N ASP C 400 18.03 7.36 52.32
CA ASP C 400 16.81 6.62 52.57
C ASP C 400 15.74 6.92 51.52
N ALA C 401 15.70 8.15 51.01
CA ALA C 401 14.77 8.47 49.93
C ALA C 401 15.19 7.82 48.62
N LEU C 402 16.49 7.71 48.36
CA LEU C 402 16.98 7.05 47.14
C LEU C 402 16.44 5.64 47.01
N LYS C 403 16.46 4.87 48.09
CA LYS C 403 15.87 3.54 48.03
C LYS C 403 14.37 3.59 47.80
N ALA C 404 13.69 4.57 48.40
CA ALA C 404 12.26 4.74 48.17
C ALA C 404 11.95 5.15 46.73
N ILE C 405 12.77 6.01 46.14
CA ILE C 405 12.58 6.41 44.74
C ILE C 405 12.79 5.23 43.80
N ALA C 406 13.87 4.46 44.02
CA ALA C 406 14.11 3.26 43.22
C ALA C 406 13.00 2.23 43.37
N ARG C 407 12.46 2.09 44.57
CA ARG C 407 11.36 1.15 44.77
C ARG C 407 10.12 1.56 43.99
N LEU C 408 9.77 2.84 44.02
CA LEU C 408 8.64 3.32 43.21
C LEU C 408 8.91 3.17 41.71
N ALA C 409 10.15 3.37 41.29
CA ALA C 409 10.47 3.33 39.87
C ALA C 409 10.30 1.93 39.31
N LEU C 410 10.68 0.90 40.08
CA LEU C 410 10.56 -0.47 39.62
C LEU C 410 9.12 -0.84 39.33
N GLU C 411 8.15 -0.19 39.96
CA GLU C 411 6.74 -0.45 39.72
C GLU C 411 6.20 0.18 38.44
N ARG C 412 6.94 1.11 37.83
CA ARG C 412 6.53 1.67 36.55
C ARG C 412 6.71 0.71 35.39
N LYS C 413 7.33 -0.45 35.63
CA LYS C 413 7.58 -1.49 34.62
C LYS C 413 8.19 -0.93 33.33
N THR C 414 9.05 0.08 33.48
CA THR C 414 9.60 0.78 32.34
C THR C 414 11.10 1.05 32.47
N GLY C 415 11.81 0.28 33.29
CA GLY C 415 13.24 0.43 33.42
C GLY C 415 13.67 1.73 34.09
N ALA C 416 14.88 2.17 33.77
CA ALA C 416 15.44 3.37 34.38
C ALA C 416 14.71 4.64 34.01
N ARG C 417 13.88 4.62 32.96
CA ARG C 417 13.03 5.76 32.66
C ARG C 417 11.97 6.01 33.74
N GLY C 418 11.69 5.01 34.59
CA GLY C 418 10.80 5.25 35.71
C GLY C 418 11.34 6.23 36.73
N LEU C 419 12.65 6.31 36.86
CA LEU C 419 13.25 7.22 37.84
C LEU C 419 12.94 8.68 37.51
N ARG C 420 12.92 9.03 36.23
CA ARG C 420 12.58 10.38 35.82
C ARG C 420 11.12 10.71 36.07
N SER C 421 10.22 9.76 35.80
CA SER C 421 8.80 10.01 36.03
C SER C 421 8.50 10.37 37.48
N ILE C 422 9.21 9.76 38.42
CA ILE C 422 9.03 10.08 39.84
C ILE C 422 9.69 11.40 40.21
N MET C 423 10.92 11.63 39.77
CA MET C 423 11.60 12.87 40.08
C MET C 423 10.83 14.08 39.57
N GLU C 424 10.26 14.00 38.38
CA GLU C 424 9.40 15.07 37.88
C GLU C 424 8.17 15.26 38.74
N LYS C 425 7.67 14.18 39.33
CA LYS C 425 6.46 14.25 40.15
C LYS C 425 6.73 14.80 41.56
N LEU C 426 7.86 14.43 42.17
CA LEU C 426 8.17 14.96 43.50
C LEU C 426 8.52 16.44 43.43
N LEU C 427 9.37 16.82 42.51
CA LEU C 427 9.97 18.14 42.51
C LEU C 427 9.09 19.21 41.86
N LEU C 428 7.92 18.86 41.35
CA LEU C 428 7.11 19.84 40.61
C LEU C 428 6.83 21.07 41.46
N GLU C 429 6.40 20.87 42.70
CA GLU C 429 6.06 22.00 43.54
C GLU C 429 7.29 22.80 43.96
N PRO C 430 8.39 22.20 44.41
CA PRO C 430 9.64 22.97 44.53
C PRO C 430 10.02 23.76 43.29
N MET C 431 10.02 23.12 42.11
CA MET C 431 10.44 23.79 40.89
C MET C 431 9.53 24.95 40.51
N PHE C 432 8.27 24.94 40.95
CA PHE C 432 7.38 26.07 40.72
C PHE C 432 7.56 27.17 41.75
N GLU C 433 7.90 26.82 43.00
CA GLU C 433 7.93 27.80 44.08
C GLU C 433 9.31 28.38 44.34
N VAL C 434 10.37 27.66 44.03
CA VAL C 434 11.76 28.09 44.26
C VAL C 434 12.25 29.28 43.42
N PRO C 435 11.89 29.40 42.14
CA PRO C 435 12.64 30.33 41.26
C PRO C 435 12.89 31.73 41.79
N ASN C 436 11.96 32.34 42.54
CA ASN C 436 12.25 33.66 43.10
C ASN C 436 11.91 33.78 44.58
N SER C 437 11.89 32.68 45.32
CA SER C 437 11.30 32.68 46.67
C SER C 437 12.35 32.78 47.78
N ASP C 438 13.59 33.12 47.46
CA ASP C 438 14.67 33.17 48.45
C ASP C 438 14.88 31.83 49.13
N ILE C 439 14.61 30.74 48.42
CA ILE C 439 14.86 29.40 48.95
C ILE C 439 16.35 29.14 48.79
N VAL C 440 17.00 28.79 49.89
CA VAL C 440 18.40 28.37 49.87
C VAL C 440 18.55 26.86 49.65
N CYS C 441 17.66 26.03 50.19
CA CYS C 441 17.79 24.60 49.94
C CYS C 441 16.43 23.92 49.98
N VAL C 442 16.32 22.84 49.21
CA VAL C 442 15.19 21.92 49.24
C VAL C 442 15.68 20.60 49.85
N GLU C 443 14.93 20.08 50.82
CA GLU C 443 15.29 18.82 51.48
C GLU C 443 14.21 17.79 51.22
N VAL C 444 14.63 16.63 50.71
CA VAL C 444 13.73 15.51 50.42
C VAL C 444 14.07 14.38 51.38
N ASP C 445 13.16 14.07 52.30
CA ASP C 445 13.27 12.91 53.16
C ASP C 445 12.43 11.76 52.63
N LYS C 446 12.64 10.58 53.21
CA LYS C 446 11.81 9.42 52.86
C LYS C 446 10.33 9.70 53.00
N GLU C 447 9.95 10.51 54.00
CA GLU C 447 8.54 10.82 54.21
C GLU C 447 8.00 11.73 53.12
N VAL C 448 8.85 12.53 52.49
CA VAL C 448 8.43 13.30 51.33
C VAL C 448 8.13 12.38 50.15
N VAL C 449 9.04 11.44 49.88
CA VAL C 449 8.83 10.49 48.78
C VAL C 449 7.56 9.67 48.99
N GLU C 450 7.31 9.27 50.24
CA GLU C 450 6.09 8.52 50.55
C GLU C 450 4.84 9.40 50.54
N GLY C 451 4.96 10.70 50.30
CA GLY C 451 3.82 11.59 50.26
C GLY C 451 3.31 12.06 51.61
N LYS C 452 4.06 11.84 52.68
CA LYS C 452 3.62 12.21 54.02
C LYS C 452 4.04 13.63 54.40
N LYS C 453 4.84 14.28 53.58
CA LYS C 453 5.24 15.66 53.83
C LYS C 453 5.26 16.41 52.51
N GLU C 454 5.17 17.73 52.61
CA GLU C 454 5.73 18.58 51.59
C GLU C 454 7.25 18.61 51.70
N PRO C 455 7.95 18.82 50.59
CA PRO C 455 9.41 19.02 50.67
C PRO C 455 9.76 20.25 51.50
N GLY C 456 10.70 20.07 52.41
CA GLY C 456 11.07 21.15 53.31
C GLY C 456 11.95 22.18 52.63
N TYR C 457 11.76 23.44 53.02
CA TYR C 457 12.51 24.55 52.46
C TYR C 457 13.35 25.19 53.55
N ILE C 458 14.53 25.65 53.17
CA ILE C 458 15.36 26.52 54.02
C ILE C 458 15.33 27.91 53.40
N ARG C 459 14.88 28.88 54.18
CA ARG C 459 14.79 30.26 53.71
C ARG C 459 16.11 30.98 53.91
N ALA C 460 16.46 31.84 52.96
CA ALA C 460 17.69 32.61 53.05
C ALA C 460 17.59 33.67 54.14
N PRO D 20 16.79 36.64 31.44
CA PRO D 20 16.42 35.28 31.81
C PRO D 20 15.07 34.88 31.26
N PRO D 21 14.76 33.59 31.20
CA PRO D 21 13.40 33.18 30.83
C PRO D 21 12.40 33.60 31.88
N PRO D 22 11.12 33.69 31.52
CA PRO D 22 10.10 34.06 32.49
C PRO D 22 9.90 32.97 33.52
N PRO D 23 9.73 33.32 34.79
CA PRO D 23 9.57 32.30 35.83
C PRO D 23 8.25 31.60 35.68
N PRO D 24 8.11 30.37 36.20
CA PRO D 24 6.89 29.61 35.94
C PRO D 24 5.65 30.22 36.57
N LYS D 25 5.80 31.00 37.62
CA LYS D 25 4.68 31.71 38.23
C LYS D 25 4.16 32.83 37.34
N LYS D 26 4.98 33.36 36.43
CA LYS D 26 4.51 34.33 35.45
C LYS D 26 3.77 33.67 34.28
N ILE D 27 4.27 32.55 33.79
CA ILE D 27 3.56 31.81 32.72
C ILE D 27 2.20 31.33 33.21
N TYR D 28 2.13 30.86 34.45
CA TYR D 28 0.86 30.48 35.05
C TYR D 28 -0.14 31.64 35.03
N ASN D 29 0.29 32.83 35.45
CA ASN D 29 -0.61 33.99 35.43
C ASN D 29 -1.07 34.35 34.02
N TYR D 30 -0.35 33.97 32.98
CA TYR D 30 -0.86 34.17 31.63
C TYR D 30 -1.91 33.12 31.25
N LEU D 31 -1.61 31.85 31.49
CA LEU D 31 -2.58 30.79 31.21
C LEU D 31 -3.87 31.02 32.00
N ASP D 32 -3.75 31.53 33.23
CA ASP D 32 -4.91 31.74 34.09
C ASP D 32 -5.92 32.73 33.51
N LYS D 33 -5.52 33.53 32.51
CA LYS D 33 -6.42 34.49 31.90
C LYS D 33 -7.38 33.87 30.88
N TYR D 34 -7.02 32.72 30.31
CA TYR D 34 -7.84 32.06 29.30
C TYR D 34 -8.48 30.77 29.76
N VAL D 35 -7.83 30.04 30.66
CA VAL D 35 -8.30 28.73 31.11
C VAL D 35 -8.78 28.90 32.54
N VAL D 36 -10.03 28.53 32.81
CA VAL D 36 -10.60 28.78 34.12
C VAL D 36 -10.07 27.78 35.15
N GLY D 37 -10.33 26.50 34.96
CA GLY D 37 -9.98 25.49 35.94
C GLY D 37 -8.53 25.04 35.87
N GLN D 38 -8.30 23.80 36.30
CA GLN D 38 -7.11 23.03 35.97
C GLN D 38 -5.81 23.73 36.36
N SER D 39 -5.78 24.19 37.61
CA SER D 39 -4.58 24.82 38.17
C SER D 39 -3.37 23.89 38.15
N PHE D 40 -3.60 22.58 38.21
CA PHE D 40 -2.47 21.64 38.14
C PHE D 40 -1.84 21.58 36.76
N ALA D 41 -2.64 21.46 35.71
CA ALA D 41 -2.10 21.43 34.36
C ALA D 41 -1.43 22.74 33.96
N LYS D 42 -1.96 23.87 34.42
CA LYS D 42 -1.27 25.14 34.25
C LYS D 42 0.10 25.14 34.92
N LYS D 43 0.17 24.59 36.12
CA LYS D 43 1.42 24.54 36.87
C LYS D 43 2.45 23.67 36.18
N VAL D 44 2.05 22.50 35.69
CA VAL D 44 2.98 21.59 35.02
C VAL D 44 3.50 22.20 33.72
N LEU D 45 2.61 22.77 32.91
CA LEU D 45 3.04 23.40 31.66
C LEU D 45 3.92 24.62 31.88
N SER D 46 3.64 25.40 32.92
CA SER D 46 4.49 26.55 33.24
C SER D 46 5.91 26.13 33.61
N VAL D 47 6.06 25.14 34.49
CA VAL D 47 7.38 24.65 34.86
C VAL D 47 8.08 24.00 33.68
N ALA D 48 7.34 23.25 32.87
CA ALA D 48 7.94 22.54 31.75
C ALA D 48 8.52 23.49 30.71
N VAL D 49 7.87 24.64 30.49
CA VAL D 49 8.43 25.64 29.58
C VAL D 49 9.65 26.31 30.20
N TYR D 50 9.59 26.58 31.50
CA TYR D 50 10.75 27.14 32.21
C TYR D 50 11.96 26.20 32.18
N ASN D 51 11.74 24.90 32.42
CA ASN D 51 12.82 23.92 32.29
C ASN D 51 13.34 23.80 30.88
N HIS D 52 12.49 24.01 29.87
CA HIS D 52 12.93 23.97 28.49
C HIS D 52 13.97 25.04 28.18
N TYR D 53 13.70 26.29 28.57
CA TYR D 53 14.67 27.35 28.32
C TYR D 53 15.96 27.13 29.11
N LYS D 54 15.86 26.69 30.36
CA LYS D 54 17.05 26.36 31.14
C LYS D 54 17.85 25.23 30.50
N ARG D 55 17.16 24.21 29.98
CA ARG D 55 17.85 23.11 29.32
C ARG D 55 18.58 23.54 28.06
N ILE D 56 17.89 24.25 27.16
CA ILE D 56 18.53 24.58 25.88
C ILE D 56 19.70 25.54 26.06
N TYR D 57 19.69 26.38 27.09
CA TYR D 57 20.89 27.15 27.41
C TYR D 57 22.00 26.27 27.96
N ASN D 58 21.65 25.23 28.73
CA ASN D 58 22.66 24.31 29.24
C ASN D 58 23.20 23.41 28.14
N ASN D 59 22.31 22.83 27.35
CA ASN D 59 22.70 21.77 26.42
C ASN D 59 23.32 22.31 25.14
N ILE D 60 23.28 23.62 24.93
CA ILE D 60 23.75 24.24 23.70
C ILE D 60 24.65 25.40 24.08
N PRO D 61 25.84 25.54 23.47
CA PRO D 61 26.73 26.69 23.67
C PRO D 61 26.02 28.04 23.50
N GLU D 128 37.20 9.02 18.25
CA GLU D 128 38.32 9.41 19.08
C GLU D 128 38.68 8.31 20.07
N VAL D 129 39.82 8.46 20.74
CA VAL D 129 40.12 7.71 21.95
C VAL D 129 40.05 8.68 23.13
N LEU D 130 39.33 8.27 24.18
CA LEU D 130 38.92 9.20 25.21
C LEU D 130 39.34 8.71 26.58
N ASP D 131 39.87 9.63 27.37
CA ASP D 131 39.94 9.51 28.81
C ASP D 131 39.69 10.89 29.40
N SER D 132 38.94 10.93 30.51
CA SER D 132 38.78 12.17 31.24
C SER D 132 38.30 11.87 32.64
N SER D 133 38.51 12.86 33.53
CA SER D 133 37.95 12.77 34.87
C SER D 133 36.45 13.02 34.89
N HIS D 134 35.95 13.83 33.96
CA HIS D 134 34.53 14.14 33.89
C HIS D 134 34.21 14.78 32.55
N ASP D 135 32.91 14.92 32.28
CA ASP D 135 32.42 15.76 31.20
C ASP D 135 31.20 16.53 31.70
N ASP D 136 30.91 17.64 31.03
CA ASP D 136 29.84 18.52 31.46
C ASP D 136 28.49 17.81 31.42
N ILE D 137 27.71 17.99 32.48
CA ILE D 137 26.40 17.35 32.60
C ILE D 137 25.48 17.90 31.53
N LYS D 138 24.93 17.00 30.71
CA LYS D 138 23.91 17.36 29.73
C LYS D 138 22.54 17.04 30.29
N LEU D 139 21.65 18.03 30.27
CA LEU D 139 20.30 17.88 30.78
C LEU D 139 19.42 17.19 29.74
N GLU D 140 18.80 16.08 30.13
CA GLU D 140 17.77 15.46 29.31
C GLU D 140 16.43 16.19 29.46
N LYS D 141 15.51 15.86 28.57
CA LYS D 141 14.17 16.45 28.55
C LYS D 141 13.16 15.51 29.22
N SER D 142 11.95 16.02 29.43
CA SER D 142 10.84 15.22 29.95
C SER D 142 9.57 15.59 29.21
N ASN D 143 9.19 14.76 28.24
CA ASN D 143 7.95 14.93 27.50
C ASN D 143 6.74 14.83 28.42
N ILE D 144 5.62 15.37 27.98
CA ILE D 144 4.41 15.51 28.79
C ILE D 144 3.26 14.76 28.11
N LEU D 145 2.35 14.22 28.92
CA LEU D 145 1.09 13.67 28.42
C LEU D 145 -0.08 14.34 29.13
N LEU D 146 -1.00 14.92 28.35
CA LEU D 146 -2.22 15.55 28.87
C LEU D 146 -3.42 14.64 28.66
N LEU D 147 -4.14 14.35 29.74
CA LEU D 147 -5.34 13.52 29.68
C LEU D 147 -6.55 14.31 30.17
N GLY D 148 -7.70 14.06 29.56
CA GLY D 148 -8.93 14.61 30.06
C GLY D 148 -10.08 14.63 29.08
N PRO D 149 -11.29 14.80 29.60
CA PRO D 149 -12.50 14.65 28.79
C PRO D 149 -12.60 15.71 27.70
N THR D 150 -13.56 15.49 26.80
CA THR D 150 -13.84 16.48 25.76
C THR D 150 -14.32 17.79 26.37
N GLY D 151 -13.90 18.90 25.76
CA GLY D 151 -14.25 20.22 26.25
C GLY D 151 -13.64 20.59 27.58
N SER D 152 -12.57 19.91 28.00
CA SER D 152 -11.92 20.17 29.27
C SER D 152 -10.87 21.26 29.21
N GLY D 153 -10.27 21.50 28.05
CA GLY D 153 -9.25 22.53 27.93
C GLY D 153 -7.90 22.04 27.45
N LYS D 154 -7.85 20.82 26.92
CA LYS D 154 -6.59 20.23 26.47
C LYS D 154 -6.00 20.99 25.30
N THR D 155 -6.82 21.31 24.30
CA THR D 155 -6.34 22.11 23.17
C THR D 155 -6.23 23.59 23.50
N LEU D 156 -7.10 24.11 24.36
CA LEU D 156 -7.00 25.51 24.76
C LEU D 156 -5.70 25.81 25.51
N LEU D 157 -5.25 24.87 26.35
CA LEU D 157 -3.95 25.03 27.00
C LEU D 157 -2.81 25.04 25.98
N ALA D 158 -2.87 24.16 24.99
CA ALA D 158 -1.86 24.13 23.93
C ALA D 158 -1.84 25.42 23.13
N GLN D 159 -3.00 25.84 22.62
CA GLN D 159 -3.11 27.05 21.82
C GLN D 159 -2.85 28.34 22.60
N THR D 160 -3.12 28.34 23.91
CA THR D 160 -2.79 29.51 24.72
C THR D 160 -1.29 29.60 24.98
N LEU D 161 -0.69 28.48 25.39
CA LEU D 161 0.74 28.48 25.66
C LEU D 161 1.54 28.86 24.43
N ALA D 162 1.18 28.32 23.27
CA ALA D 162 1.94 28.54 22.04
C ALA D 162 2.06 30.02 21.68
N LYS D 163 1.11 30.85 22.10
CA LYS D 163 1.20 32.28 21.84
C LYS D 163 2.31 32.98 22.62
N CYS D 164 2.76 32.40 23.73
CA CYS D 164 3.78 33.03 24.56
C CYS D 164 5.10 32.29 24.53
N LEU D 165 5.38 31.52 23.49
CA LEU D 165 6.64 30.81 23.33
C LEU D 165 7.57 31.60 22.42
N ASP D 166 8.81 31.78 22.87
CA ASP D 166 9.84 32.39 22.04
C ASP D 166 10.44 31.42 21.02
N VAL D 167 10.42 30.12 21.33
CA VAL D 167 10.86 29.07 20.41
C VAL D 167 9.75 28.69 19.43
N PRO D 168 10.07 28.10 18.29
CA PRO D 168 9.03 27.68 17.35
C PRO D 168 8.21 26.52 17.89
N PHE D 169 7.04 26.33 17.30
CA PHE D 169 6.14 25.28 17.75
C PHE D 169 5.34 24.71 16.58
N ALA D 170 4.89 23.47 16.74
CA ALA D 170 3.99 22.83 15.79
C ALA D 170 2.87 22.12 16.53
N ILE D 171 1.65 22.29 16.06
CA ILE D 171 0.49 21.58 16.57
C ILE D 171 -0.01 20.65 15.46
N CYS D 172 -0.08 19.35 15.75
CA CYS D 172 -0.32 18.39 14.69
C CYS D 172 -1.08 17.18 15.24
N ASP D 173 -1.67 16.44 14.31
CA ASP D 173 -2.74 15.49 14.59
C ASP D 173 -2.24 14.08 14.32
N CYS D 174 -2.26 13.23 15.35
CA CYS D 174 -1.78 11.86 15.19
C CYS D 174 -2.72 10.98 14.35
N THR D 175 -3.93 11.41 14.06
CA THR D 175 -4.82 10.60 13.21
C THR D 175 -4.46 10.65 11.74
N THR D 176 -3.57 11.53 11.32
CA THR D 176 -3.14 11.60 9.93
C THR D 176 -1.99 10.66 9.61
N LEU D 177 -1.22 10.27 10.61
CA LEU D 177 0.01 9.53 10.42
C LEU D 177 -0.25 8.07 10.10
N THR D 178 0.71 7.45 9.39
CA THR D 178 0.79 6.00 9.22
C THR D 178 2.27 5.61 9.25
N GLN D 179 2.52 4.32 9.48
CA GLN D 179 3.87 3.80 9.32
C GLN D 179 4.33 3.88 7.87
N ALA D 180 5.65 3.79 7.68
CA ALA D 180 6.25 3.97 6.37
C ALA D 180 5.85 2.88 5.38
N GLY D 181 5.70 3.28 4.12
CA GLY D 181 5.31 2.39 3.03
C GLY D 181 3.84 2.36 2.70
N TYR D 182 3.00 3.00 3.52
CA TYR D 182 1.56 3.02 3.36
C TYR D 182 1.06 4.43 3.16
N VAL D 183 -0.08 4.54 2.46
CA VAL D 183 -0.68 5.85 2.19
C VAL D 183 -1.05 6.55 3.48
N GLY D 184 -0.66 7.81 3.58
CA GLY D 184 -0.84 8.59 4.79
C GLY D 184 0.26 9.63 4.88
N GLU D 185 0.20 10.41 5.96
CA GLU D 185 1.32 11.29 6.27
C GLU D 185 2.48 10.51 6.88
N ASP D 186 3.69 10.83 6.42
CA ASP D 186 4.89 10.35 7.10
C ASP D 186 5.05 11.00 8.46
N ILE D 187 5.55 10.22 9.42
CA ILE D 187 5.71 10.71 10.78
C ILE D 187 6.67 11.89 10.82
N GLU D 188 7.66 11.91 9.91
CA GLU D 188 8.59 13.03 9.83
C GLU D 188 7.92 14.34 9.44
N SER D 189 6.68 14.30 8.93
CA SER D 189 5.94 15.52 8.64
C SER D 189 5.77 16.39 9.88
N VAL D 190 5.69 15.77 11.05
CA VAL D 190 5.64 16.49 12.32
C VAL D 190 6.78 17.48 12.45
N ILE D 191 7.98 17.07 12.04
CA ILE D 191 9.13 17.96 12.12
C ILE D 191 9.17 18.94 10.95
N ALA D 192 8.74 18.50 9.76
CA ALA D 192 8.67 19.40 8.62
C ALA D 192 7.77 20.59 8.89
N LYS D 193 6.63 20.37 9.55
CA LYS D 193 5.76 21.47 9.94
C LYS D 193 6.43 22.40 10.93
N LEU D 194 7.23 21.85 11.84
CA LEU D 194 8.00 22.65 12.79
C LEU D 194 9.10 23.43 12.09
N LEU D 195 9.78 22.81 11.13
CA LEU D 195 10.83 23.52 10.39
C LEU D 195 10.27 24.66 9.55
N GLN D 196 9.07 24.48 8.98
CA GLN D 196 8.41 25.59 8.32
C GLN D 196 8.09 26.71 9.32
N ASP D 197 7.52 26.36 10.46
CA ASP D 197 7.23 27.34 11.50
C ASP D 197 8.48 28.11 11.92
N ALA D 198 9.63 27.47 11.91
CA ALA D 198 10.89 28.15 12.24
C ALA D 198 11.46 28.96 11.08
N ASN D 199 10.69 29.14 10.01
CA ASN D 199 11.17 29.75 8.77
C ASN D 199 12.46 29.12 8.28
N TYR D 200 12.54 27.80 8.41
CA TYR D 200 13.65 26.99 7.90
C TYR D 200 14.99 27.35 8.53
N ASN D 201 14.99 28.07 9.64
CA ASN D 201 16.18 28.22 10.47
C ASN D 201 16.32 26.93 11.27
N VAL D 202 17.12 26.01 10.74
CA VAL D 202 17.26 24.68 11.32
C VAL D 202 17.67 24.75 12.78
N GLU D 203 18.66 25.60 13.09
CA GLU D 203 19.19 25.69 14.45
C GLU D 203 18.17 26.25 15.43
N LYS D 204 17.15 26.95 14.95
CA LYS D 204 16.01 27.37 15.77
C LYS D 204 14.93 26.31 15.88
N ALA D 205 14.67 25.56 14.81
CA ALA D 205 13.70 24.48 14.87
C ALA D 205 14.09 23.42 15.87
N GLN D 206 15.39 23.16 16.01
CA GLN D 206 15.89 22.20 16.99
C GLN D 206 15.58 22.56 18.43
N GLN D 207 15.03 23.74 18.70
CA GLN D 207 14.62 24.13 20.04
C GLN D 207 13.11 24.10 20.25
N GLY D 208 12.34 23.66 19.26
CA GLY D 208 10.91 23.83 19.27
C GLY D 208 10.17 22.92 20.23
N ILE D 209 8.85 23.16 20.28
CA ILE D 209 7.92 22.35 21.07
C ILE D 209 6.84 21.81 20.13
N VAL D 210 6.54 20.52 20.25
CA VAL D 210 5.59 19.86 19.36
C VAL D 210 4.41 19.35 20.18
N PHE D 211 3.21 19.80 19.85
CA PHE D 211 1.98 19.35 20.51
C PHE D 211 1.32 18.28 19.65
N LEU D 212 1.36 17.03 20.11
CA LEU D 212 0.72 15.89 19.44
C LEU D 212 -0.69 15.70 20.01
N ASP D 213 -1.69 16.18 19.29
CA ASP D 213 -3.08 15.89 19.63
C ASP D 213 -3.48 14.46 19.26
N GLN D 214 -4.61 14.01 19.83
CA GLN D 214 -5.24 12.75 19.47
C GLN D 214 -4.34 11.54 19.71
N VAL D 215 -3.43 11.61 20.67
CA VAL D 215 -2.50 10.51 20.92
C VAL D 215 -3.18 9.24 21.42
N ASP D 216 -4.40 9.32 21.92
CA ASP D 216 -5.09 8.08 22.26
C ASP D 216 -5.55 7.28 21.05
N LYS D 217 -5.68 7.92 19.89
CA LYS D 217 -6.19 7.23 18.70
C LYS D 217 -5.16 6.33 18.03
N ILE D 218 -3.90 6.36 18.45
CA ILE D 218 -2.90 5.45 17.91
C ILE D 218 -2.68 4.27 18.84
N GLY D 219 -3.55 4.08 19.82
CA GLY D 219 -3.42 2.94 20.71
C GLY D 219 -3.61 1.62 19.97
N SER D 220 -2.93 0.60 20.45
CA SER D 220 -3.00 -0.72 19.85
C SER D 220 -4.40 -1.33 20.04
N VAL D 221 -4.74 -2.25 19.15
CA VAL D 221 -6.04 -2.91 19.20
C VAL D 221 -5.85 -4.43 19.13
N LEU D 227 -1.82 -9.10 9.49
CA LEU D 227 -2.14 -7.76 9.03
C LEU D 227 -1.60 -6.72 10.02
N ARG D 228 -0.78 -5.81 9.54
CA ARG D 228 -0.14 -4.84 10.41
C ARG D 228 -1.11 -3.73 10.81
N ASP D 229 -0.88 -3.18 12.00
CA ASP D 229 -1.67 -2.07 12.54
C ASP D 229 -1.10 -0.74 12.04
N VAL D 230 -1.31 -0.51 10.74
CA VAL D 230 -0.61 0.56 10.02
C VAL D 230 -0.85 1.93 10.64
N GLY D 231 -2.00 2.14 11.27
CA GLY D 231 -2.28 3.43 11.87
C GLY D 231 -2.22 3.51 13.39
N GLY D 232 -2.00 2.38 14.04
CA GLY D 232 -2.01 2.32 15.49
C GLY D 232 -0.62 2.04 16.01
N GLU D 233 -0.41 0.81 16.49
CA GLU D 233 0.90 0.40 16.99
C GLU D 233 2.03 0.70 16.02
N GLY D 234 1.76 0.63 14.72
CA GLY D 234 2.77 0.98 13.73
C GLY D 234 3.21 2.42 13.80
N VAL D 235 2.33 3.31 14.24
CA VAL D 235 2.67 4.72 14.42
C VAL D 235 3.35 4.96 15.76
N GLN D 236 2.89 4.29 16.81
CA GLN D 236 3.55 4.40 18.11
C GLN D 236 5.02 4.05 18.02
N GLN D 237 5.32 2.91 17.41
CA GLN D 237 6.69 2.40 17.29
C GLN D 237 7.53 3.18 16.29
N GLY D 238 6.94 4.05 15.48
CA GLY D 238 7.71 4.94 14.64
C GLY D 238 8.15 6.21 15.33
N LEU D 239 7.32 6.71 16.25
CA LEU D 239 7.64 7.89 17.04
C LEU D 239 8.73 7.67 18.08
N LEU D 240 9.07 6.41 18.40
CA LEU D 240 9.95 6.13 19.53
C LEU D 240 11.28 6.85 19.46
N LYS D 241 11.88 6.95 18.27
CA LYS D 241 13.14 7.66 18.13
C LYS D 241 12.99 9.12 17.71
N LEU D 242 11.78 9.59 17.42
CA LEU D 242 11.54 11.03 17.49
C LEU D 242 11.52 11.53 18.92
N LEU D 243 10.84 10.81 19.81
CA LEU D 243 10.70 11.25 21.19
C LEU D 243 12.03 11.23 21.93
N GLU D 244 12.83 10.16 21.77
CA GLU D 244 14.13 10.14 22.43
C GLU D 244 15.14 11.05 21.74
N GLY D 245 15.02 11.22 20.43
CA GLY D 245 15.92 12.09 19.69
C GLY D 245 16.74 11.33 18.67
N THR D 246 16.63 11.74 17.41
CA THR D 246 17.46 11.20 16.34
C THR D 246 17.66 12.28 15.29
N ILE D 247 18.59 12.02 14.37
CA ILE D 247 18.75 12.84 13.17
C ILE D 247 17.65 12.48 12.18
N VAL D 248 16.74 13.41 11.95
CA VAL D 248 15.59 13.22 11.06
C VAL D 248 15.89 13.93 9.74
N ASN D 249 15.72 13.23 8.63
CA ASN D 249 15.75 13.85 7.32
C ASN D 249 14.40 14.49 7.02
N VAL D 250 14.38 15.80 6.90
CA VAL D 250 13.18 16.58 6.65
C VAL D 250 13.23 17.07 5.20
N PRO D 251 12.24 16.74 4.37
CA PRO D 251 12.13 17.40 3.06
C PRO D 251 11.54 18.79 3.21
N GLU D 252 12.20 19.79 2.63
CA GLU D 252 11.74 21.15 2.77
C GLU D 252 12.19 21.99 1.59
N LYS D 253 11.42 23.04 1.31
CA LYS D 253 11.74 24.12 0.36
C LYS D 253 12.57 23.69 -0.84
N GLU D 261 16.39 16.75 -2.25
CA GLU D 261 17.19 17.31 -1.16
C GLU D 261 16.41 17.20 0.14
N THR D 262 17.11 16.97 1.26
CA THR D 262 16.48 16.92 2.57
C THR D 262 17.38 17.58 3.60
N VAL D 263 16.74 18.06 4.67
CA VAL D 263 17.41 18.78 5.76
C VAL D 263 17.42 17.89 7.00
N GLN D 264 18.58 17.81 7.65
CA GLN D 264 18.76 16.97 8.83
C GLN D 264 18.45 17.77 10.10
N VAL D 265 17.39 17.38 10.80
CA VAL D 265 16.97 18.04 12.02
C VAL D 265 17.19 17.06 13.17
N ASP D 266 17.98 17.46 14.16
CA ASP D 266 18.25 16.67 15.36
C ASP D 266 17.17 16.99 16.40
N THR D 267 16.34 16.01 16.73
CA THR D 267 15.23 16.19 17.66
C THR D 267 15.60 15.95 19.11
N THR D 268 16.89 15.89 19.45
CA THR D 268 17.29 15.57 20.82
C THR D 268 16.78 16.59 21.83
N ASN D 269 16.72 17.89 21.45
CA ASN D 269 16.26 18.92 22.37
C ASN D 269 14.82 19.35 22.14
N ILE D 270 14.16 18.86 21.09
CA ILE D 270 12.76 19.19 20.87
C ILE D 270 11.91 18.56 21.97
N LEU D 271 10.96 19.31 22.51
CA LEU D 271 10.08 18.85 23.57
C LEU D 271 8.75 18.46 22.94
N PHE D 272 8.24 17.29 23.31
CA PHE D 272 6.96 16.82 22.81
C PHE D 272 5.92 16.86 23.92
N VAL D 273 4.75 17.40 23.59
CA VAL D 273 3.59 17.41 24.47
C VAL D 273 2.47 16.65 23.79
N ALA D 274 2.04 15.55 24.39
CA ALA D 274 0.96 14.75 23.84
C ALA D 274 -0.35 15.07 24.56
N SER D 275 -1.46 14.84 23.87
CA SER D 275 -2.78 15.03 24.47
C SER D 275 -3.73 13.97 23.97
N GLY D 276 -4.63 13.51 24.83
CA GLY D 276 -5.66 12.58 24.43
C GLY D 276 -6.76 12.53 25.45
N ALA D 277 -7.92 12.05 25.03
CA ALA D 277 -9.02 11.86 25.97
C ALA D 277 -8.92 10.53 26.71
N PHE D 278 -8.40 9.49 26.06
CA PHE D 278 -8.26 8.16 26.65
C PHE D 278 -9.58 7.67 27.24
N ASN D 279 -10.61 7.68 26.40
CA ASN D 279 -11.94 7.24 26.80
C ASN D 279 -11.95 5.81 27.32
N GLY D 280 -12.30 5.64 28.58
CA GLY D 280 -12.31 4.34 29.21
C GLY D 280 -11.08 3.98 30.00
N LEU D 281 -10.17 4.93 30.22
CA LEU D 281 -9.01 4.66 31.07
C LEU D 281 -9.36 4.70 32.55
N ASP D 282 -10.36 5.48 32.94
CA ASP D 282 -10.83 5.44 34.32
C ASP D 282 -11.36 4.07 34.69
N ARG D 283 -12.02 3.39 33.74
CA ARG D 283 -12.46 2.03 33.96
C ARG D 283 -11.28 1.08 34.21
N ILE D 284 -10.18 1.28 33.49
CA ILE D 284 -8.98 0.48 33.72
C ILE D 284 -8.35 0.76 35.07
N ILE D 285 -8.32 2.03 35.49
CA ILE D 285 -7.81 2.38 36.81
C ILE D 285 -8.69 1.84 37.93
N SER D 286 -10.00 1.81 37.71
CA SER D 286 -10.91 1.21 38.69
C SER D 286 -10.59 -0.25 38.94
N ARG D 287 -10.44 -1.05 37.88
CA ARG D 287 -10.02 -2.44 38.02
C ARG D 287 -8.73 -2.59 38.81
N ARG D 288 -7.75 -1.72 38.53
CA ARG D 288 -6.41 -1.87 39.10
C ARG D 288 -6.41 -1.86 40.62
N LYS D 289 -7.19 -0.97 41.23
CA LYS D 289 -7.15 -0.78 42.66
C LYS D 289 -8.36 -1.31 43.41
N ASN D 290 -9.45 -1.63 42.72
CA ASN D 290 -10.61 -2.20 43.40
C ASN D 290 -10.58 -3.72 43.49
N GLU D 291 -9.97 -4.42 42.53
CA GLU D 291 -10.04 -5.87 42.52
C GLU D 291 -9.20 -6.50 43.62
N LYS D 292 -9.82 -7.42 44.36
CA LYS D 292 -9.23 -8.21 45.43
C LYS D 292 -8.81 -9.58 44.91
N TYR D 293 -8.38 -10.45 45.84
CA TYR D 293 -8.16 -11.86 45.51
C TYR D 293 -9.48 -12.56 45.18
N LEU D 294 -9.40 -13.54 44.28
CA LEU D 294 -10.60 -14.16 43.73
C LEU D 294 -11.22 -15.21 44.66
N GLY D 295 -10.42 -16.20 45.06
CA GLY D 295 -10.95 -17.36 45.77
C GLY D 295 -10.98 -17.23 47.27
N PHE D 296 -11.08 -18.39 47.93
CA PHE D 296 -10.80 -18.52 49.35
C PHE D 296 -9.30 -18.30 49.59
N GLY D 297 -8.96 -17.26 50.33
CA GLY D 297 -7.60 -16.77 50.36
C GLY D 297 -6.62 -17.66 51.12
N THR D 298 -6.77 -17.74 52.43
CA THR D 298 -5.71 -18.20 53.30
C THR D 298 -6.33 -18.62 54.63
N PRO D 299 -5.58 -19.28 55.51
CA PRO D 299 -6.13 -19.58 56.85
C PRO D 299 -6.48 -18.35 57.66
N SER D 300 -6.02 -17.16 57.26
CA SER D 300 -6.51 -15.89 57.79
C SER D 300 -7.37 -15.18 56.75
N ASN D 301 -8.56 -14.74 57.18
CA ASN D 301 -9.46 -13.85 56.44
C ASN D 301 -10.06 -14.44 55.16
N LEU D 302 -9.93 -15.73 54.93
CA LEU D 302 -10.64 -16.35 53.81
C LEU D 302 -12.12 -16.50 54.12
N GLY D 303 -12.95 -16.25 53.12
CA GLY D 303 -14.40 -16.39 53.25
C GLY D 303 -15.01 -15.49 54.31
N HIS D 324 -24.29 13.39 39.50
CA HIS D 324 -22.99 13.69 38.92
C HIS D 324 -21.87 13.11 39.78
N GLN D 325 -22.25 12.30 40.76
CA GLN D 325 -21.27 11.60 41.58
C GLN D 325 -20.46 10.58 40.79
N ASP D 326 -20.95 10.14 39.63
CA ASP D 326 -20.11 9.37 38.71
C ASP D 326 -19.04 10.24 38.07
N ILE D 327 -19.39 11.46 37.67
CA ILE D 327 -18.39 12.39 37.15
C ILE D 327 -17.38 12.77 38.23
N GLU D 328 -17.84 12.91 39.48
CA GLU D 328 -16.93 13.09 40.61
C GLU D 328 -15.94 11.94 40.72
N GLU D 329 -16.43 10.69 40.69
CA GLU D 329 -15.52 9.56 40.73
C GLU D 329 -14.65 9.48 39.48
N LYS D 330 -15.21 9.82 38.32
CA LYS D 330 -14.45 9.86 37.07
C LYS D 330 -13.19 10.70 37.22
N ASP D 331 -13.29 11.88 37.83
CA ASP D 331 -12.12 12.72 38.02
C ASP D 331 -11.26 12.27 39.19
N ARG D 332 -11.87 11.81 40.28
CA ARG D 332 -11.07 11.40 41.45
C ARG D 332 -10.24 10.17 41.15
N LEU D 333 -10.74 9.31 40.26
CA LEU D 333 -10.03 8.09 39.90
C LEU D 333 -8.96 8.36 38.86
N LEU D 334 -9.22 9.24 37.91
CA LEU D 334 -8.27 9.52 36.85
C LEU D 334 -6.99 10.16 37.38
N ARG D 335 -7.09 10.86 38.52
CA ARG D 335 -5.91 11.42 39.17
C ARG D 335 -4.85 10.37 39.51
N HIS D 336 -5.25 9.10 39.62
CA HIS D 336 -4.37 8.02 39.99
C HIS D 336 -3.80 7.26 38.79
N VAL D 337 -3.93 7.82 37.59
CA VAL D 337 -3.38 7.17 36.41
C VAL D 337 -1.89 6.93 36.61
N GLU D 338 -1.43 5.76 36.16
CA GLU D 338 -0.03 5.37 36.26
C GLU D 338 0.37 4.69 34.96
N ALA D 339 1.69 4.53 34.79
CA ALA D 339 2.22 3.90 33.58
C ALA D 339 1.61 2.53 33.29
N ARG D 340 1.30 1.76 34.33
CA ARG D 340 0.68 0.45 34.10
C ARG D 340 -0.68 0.56 33.44
N ASP D 341 -1.37 1.68 33.62
CA ASP D 341 -2.72 1.83 33.06
C ASP D 341 -2.67 2.27 31.61
N LEU D 342 -1.73 3.14 31.26
CA LEU D 342 -1.53 3.49 29.86
C LEU D 342 -1.04 2.30 29.04
N ILE D 343 -0.25 1.40 29.64
CA ILE D 343 0.15 0.18 28.95
C ILE D 343 -1.02 -0.77 28.75
N GLU D 344 -1.92 -0.88 29.73
CA GLU D 344 -3.11 -1.69 29.53
C GLU D 344 -4.05 -1.07 28.49
N PHE D 345 -4.14 0.25 28.47
CA PHE D 345 -4.98 0.92 27.47
C PHE D 345 -4.51 0.58 26.06
N GLY D 346 -3.25 0.24 25.89
CA GLY D 346 -2.73 -0.16 24.61
C GLY D 346 -1.61 0.69 24.06
N MET D 347 -1.05 1.56 24.87
CA MET D 347 0.19 2.23 24.51
C MET D 347 1.35 1.31 24.87
N ILE D 348 2.26 1.07 23.93
CA ILE D 348 3.33 0.08 24.17
C ILE D 348 4.31 0.58 25.23
N PRO D 349 4.93 -0.31 25.99
CA PRO D 349 5.86 0.13 27.06
C PRO D 349 6.98 1.02 26.57
N GLU D 350 7.48 0.78 25.37
CA GLU D 350 8.53 1.62 24.80
C GLU D 350 8.10 3.08 24.79
N PHE D 351 6.82 3.32 24.46
CA PHE D 351 6.27 4.64 24.20
C PHE D 351 5.83 5.32 25.49
N VAL D 352 5.14 4.59 26.35
CA VAL D 352 4.78 5.11 27.67
C VAL D 352 6.01 5.50 28.49
N GLY D 353 7.10 4.75 28.35
CA GLY D 353 8.32 5.05 29.09
C GLY D 353 8.94 6.38 28.82
N ARG D 354 8.65 7.00 27.67
CA ARG D 354 9.30 8.24 27.30
C ARG D 354 8.31 9.40 27.17
N LEU D 355 7.15 9.27 27.79
CA LEU D 355 6.25 10.37 28.13
C LEU D 355 6.12 10.43 29.65
N PRO D 356 7.18 10.82 30.35
CA PRO D 356 7.23 10.60 31.82
C PRO D 356 6.29 11.47 32.64
N VAL D 357 5.90 12.64 32.17
CA VAL D 357 5.06 13.56 32.93
C VAL D 357 3.61 13.37 32.51
N VAL D 358 2.80 12.80 33.39
CA VAL D 358 1.39 12.52 33.13
C VAL D 358 0.53 13.54 33.87
N VAL D 359 -0.40 14.16 33.16
CA VAL D 359 -1.16 15.32 33.66
C VAL D 359 -2.64 15.09 33.44
N PRO D 360 -3.43 14.76 34.46
CA PRO D 360 -4.86 14.62 34.27
C PRO D 360 -5.62 15.93 34.45
N LEU D 361 -6.41 16.32 33.44
CA LEU D 361 -7.34 17.43 33.55
C LEU D 361 -8.68 16.96 34.10
N HIS D 362 -9.30 17.80 34.94
CA HIS D 362 -10.62 17.53 35.47
C HIS D 362 -11.73 18.02 34.53
N SER D 363 -12.90 17.40 34.66
CA SER D 363 -14.12 17.88 34.05
C SER D 363 -14.61 19.16 34.70
N LEU D 364 -15.53 19.84 34.03
CA LEU D 364 -16.00 21.16 34.41
C LEU D 364 -17.36 21.08 35.11
N ASP D 365 -17.45 21.70 36.29
CA ASP D 365 -18.70 21.81 37.04
C ASP D 365 -19.53 23.00 36.56
N GLU D 366 -20.78 23.07 37.03
CA GLU D 366 -21.57 24.28 36.88
C GLU D 366 -20.88 25.50 37.44
N LYS D 367 -20.18 25.36 38.55
CA LYS D 367 -19.51 26.50 39.16
C LYS D 367 -18.45 27.09 38.24
N THR D 368 -17.81 26.25 37.43
CA THR D 368 -16.93 26.72 36.38
C THR D 368 -17.66 27.09 35.11
N LEU D 369 -18.68 26.32 34.71
CA LEU D 369 -19.37 26.66 33.48
C LEU D 369 -20.04 28.03 33.57
N VAL D 370 -20.54 28.38 34.75
CA VAL D 370 -21.00 29.75 34.98
C VAL D 370 -19.85 30.73 34.87
N GLN D 371 -18.67 30.32 35.35
CA GLN D 371 -17.50 31.18 35.29
C GLN D 371 -16.91 31.29 33.89
N ILE D 372 -16.99 30.22 33.09
CA ILE D 372 -16.53 30.27 31.71
C ILE D 372 -17.40 31.21 30.87
N LEU D 373 -18.68 31.35 31.21
CA LEU D 373 -19.55 32.26 30.46
C LEU D 373 -19.12 33.71 30.59
N THR D 374 -18.92 34.19 31.81
CA THR D 374 -18.46 35.56 32.03
C THR D 374 -16.94 35.74 32.02
N GLU D 375 -16.21 34.94 32.82
CA GLU D 375 -14.94 35.39 33.38
C GLU D 375 -13.72 35.43 32.43
N PRO D 376 -13.40 34.38 31.68
CA PRO D 376 -12.11 34.37 30.97
C PRO D 376 -12.13 35.30 29.78
N ARG D 377 -10.95 35.50 29.21
CA ARG D 377 -10.83 36.09 27.88
C ARG D 377 -11.53 35.24 26.83
N ASN D 378 -12.12 35.90 25.83
CA ASN D 378 -12.94 35.25 24.81
C ASN D 378 -14.11 34.46 25.40
N ALA D 379 -14.58 34.86 26.57
CA ALA D 379 -15.69 34.19 27.21
C ALA D 379 -16.90 34.13 26.29
N VAL D 380 -17.75 33.11 26.51
CA VAL D 380 -18.77 32.75 25.54
C VAL D 380 -19.76 33.88 25.29
N ILE D 381 -20.21 34.55 26.35
CA ILE D 381 -21.18 35.64 26.19
C ILE D 381 -20.57 36.91 25.61
N PRO D 382 -19.43 37.39 26.08
CA PRO D 382 -18.79 38.52 25.39
C PRO D 382 -18.63 38.35 23.89
N GLN D 383 -18.52 37.12 23.38
CA GLN D 383 -18.55 36.90 21.93
C GLN D 383 -19.89 37.28 21.32
N TYR D 384 -20.99 36.84 21.95
CA TYR D 384 -22.31 37.21 21.42
C TYR D 384 -22.63 38.68 21.64
N GLN D 385 -22.19 39.27 22.75
CA GLN D 385 -22.34 40.70 22.93
C GLN D 385 -21.64 41.49 21.85
N ALA D 386 -20.48 40.99 21.37
CA ALA D 386 -19.83 41.62 20.23
C ALA D 386 -20.64 41.50 18.94
N LEU D 387 -21.21 40.32 18.67
CA LEU D 387 -22.04 40.17 17.49
C LEU D 387 -23.27 41.08 17.51
N PHE D 388 -23.83 41.33 18.69
CA PHE D 388 -24.92 42.29 18.81
C PHE D 388 -24.43 43.73 18.77
N SER D 389 -23.26 44.00 19.32
CA SER D 389 -22.67 45.34 19.21
C SER D 389 -22.42 45.74 17.76
N MET D 390 -22.09 44.80 16.88
CA MET D 390 -22.00 45.12 15.46
C MET D 390 -23.34 45.57 14.87
N ASP D 391 -24.46 45.25 15.52
CA ASP D 391 -25.78 45.73 15.13
C ASP D 391 -26.27 46.88 16.00
N LYS D 392 -25.39 47.51 16.77
CA LYS D 392 -25.76 48.57 17.70
C LYS D 392 -26.84 48.11 18.69
N CYS D 393 -26.69 46.90 19.21
CA CYS D 393 -27.64 46.32 20.15
C CYS D 393 -26.91 45.83 21.40
N GLU D 394 -27.57 45.97 22.54
CA GLU D 394 -27.05 45.55 23.83
C GLU D 394 -27.76 44.28 24.29
N LEU D 395 -26.99 43.24 24.61
CA LEU D 395 -27.56 41.98 25.09
C LEU D 395 -27.35 41.91 26.60
N ASN D 396 -28.45 41.81 27.35
CA ASN D 396 -28.41 41.68 28.80
C ASN D 396 -28.81 40.26 29.19
N VAL D 397 -27.87 39.54 29.82
CA VAL D 397 -28.15 38.24 30.42
C VAL D 397 -28.01 38.40 31.93
N THR D 398 -29.10 38.17 32.66
CA THR D 398 -29.07 38.40 34.10
C THR D 398 -28.43 37.22 34.82
N GLU D 399 -27.95 37.50 36.04
CA GLU D 399 -27.22 36.52 36.83
C GLU D 399 -28.01 35.23 37.05
N ASP D 400 -29.33 35.34 37.20
CA ASP D 400 -30.15 34.13 37.36
C ASP D 400 -30.22 33.30 36.10
N ALA D 401 -30.02 33.91 34.93
CA ALA D 401 -29.97 33.16 33.68
C ALA D 401 -28.66 32.41 33.50
N LEU D 402 -27.54 32.95 34.00
CA LEU D 402 -26.27 32.27 33.86
C LEU D 402 -26.27 30.90 34.52
N LYS D 403 -26.82 30.79 35.72
CA LYS D 403 -26.92 29.48 36.36
C LYS D 403 -27.70 28.50 35.50
N ALA D 404 -28.80 28.95 34.92
CA ALA D 404 -29.65 28.08 34.11
C ALA D 404 -28.95 27.66 32.82
N ILE D 405 -28.28 28.59 32.13
CA ILE D 405 -27.57 28.23 30.91
C ILE D 405 -26.49 27.19 31.18
N ALA D 406 -25.76 27.35 32.30
CA ALA D 406 -24.79 26.35 32.71
C ALA D 406 -25.43 25.04 33.15
N ARG D 407 -26.61 25.10 33.77
CA ARG D 407 -27.32 23.88 34.13
C ARG D 407 -27.68 23.07 32.91
N LEU D 408 -28.26 23.70 31.89
CA LEU D 408 -28.57 23.01 30.64
C LEU D 408 -27.33 22.50 29.93
N ALA D 409 -26.19 23.20 30.04
CA ALA D 409 -24.97 22.82 29.36
C ALA D 409 -24.36 21.51 29.85
N LEU D 410 -24.58 21.13 31.11
CA LEU D 410 -24.12 19.82 31.55
C LEU D 410 -24.84 18.68 30.86
N GLU D 411 -26.13 18.80 30.63
CA GLU D 411 -26.85 17.70 29.98
C GLU D 411 -26.59 17.62 28.48
N ARG D 412 -25.82 18.53 27.91
CA ARG D 412 -25.32 18.33 26.56
C ARG D 412 -24.20 17.31 26.50
N LYS D 413 -23.54 17.04 27.62
CA LYS D 413 -22.53 15.99 27.74
C LYS D 413 -21.30 16.25 26.88
N THR D 414 -21.01 17.51 26.54
CA THR D 414 -19.91 17.84 25.64
C THR D 414 -19.02 18.93 26.21
N GLY D 415 -18.98 19.08 27.54
CA GLY D 415 -18.11 20.06 28.16
C GLY D 415 -18.51 21.49 27.84
N ALA D 416 -17.51 22.36 27.84
CA ALA D 416 -17.73 23.78 27.60
C ALA D 416 -18.27 24.08 26.20
N ARG D 417 -18.24 23.14 25.28
CA ARG D 417 -18.93 23.32 24.00
C ARG D 417 -20.44 23.31 24.14
N GLY D 418 -20.97 22.83 25.26
CA GLY D 418 -22.40 22.90 25.48
C GLY D 418 -22.91 24.33 25.55
N LEU D 419 -22.11 25.22 26.13
CA LEU D 419 -22.55 26.58 26.39
C LEU D 419 -23.00 27.31 25.14
N ARG D 420 -22.25 27.17 24.03
CA ARG D 420 -22.63 27.86 22.80
C ARG D 420 -23.76 27.17 22.06
N SER D 421 -23.95 25.87 22.27
CA SER D 421 -25.12 25.21 21.68
C SER D 421 -26.42 25.74 22.25
N ILE D 422 -26.44 26.10 23.54
CA ILE D 422 -27.62 26.73 24.12
C ILE D 422 -27.77 28.17 23.65
N MET D 423 -26.69 28.95 23.71
CA MET D 423 -26.73 30.34 23.29
C MET D 423 -27.18 30.50 21.85
N GLU D 424 -26.75 29.61 20.95
CA GLU D 424 -27.23 29.65 19.58
C GLU D 424 -28.70 29.31 19.43
N LYS D 425 -29.28 28.58 20.39
CA LYS D 425 -30.71 28.27 20.36
C LYS D 425 -31.55 29.39 20.96
N LEU D 426 -31.09 30.01 22.05
CA LEU D 426 -31.84 31.10 22.68
C LEU D 426 -31.91 32.32 21.78
N LEU D 427 -30.78 32.76 21.25
CA LEU D 427 -30.70 34.05 20.58
C LEU D 427 -31.18 34.00 19.13
N LEU D 428 -31.60 32.84 18.63
CA LEU D 428 -32.02 32.72 17.23
C LEU D 428 -33.06 33.78 16.86
N GLU D 429 -34.07 33.97 17.71
CA GLU D 429 -35.10 34.96 17.40
C GLU D 429 -34.56 36.39 17.47
N PRO D 430 -33.93 36.84 18.57
CA PRO D 430 -33.27 38.16 18.53
C PRO D 430 -32.34 38.36 17.34
N MET D 431 -31.50 37.37 17.02
CA MET D 431 -30.54 37.54 15.92
C MET D 431 -31.21 37.64 14.56
N PHE D 432 -32.43 37.13 14.41
CA PHE D 432 -33.16 37.33 13.16
C PHE D 432 -33.91 38.66 13.13
N GLU D 433 -34.45 39.10 14.27
CA GLU D 433 -35.28 40.29 14.32
C GLU D 433 -34.51 41.59 14.52
N VAL D 434 -33.35 41.56 15.18
CA VAL D 434 -32.59 42.77 15.52
C VAL D 434 -31.97 43.49 14.32
N PRO D 435 -31.32 42.82 13.36
CA PRO D 435 -30.64 43.55 12.28
C PRO D 435 -31.55 44.52 11.54
N ASN D 436 -31.08 45.78 11.45
CA ASN D 436 -31.79 46.89 10.82
C ASN D 436 -33.14 47.20 11.47
N SER D 437 -33.38 46.71 12.68
CA SER D 437 -34.64 47.00 13.36
C SER D 437 -34.47 48.21 14.27
N ASP D 438 -35.58 48.67 14.83
CA ASP D 438 -35.57 49.73 15.83
C ASP D 438 -35.19 49.24 17.22
N ILE D 439 -34.77 47.98 17.35
CA ILE D 439 -34.42 47.45 18.66
C ILE D 439 -33.08 48.04 19.10
N VAL D 440 -33.01 48.39 20.39
CA VAL D 440 -31.79 48.93 20.97
C VAL D 440 -31.18 48.00 22.01
N CYS D 441 -31.97 47.17 22.69
CA CYS D 441 -31.41 46.22 23.63
C CYS D 441 -32.27 44.96 23.68
N VAL D 442 -31.63 43.85 24.02
CA VAL D 442 -32.27 42.54 24.13
C VAL D 442 -31.98 41.99 25.51
N GLU D 443 -33.00 41.48 26.19
CA GLU D 443 -32.88 41.09 27.58
C GLU D 443 -33.27 39.63 27.76
N VAL D 444 -32.38 38.85 28.37
CA VAL D 444 -32.57 37.43 28.58
C VAL D 444 -32.64 37.19 30.09
N ASP D 445 -33.67 36.47 30.52
CA ASP D 445 -33.88 36.18 31.93
C ASP D 445 -34.21 34.71 32.11
N LYS D 446 -34.22 34.27 33.36
CA LYS D 446 -34.43 32.86 33.68
C LYS D 446 -35.67 32.30 33.01
N GLU D 447 -36.72 33.11 32.89
CA GLU D 447 -37.92 32.67 32.18
C GLU D 447 -37.63 32.41 30.70
N VAL D 448 -36.76 33.21 30.10
CA VAL D 448 -36.42 33.01 28.70
C VAL D 448 -35.61 31.73 28.51
N VAL D 449 -34.62 31.51 29.38
CA VAL D 449 -33.86 30.27 29.35
C VAL D 449 -34.75 29.06 29.59
N GLU D 450 -35.71 29.18 30.52
CA GLU D 450 -36.63 28.08 30.77
C GLU D 450 -37.59 27.81 29.61
N GLY D 451 -37.57 28.63 28.57
CA GLY D 451 -38.39 28.37 27.39
C GLY D 451 -39.85 28.71 27.52
N LYS D 452 -40.23 29.51 28.51
CA LYS D 452 -41.62 29.85 28.78
C LYS D 452 -41.89 31.32 28.56
N LYS D 453 -40.97 32.05 27.96
CA LYS D 453 -41.18 33.43 27.58
C LYS D 453 -40.32 33.78 26.38
N GLU D 454 -40.77 34.75 25.62
CA GLU D 454 -39.94 35.38 24.61
C GLU D 454 -38.95 36.35 25.24
N PRO D 455 -37.77 36.51 24.65
CA PRO D 455 -36.85 37.55 25.12
C PRO D 455 -37.42 38.95 24.95
N GLY D 456 -37.20 39.78 25.95
CA GLY D 456 -37.72 41.14 25.92
C GLY D 456 -36.96 42.00 24.94
N TYR D 457 -37.71 42.80 24.17
CA TYR D 457 -37.13 43.75 23.24
C TYR D 457 -37.37 45.16 23.76
N ILE D 458 -36.30 45.95 23.86
CA ILE D 458 -36.40 47.37 24.16
C ILE D 458 -36.13 48.13 22.89
N ARG D 459 -37.01 49.07 22.55
CA ARG D 459 -36.95 49.75 21.27
C ARG D 459 -36.71 51.25 21.44
N ALA D 460 -36.08 51.84 20.45
CA ALA D 460 -35.77 53.27 20.46
C ALA D 460 -37.05 54.10 20.54
N GLN E 18 -13.43 41.26 1.18
CA GLN E 18 -14.60 40.98 1.99
C GLN E 18 -15.75 41.92 1.63
N LYS E 19 -16.97 41.53 2.01
CA LYS E 19 -18.15 42.31 1.71
C LYS E 19 -19.16 42.14 2.83
N PRO E 20 -20.03 43.12 3.07
CA PRO E 20 -21.00 43.01 4.16
C PRO E 20 -22.05 41.97 3.87
N PRO E 21 -22.29 41.05 4.80
CA PRO E 21 -23.35 40.05 4.61
C PRO E 21 -24.71 40.69 4.49
N PRO E 22 -25.58 40.16 3.63
CA PRO E 22 -26.96 40.61 3.62
C PRO E 22 -27.68 40.17 4.89
N PRO E 23 -28.58 40.98 5.41
CA PRO E 23 -29.33 40.61 6.62
C PRO E 23 -30.06 39.30 6.46
N PRO E 24 -30.35 38.62 7.56
CA PRO E 24 -31.05 37.32 7.49
C PRO E 24 -32.33 37.35 6.67
N LYS E 25 -33.14 38.40 6.82
CA LYS E 25 -34.38 38.50 6.06
C LYS E 25 -34.15 38.62 4.56
N LYS E 26 -33.06 39.28 4.14
CA LYS E 26 -32.77 39.34 2.72
C LYS E 26 -32.25 38.01 2.19
N ILE E 27 -31.58 37.23 3.04
CA ILE E 27 -31.24 35.86 2.70
C ILE E 27 -32.49 34.98 2.69
N TYR E 28 -33.33 35.11 3.71
CA TYR E 28 -34.55 34.30 3.78
C TYR E 28 -35.44 34.50 2.56
N ASN E 29 -35.60 35.74 2.11
CA ASN E 29 -36.35 36.01 0.89
C ASN E 29 -35.67 35.49 -0.37
N TYR E 30 -34.36 35.23 -0.35
CA TYR E 30 -33.72 34.59 -1.48
C TYR E 30 -33.96 33.08 -1.48
N LEU E 31 -33.74 32.41 -0.35
CA LEU E 31 -34.05 31.00 -0.26
C LEU E 31 -35.50 30.71 -0.56
N ASP E 32 -36.40 31.62 -0.17
CA ASP E 32 -37.82 31.53 -0.48
C ASP E 32 -38.11 31.40 -1.97
N LYS E 33 -37.21 31.86 -2.84
CA LYS E 33 -37.37 31.75 -4.28
C LYS E 33 -37.03 30.37 -4.85
N TYR E 34 -36.42 29.48 -4.06
CA TYR E 34 -35.97 28.20 -4.60
C TYR E 34 -36.46 27.01 -3.81
N VAL E 35 -36.63 27.16 -2.50
CA VAL E 35 -36.95 26.05 -1.61
C VAL E 35 -38.35 26.27 -1.06
N VAL E 36 -39.26 25.36 -1.37
CA VAL E 36 -40.65 25.47 -0.96
C VAL E 36 -40.79 25.06 0.50
N GLY E 37 -41.53 25.87 1.26
CA GLY E 37 -42.15 25.48 2.51
C GLY E 37 -41.34 25.43 3.80
N GLN E 38 -40.07 25.07 3.75
CA GLN E 38 -39.34 24.71 4.98
C GLN E 38 -38.89 25.99 5.70
N SER E 39 -39.89 26.71 6.18
CA SER E 39 -39.68 28.03 6.78
C SER E 39 -38.68 28.00 7.92
N PHE E 40 -38.82 27.05 8.85
CA PHE E 40 -37.96 27.03 10.03
C PHE E 40 -36.50 26.77 9.67
N ALA E 41 -36.24 25.83 8.78
CA ALA E 41 -34.88 25.57 8.33
C ALA E 41 -34.31 26.79 7.62
N LYS E 42 -35.10 27.42 6.76
CA LYS E 42 -34.66 28.63 6.08
C LYS E 42 -34.32 29.74 7.07
N LYS E 43 -35.10 29.84 8.16
CA LYS E 43 -34.84 30.85 9.17
C LYS E 43 -33.52 30.61 9.91
N VAL E 44 -33.33 29.40 10.42
CA VAL E 44 -32.10 29.06 11.15
C VAL E 44 -30.88 29.21 10.27
N LEU E 45 -30.96 28.74 9.02
CA LEU E 45 -29.83 28.85 8.11
C LEU E 45 -29.53 30.30 7.73
N SER E 46 -30.55 31.13 7.59
CA SER E 46 -30.33 32.55 7.35
C SER E 46 -29.53 33.21 8.47
N VAL E 47 -29.90 32.92 9.72
CA VAL E 47 -29.18 33.48 10.86
C VAL E 47 -27.76 32.93 10.96
N ALA E 48 -27.61 31.62 10.79
CA ALA E 48 -26.31 30.97 10.95
C ALA E 48 -25.30 31.43 9.91
N VAL E 49 -25.71 31.53 8.65
CA VAL E 49 -24.82 32.01 7.60
C VAL E 49 -24.48 33.49 7.78
N TYR E 50 -25.48 34.31 8.15
CA TYR E 50 -25.22 35.72 8.42
C TYR E 50 -24.20 35.91 9.55
N ASN E 51 -24.38 35.19 10.66
CA ASN E 51 -23.41 35.27 11.76
C ASN E 51 -22.01 34.87 11.33
N HIS E 52 -21.89 33.75 10.62
CA HIS E 52 -20.57 33.23 10.25
C HIS E 52 -19.74 34.24 9.47
N TYR E 53 -20.29 34.78 8.40
CA TYR E 53 -19.53 35.75 7.62
C TYR E 53 -19.42 37.12 8.29
N LYS E 54 -20.36 37.47 9.16
CA LYS E 54 -20.20 38.68 9.97
C LYS E 54 -19.03 38.60 10.92
N ARG E 55 -18.87 37.47 11.62
CA ARG E 55 -17.74 37.34 12.54
C ARG E 55 -16.41 37.20 11.82
N ILE E 56 -16.37 36.57 10.65
CA ILE E 56 -15.14 36.58 9.85
C ILE E 56 -14.72 38.00 9.54
N TYR E 57 -15.68 38.87 9.26
CA TYR E 57 -15.41 40.28 9.01
C TYR E 57 -15.15 41.07 10.28
N ASN E 58 -15.09 40.41 11.44
CA ASN E 58 -14.92 41.10 12.71
C ASN E 58 -13.73 40.60 13.50
N ASN E 59 -13.00 39.60 13.00
CA ASN E 59 -11.77 39.12 13.62
C ASN E 59 -10.64 39.11 12.61
N ILE E 60 -10.78 39.88 11.54
CA ILE E 60 -9.86 39.84 10.40
C ILE E 60 -8.54 40.48 10.80
N PRO E 61 -7.39 39.99 10.31
CA PRO E 61 -6.12 40.71 10.45
C PRO E 61 -6.20 42.17 10.02
N GLU E 123 4.46 42.33 19.70
CA GLU E 123 3.60 41.95 20.82
C GLU E 123 2.55 40.95 20.36
N LYS E 124 2.62 40.55 19.10
CA LYS E 124 1.72 39.53 18.57
C LYS E 124 2.20 38.11 18.87
N ARG E 125 3.48 37.92 19.15
CA ARG E 125 3.97 36.59 19.51
C ARG E 125 5.23 36.72 20.37
N GLY E 126 5.50 35.68 21.13
CA GLY E 126 6.65 35.65 22.01
C GLY E 126 6.36 36.21 23.39
N GLY E 127 7.44 36.34 24.16
CA GLY E 127 7.37 36.69 25.56
C GLY E 127 6.67 38.01 25.85
N GLU E 128 6.60 38.91 24.86
CA GLU E 128 5.85 40.14 25.03
C GLU E 128 4.37 39.90 25.26
N VAL E 129 3.84 38.76 24.85
CA VAL E 129 2.42 38.49 25.06
C VAL E 129 2.11 38.30 26.55
N LEU E 130 3.09 37.90 27.35
CA LEU E 130 2.84 37.64 28.77
C LEU E 130 2.31 38.87 29.48
N ASP E 131 2.75 40.06 29.07
CA ASP E 131 2.34 41.32 29.65
C ASP E 131 1.25 42.04 28.85
N SER E 132 0.65 41.36 27.86
CA SER E 132 -0.41 41.99 27.06
C SER E 132 -1.62 42.34 27.90
N SER E 133 -1.86 43.64 28.07
CA SER E 133 -2.90 44.12 28.98
C SER E 133 -4.31 43.92 28.44
N HIS E 134 -4.47 43.77 27.12
CA HIS E 134 -5.79 43.56 26.54
C HIS E 134 -5.63 42.94 25.16
N ASP E 135 -6.75 42.39 24.66
CA ASP E 135 -6.78 41.84 23.31
C ASP E 135 -8.20 41.93 22.77
N ASP E 136 -8.31 41.89 21.44
CA ASP E 136 -9.60 41.78 20.78
C ASP E 136 -10.22 40.41 21.00
N ILE E 137 -11.52 40.39 21.29
CA ILE E 137 -12.25 39.14 21.43
C ILE E 137 -12.31 38.46 20.06
N LYS E 138 -11.73 37.27 19.96
CA LYS E 138 -11.87 36.46 18.76
C LYS E 138 -13.20 35.74 18.77
N LEU E 139 -13.90 35.79 17.65
CA LEU E 139 -15.22 35.17 17.49
C LEU E 139 -15.06 33.81 16.84
N GLU E 140 -15.75 32.81 17.36
CA GLU E 140 -15.52 31.42 16.97
C GLU E 140 -16.74 30.86 16.24
N LYS E 141 -16.48 30.02 15.24
CA LYS E 141 -17.51 29.60 14.31
C LYS E 141 -18.40 28.52 14.91
N SER E 142 -19.56 28.32 14.29
CA SER E 142 -20.61 27.42 14.76
C SER E 142 -21.11 26.59 13.57
N ASN E 143 -20.53 25.42 13.37
CA ASN E 143 -20.94 24.51 12.30
C ASN E 143 -22.39 24.05 12.50
N ILE E 144 -22.99 23.54 11.43
CA ILE E 144 -24.41 23.27 11.34
C ILE E 144 -24.64 21.78 11.09
N LEU E 145 -25.73 21.25 11.62
CA LEU E 145 -26.22 19.91 11.26
C LEU E 145 -27.63 20.02 10.71
N LEU E 146 -27.84 19.50 9.51
CA LEU E 146 -29.16 19.42 8.87
C LEU E 146 -29.72 18.01 9.05
N LEU E 147 -30.91 17.92 9.63
CA LEU E 147 -31.59 16.66 9.86
C LEU E 147 -32.88 16.62 9.04
N GLY E 148 -33.05 15.60 8.22
CA GLY E 148 -34.33 15.38 7.60
C GLY E 148 -34.36 14.32 6.52
N PRO E 149 -35.57 13.91 6.14
CA PRO E 149 -35.72 12.84 5.14
C PRO E 149 -35.06 13.17 3.82
N THR E 150 -34.75 12.12 3.06
CA THR E 150 -34.25 12.30 1.71
C THR E 150 -35.28 13.00 0.83
N GLY E 151 -34.78 13.76 -0.14
CA GLY E 151 -35.64 14.54 -1.00
C GLY E 151 -36.27 15.76 -0.37
N SER E 152 -35.89 16.12 0.85
CA SER E 152 -36.46 17.23 1.58
C SER E 152 -35.70 18.53 1.41
N GLY E 153 -34.79 18.61 0.45
CA GLY E 153 -34.17 19.88 0.14
C GLY E 153 -32.93 20.24 0.94
N LYS E 154 -32.30 19.27 1.61
CA LYS E 154 -31.15 19.56 2.45
C LYS E 154 -29.99 20.12 1.64
N THR E 155 -29.57 19.42 0.59
CA THR E 155 -28.46 19.89 -0.21
C THR E 155 -28.88 21.03 -1.14
N LEU E 156 -30.14 21.05 -1.54
CA LEU E 156 -30.68 22.20 -2.26
C LEU E 156 -30.57 23.49 -1.46
N LEU E 157 -30.86 23.43 -0.14
CA LEU E 157 -30.69 24.61 0.70
C LEU E 157 -29.24 25.08 0.73
N ALA E 158 -28.32 24.17 1.03
CA ALA E 158 -26.91 24.55 1.15
C ALA E 158 -26.35 25.15 -0.12
N GLN E 159 -26.85 24.72 -1.29
CA GLN E 159 -26.39 25.32 -2.54
C GLN E 159 -26.92 26.75 -2.71
N THR E 160 -28.20 26.97 -2.40
CA THR E 160 -28.73 28.32 -2.43
C THR E 160 -28.05 29.22 -1.40
N LEU E 161 -27.74 28.68 -0.22
CA LEU E 161 -26.92 29.40 0.76
C LEU E 161 -25.61 29.86 0.15
N ALA E 162 -24.89 28.95 -0.51
CA ALA E 162 -23.63 29.32 -1.13
C ALA E 162 -23.85 30.34 -2.23
N LYS E 163 -24.82 30.09 -3.10
CA LYS E 163 -25.10 30.98 -4.22
C LYS E 163 -25.65 32.32 -3.77
N CYS E 164 -26.25 32.39 -2.58
CA CYS E 164 -26.64 33.67 -2.00
C CYS E 164 -25.44 34.50 -1.55
N LEU E 165 -24.24 33.92 -1.49
CA LEU E 165 -23.07 34.60 -0.97
C LEU E 165 -21.85 34.46 -1.86
N ASP E 166 -21.95 33.74 -2.98
CA ASP E 166 -20.85 33.49 -3.91
C ASP E 166 -19.66 32.80 -3.27
N VAL E 167 -19.82 32.19 -2.10
CA VAL E 167 -18.71 31.51 -1.44
C VAL E 167 -18.50 30.15 -2.11
N PRO E 168 -17.28 29.64 -2.18
CA PRO E 168 -17.06 28.28 -2.69
C PRO E 168 -17.83 27.25 -1.88
N PHE E 169 -18.28 26.21 -2.57
CA PHE E 169 -19.11 25.17 -1.97
C PHE E 169 -18.65 23.81 -2.45
N ALA E 170 -18.56 22.85 -1.54
CA ALA E 170 -18.14 21.49 -1.87
C ALA E 170 -19.04 20.49 -1.18
N ILE E 171 -19.24 19.35 -1.82
CA ILE E 171 -20.01 18.24 -1.27
C ILE E 171 -19.07 17.06 -1.09
N CYS E 172 -19.10 16.47 0.11
CA CYS E 172 -18.38 15.24 0.42
C CYS E 172 -19.35 14.16 0.85
N ASP E 173 -19.32 13.02 0.16
CA ASP E 173 -20.14 11.88 0.54
C ASP E 173 -19.37 11.09 1.59
N CYS E 174 -19.77 11.23 2.85
CA CYS E 174 -19.05 10.62 3.96
C CYS E 174 -19.15 9.10 3.98
N THR E 175 -20.03 8.50 3.17
CA THR E 175 -20.05 7.06 3.00
C THR E 175 -18.81 6.54 2.29
N THR E 176 -18.14 7.38 1.50
CA THR E 176 -16.99 6.99 0.72
C THR E 176 -15.68 7.06 1.50
N LEU E 177 -15.63 7.85 2.57
CA LEU E 177 -14.40 8.07 3.33
C LEU E 177 -14.01 6.84 4.17
N THR E 178 -12.71 6.71 4.41
CA THR E 178 -12.17 5.76 5.38
C THR E 178 -11.01 6.41 6.13
N GLN E 179 -10.66 5.77 7.25
CA GLN E 179 -9.48 6.15 8.03
C GLN E 179 -8.22 6.07 7.16
N ALA E 180 -7.24 6.91 7.51
CA ALA E 180 -5.97 6.95 6.80
C ALA E 180 -5.24 5.62 6.85
N GLY E 181 -4.61 5.24 5.73
CA GLY E 181 -3.95 3.98 5.57
C GLY E 181 -4.72 2.93 4.79
N TYR E 182 -6.01 3.13 4.61
CA TYR E 182 -6.92 2.15 4.04
C TYR E 182 -7.48 2.63 2.72
N VAL E 183 -8.15 1.70 2.03
CA VAL E 183 -8.39 1.79 0.58
C VAL E 183 -9.34 2.92 0.17
N GLY E 184 -10.23 3.39 1.04
CA GLY E 184 -11.19 4.40 0.64
C GLY E 184 -10.58 5.77 0.42
N GLU E 185 -11.46 6.74 0.17
CA GLU E 185 -11.03 8.13 0.06
C GLU E 185 -10.64 8.73 1.40
N ASP E 186 -9.60 9.56 1.38
CA ASP E 186 -9.10 10.22 2.57
C ASP E 186 -9.92 11.46 2.93
N ILE E 187 -9.86 11.80 4.21
CA ILE E 187 -10.67 12.89 4.77
C ILE E 187 -10.36 14.22 4.07
N GLU E 188 -9.09 14.47 3.77
CA GLU E 188 -8.64 15.77 3.28
C GLU E 188 -9.01 16.03 1.82
N SER E 189 -9.44 15.03 1.07
CA SER E 189 -9.78 15.23 -0.33
C SER E 189 -10.93 16.22 -0.52
N VAL E 190 -11.70 16.50 0.53
CA VAL E 190 -12.78 17.47 0.44
C VAL E 190 -12.23 18.89 0.29
N ILE E 191 -11.12 19.20 0.96
CA ILE E 191 -10.58 20.54 0.86
C ILE E 191 -9.96 20.79 -0.51
N ALA E 192 -9.48 19.72 -1.17
CA ALA E 192 -9.01 19.84 -2.54
C ALA E 192 -10.11 20.29 -3.49
N LYS E 193 -11.25 19.62 -3.47
CA LYS E 193 -12.36 20.01 -4.35
C LYS E 193 -12.98 21.34 -3.97
N LEU E 194 -12.87 21.77 -2.71
CA LEU E 194 -13.21 23.16 -2.37
C LEU E 194 -12.26 24.14 -3.04
N LEU E 195 -10.95 23.86 -2.99
CA LEU E 195 -9.98 24.74 -3.62
C LEU E 195 -10.11 24.76 -5.14
N GLN E 196 -10.50 23.63 -5.74
CA GLN E 196 -10.84 23.61 -7.16
C GLN E 196 -12.07 24.46 -7.44
N ASP E 197 -13.11 24.34 -6.61
CA ASP E 197 -14.30 25.17 -6.76
C ASP E 197 -14.02 26.65 -6.54
N ALA E 198 -13.05 26.97 -5.69
CA ALA E 198 -12.55 28.34 -5.56
C ALA E 198 -11.63 28.75 -6.70
N ASN E 199 -11.40 27.88 -7.68
CA ASN E 199 -10.48 28.15 -8.79
C ASN E 199 -9.10 28.55 -8.28
N TYR E 200 -8.64 27.85 -7.25
CA TYR E 200 -7.32 28.00 -6.64
C TYR E 200 -7.09 29.36 -6.01
N ASN E 201 -8.14 30.17 -5.85
CA ASN E 201 -8.04 31.41 -5.09
C ASN E 201 -8.11 31.00 -3.62
N VAL E 202 -6.93 30.71 -3.05
CA VAL E 202 -6.84 30.11 -1.71
C VAL E 202 -7.62 30.93 -0.69
N GLU E 203 -7.45 32.24 -0.71
CA GLU E 203 -8.16 33.10 0.24
C GLU E 203 -9.67 33.04 0.09
N LYS E 204 -10.19 32.67 -1.08
CA LYS E 204 -11.62 32.48 -1.19
C LYS E 204 -12.05 31.04 -0.92
N ALA E 205 -11.17 30.07 -1.20
CA ALA E 205 -11.39 28.71 -0.72
C ALA E 205 -11.49 28.66 0.79
N GLN E 206 -10.75 29.51 1.47
CA GLN E 206 -10.60 29.48 2.91
C GLN E 206 -11.74 30.19 3.65
N GLN E 207 -12.77 30.62 2.92
CA GLN E 207 -14.03 31.07 3.50
C GLN E 207 -15.21 30.19 3.11
N GLY E 208 -14.96 29.06 2.46
CA GLY E 208 -16.01 28.29 1.81
C GLY E 208 -16.99 27.64 2.76
N ILE E 209 -17.98 26.98 2.15
CA ILE E 209 -18.94 26.13 2.85
C ILE E 209 -18.73 24.71 2.38
N VAL E 210 -18.47 23.79 3.32
CA VAL E 210 -18.26 22.38 3.00
C VAL E 210 -19.46 21.59 3.48
N PHE E 211 -20.19 20.98 2.55
CA PHE E 211 -21.35 20.15 2.85
C PHE E 211 -20.92 18.70 3.00
N LEU E 212 -20.92 18.21 4.23
CA LEU E 212 -20.64 16.80 4.52
C LEU E 212 -21.94 16.02 4.43
N ASP E 213 -22.15 15.34 3.31
CA ASP E 213 -23.37 14.60 3.08
C ASP E 213 -23.33 13.20 3.71
N GLN E 214 -24.51 12.69 4.04
CA GLN E 214 -24.70 11.34 4.59
C GLN E 214 -23.88 11.07 5.84
N VAL E 215 -23.74 12.08 6.69
CA VAL E 215 -23.01 11.94 7.95
C VAL E 215 -23.64 10.91 8.90
N ASP E 216 -24.92 10.60 8.73
CA ASP E 216 -25.54 9.55 9.54
C ASP E 216 -24.87 8.19 9.35
N LYS E 217 -24.24 7.96 8.19
CA LYS E 217 -23.75 6.63 7.83
C LYS E 217 -22.30 6.40 8.27
N ILE E 218 -21.65 7.37 8.89
CA ILE E 218 -20.38 7.13 9.58
C ILE E 218 -20.59 7.01 11.08
N GLY E 219 -21.84 6.86 11.52
CA GLY E 219 -22.10 6.57 12.91
C GLY E 219 -21.42 5.29 13.36
N SER E 220 -21.09 5.24 14.65
CA SER E 220 -20.47 4.06 15.23
C SER E 220 -21.46 2.91 15.31
N VAL E 221 -21.00 1.72 14.94
CA VAL E 221 -21.77 0.49 15.01
C VAL E 221 -21.82 -0.03 16.45
N PRO E 222 -22.90 -0.71 16.87
CA PRO E 222 -23.02 -1.18 18.24
C PRO E 222 -22.05 -2.32 18.55
N LEU E 227 -11.22 -5.41 13.10
CA LEU E 227 -11.41 -4.99 14.48
C LEU E 227 -11.36 -3.48 14.60
N ARG E 228 -10.93 -2.81 13.52
CA ARG E 228 -10.87 -1.36 13.48
C ARG E 228 -12.03 -0.83 12.66
N ASP E 229 -12.76 0.13 13.21
CA ASP E 229 -13.93 0.70 12.54
C ASP E 229 -13.51 1.79 11.55
N VAL E 230 -12.79 1.37 10.52
CA VAL E 230 -12.47 2.27 9.43
C VAL E 230 -13.77 2.58 8.68
N GLY E 231 -13.83 3.77 8.09
CA GLY E 231 -15.14 4.35 7.94
C GLY E 231 -15.63 4.78 9.31
N GLY E 232 -16.93 4.69 9.52
CA GLY E 232 -17.48 4.56 10.86
C GLY E 232 -16.91 5.55 11.87
N GLU E 233 -16.61 5.04 13.07
CA GLU E 233 -15.98 5.84 14.11
C GLU E 233 -14.60 6.34 13.71
N GLY E 234 -13.89 5.60 12.85
CA GLY E 234 -12.58 6.03 12.39
C GLY E 234 -12.61 7.31 11.57
N VAL E 235 -13.66 7.52 10.80
CA VAL E 235 -13.82 8.77 10.06
C VAL E 235 -14.32 9.90 10.97
N GLN E 236 -15.21 9.59 11.90
CA GLN E 236 -15.67 10.61 12.83
C GLN E 236 -14.52 11.25 13.58
N GLN E 237 -13.63 10.42 14.13
CA GLN E 237 -12.48 10.94 14.86
C GLN E 237 -11.44 11.60 13.95
N GLY E 238 -11.48 11.31 12.64
CA GLY E 238 -10.58 11.99 11.73
C GLY E 238 -11.00 13.38 11.33
N LEU E 239 -12.30 13.66 11.33
CA LEU E 239 -12.82 14.98 11.02
C LEU E 239 -12.66 15.99 12.15
N LEU E 240 -12.34 15.54 13.36
CA LEU E 240 -12.42 16.40 14.54
C LEU E 240 -11.55 17.63 14.41
N LYS E 241 -10.32 17.49 13.92
CA LYS E 241 -9.48 18.67 13.71
C LYS E 241 -9.56 19.20 12.29
N LEU E 242 -10.50 18.71 11.49
CA LEU E 242 -10.89 19.39 10.27
C LEU E 242 -11.99 20.40 10.55
N LEU E 243 -12.96 20.00 11.39
CA LEU E 243 -14.07 20.89 11.74
C LEU E 243 -13.57 22.10 12.50
N GLU E 244 -12.79 21.88 13.56
CA GLU E 244 -11.99 22.94 14.13
C GLU E 244 -10.78 23.21 13.24
N GLY E 245 -10.18 24.38 13.42
CA GLY E 245 -9.20 24.86 12.46
C GLY E 245 -7.90 24.06 12.49
N THR E 246 -7.48 23.57 11.31
CA THR E 246 -6.15 23.00 11.16
C THR E 246 -5.68 23.18 9.73
N ILE E 247 -4.35 23.17 9.57
CA ILE E 247 -3.73 23.27 8.25
C ILE E 247 -3.83 21.92 7.54
N VAL E 248 -4.30 21.94 6.30
CA VAL E 248 -4.19 20.78 5.41
C VAL E 248 -3.39 21.18 4.17
N ASN E 249 -2.65 20.20 3.64
CA ASN E 249 -1.83 20.37 2.45
C ASN E 249 -2.62 19.90 1.23
N VAL E 250 -2.67 20.75 0.21
CA VAL E 250 -3.45 20.46 -0.99
C VAL E 250 -2.57 20.59 -2.22
N PRO E 251 -2.61 19.61 -3.14
CA PRO E 251 -1.77 19.70 -4.34
C PRO E 251 -2.30 20.74 -5.32
N GLU E 252 -1.37 21.46 -5.94
CA GLU E 252 -1.70 22.55 -6.84
C GLU E 252 -2.19 22.05 -8.20
N LYS E 253 -2.61 23.01 -9.03
CA LYS E 253 -3.20 22.70 -10.32
C LYS E 253 -2.21 22.01 -11.25
N ASN E 254 -0.92 22.26 -11.06
CA ASN E 254 0.13 21.80 -11.97
C ASN E 254 -0.19 22.11 -13.43
N GLY E 260 4.41 17.28 -6.89
CA GLY E 260 4.40 17.12 -5.45
C GLY E 260 4.38 18.41 -4.68
N GLU E 261 4.35 19.53 -5.38
CA GLU E 261 4.21 20.83 -4.74
C GLU E 261 2.77 21.03 -4.28
N THR E 262 2.61 21.76 -3.18
CA THR E 262 1.32 21.85 -2.52
C THR E 262 1.11 23.27 -1.98
N VAL E 263 -0.16 23.64 -1.87
CA VAL E 263 -0.58 24.82 -1.15
C VAL E 263 -1.19 24.40 0.18
N GLN E 264 -1.17 25.31 1.16
CA GLN E 264 -1.72 25.04 2.48
C GLN E 264 -3.05 25.79 2.63
N VAL E 265 -4.11 25.04 2.94
CA VAL E 265 -5.43 25.60 3.20
C VAL E 265 -5.72 25.48 4.68
N ASP E 266 -6.15 26.57 5.31
CA ASP E 266 -6.46 26.59 6.73
C ASP E 266 -7.97 26.54 6.90
N THR E 267 -8.47 25.46 7.50
CA THR E 267 -9.89 25.25 7.69
C THR E 267 -10.50 26.09 8.80
N THR E 268 -9.70 26.91 9.49
CA THR E 268 -10.18 27.64 10.66
C THR E 268 -11.38 28.56 10.40
N ASN E 269 -11.65 28.94 9.15
CA ASN E 269 -12.83 29.74 8.87
C ASN E 269 -13.82 29.10 7.91
N ILE E 270 -13.57 27.86 7.46
CA ILE E 270 -14.54 27.19 6.61
C ILE E 270 -15.74 26.76 7.45
N LEU E 271 -16.94 27.09 6.97
CA LEU E 271 -18.18 26.62 7.59
C LEU E 271 -18.49 25.21 7.11
N PHE E 272 -18.70 24.29 8.05
CA PHE E 272 -19.09 22.94 7.73
C PHE E 272 -20.56 22.73 8.01
N VAL E 273 -21.27 22.17 7.04
CA VAL E 273 -22.69 21.83 7.16
C VAL E 273 -22.81 20.33 7.00
N ALA E 274 -22.89 19.60 8.11
CA ALA E 274 -23.19 18.19 8.05
C ALA E 274 -24.66 18.01 7.68
N SER E 275 -24.98 16.87 7.07
CA SER E 275 -26.37 16.55 6.78
C SER E 275 -26.60 15.05 6.88
N GLY E 276 -27.81 14.69 7.25
CA GLY E 276 -28.18 13.29 7.27
C GLY E 276 -29.66 13.06 7.42
N ALA E 277 -30.13 11.92 6.95
CA ALA E 277 -31.45 11.40 7.33
C ALA E 277 -31.21 10.37 8.42
N PHE E 278 -31.26 10.82 9.66
CA PHE E 278 -30.89 9.97 10.79
C PHE E 278 -32.03 8.99 11.03
N ASN E 279 -32.06 7.95 10.19
CA ASN E 279 -33.13 6.96 10.22
C ASN E 279 -33.10 6.19 11.54
N GLY E 280 -34.25 6.16 12.22
CA GLY E 280 -34.35 5.56 13.53
C GLY E 280 -34.04 6.49 14.68
N LEU E 281 -33.73 7.76 14.42
CA LEU E 281 -33.54 8.72 15.50
C LEU E 281 -34.85 9.05 16.21
N ASP E 282 -35.96 9.04 15.48
CA ASP E 282 -37.26 9.27 16.10
C ASP E 282 -37.55 8.28 17.22
N ARG E 283 -37.19 7.02 17.03
CA ARG E 283 -37.31 6.04 18.11
C ARG E 283 -36.45 6.41 19.31
N ILE E 284 -35.28 7.00 19.09
CA ILE E 284 -34.45 7.39 20.23
C ILE E 284 -35.07 8.56 20.98
N ILE E 285 -35.61 9.53 20.24
CA ILE E 285 -36.27 10.69 20.85
C ILE E 285 -37.52 10.28 21.61
N SER E 286 -38.42 9.54 20.97
CA SER E 286 -39.65 9.12 21.65
C SER E 286 -39.36 8.31 22.90
N ARG E 287 -38.40 7.39 22.85
CA ARG E 287 -38.03 6.63 24.03
C ARG E 287 -37.47 7.52 25.13
N ARG E 288 -36.72 8.55 24.76
CA ARG E 288 -36.25 9.53 25.74
C ARG E 288 -37.40 10.37 26.27
N LYS E 289 -38.32 10.74 25.40
CA LYS E 289 -39.33 11.73 25.71
C LYS E 289 -40.52 11.14 26.48
N ASN E 290 -40.43 9.87 26.87
CA ASN E 290 -41.52 9.14 27.53
C ASN E 290 -42.80 9.13 26.69
N GLU E 291 -42.68 8.70 25.44
CA GLU E 291 -43.83 8.47 24.58
C GLU E 291 -43.91 6.99 24.23
N LYS E 292 -45.13 6.50 24.05
CA LYS E 292 -45.40 5.08 23.89
C LYS E 292 -45.67 4.75 22.43
N TYR E 293 -45.06 3.65 21.97
CA TYR E 293 -45.21 3.19 20.60
C TYR E 293 -45.41 1.68 20.50
N LEU E 294 -45.61 0.99 21.62
CA LEU E 294 -45.78 -0.46 21.62
C LEU E 294 -46.70 -0.85 22.78
N GLY E 295 -47.38 -1.98 22.61
CA GLY E 295 -48.31 -2.47 23.60
C GLY E 295 -49.65 -1.74 23.55
N PHE E 296 -50.54 -2.13 24.47
CA PHE E 296 -51.89 -1.59 24.47
C PHE E 296 -51.87 -0.10 24.79
N GLY E 297 -52.69 0.64 24.04
CA GLY E 297 -52.83 2.07 24.24
C GLY E 297 -51.60 2.86 23.81
N THR E 298 -51.21 2.73 22.54
CA THR E 298 -50.23 3.66 21.98
C THR E 298 -50.79 5.08 21.91
N PRO E 299 -51.88 5.36 21.15
CA PRO E 299 -52.35 6.75 21.16
C PRO E 299 -52.98 7.15 22.50
N HIS E 324 -55.32 13.54 12.01
CA HIS E 324 -53.95 14.02 12.05
C HIS E 324 -53.18 13.55 10.82
N GLN E 325 -52.02 14.15 10.57
CA GLN E 325 -51.29 13.86 9.35
C GLN E 325 -50.58 12.52 9.43
N ASP E 326 -50.24 11.98 8.25
CA ASP E 326 -49.73 10.61 8.16
C ASP E 326 -48.30 10.49 8.68
N ILE E 327 -47.44 11.46 8.35
CA ILE E 327 -46.00 11.35 8.62
C ILE E 327 -45.51 12.54 9.44
N GLU E 328 -46.36 13.55 9.58
CA GLU E 328 -46.03 14.69 10.44
C GLU E 328 -45.69 14.27 11.86
N GLU E 329 -46.15 13.09 12.30
CA GLU E 329 -45.74 12.60 13.62
C GLU E 329 -44.24 12.40 13.71
N LYS E 330 -43.57 12.08 12.61
CA LYS E 330 -42.11 11.98 12.66
C LYS E 330 -41.48 13.36 12.61
N ASP E 331 -42.03 14.27 11.80
CA ASP E 331 -41.55 15.65 11.80
C ASP E 331 -41.79 16.33 13.14
N ARG E 332 -42.95 16.08 13.76
CA ARG E 332 -43.22 16.59 15.09
C ARG E 332 -42.15 16.18 16.09
N LEU E 333 -41.70 14.93 16.01
CA LEU E 333 -40.80 14.37 17.00
C LEU E 333 -39.36 14.76 16.74
N LEU E 334 -38.94 14.74 15.47
CA LEU E 334 -37.57 15.09 15.14
C LEU E 334 -37.24 16.53 15.51
N ARG E 335 -38.25 17.39 15.55
CA ARG E 335 -38.08 18.77 16.01
C ARG E 335 -37.48 18.88 17.40
N HIS E 336 -37.60 17.84 18.23
CA HIS E 336 -37.10 17.84 19.60
C HIS E 336 -35.76 17.15 19.76
N VAL E 337 -35.05 16.91 18.65
CA VAL E 337 -33.73 16.30 18.71
C VAL E 337 -32.78 17.16 19.55
N GLU E 338 -31.87 16.48 20.25
CA GLU E 338 -30.82 17.16 21.01
C GLU E 338 -29.64 16.21 21.18
N ALA E 339 -28.49 16.80 21.51
CA ALA E 339 -27.21 16.07 21.57
C ALA E 339 -27.27 14.82 22.43
N ARG E 340 -28.08 14.83 23.49
CA ARG E 340 -28.22 13.66 24.36
C ARG E 340 -28.53 12.38 23.60
N ASP E 341 -29.20 12.47 22.46
CA ASP E 341 -29.62 11.29 21.72
C ASP E 341 -29.00 11.16 20.34
N LEU E 342 -28.39 12.20 19.78
CA LEU E 342 -27.45 11.99 18.69
C LEU E 342 -26.26 11.15 19.13
N ILE E 343 -25.85 11.28 20.39
CA ILE E 343 -24.84 10.38 20.95
C ILE E 343 -25.36 8.95 21.01
N GLU E 344 -26.62 8.77 21.45
CA GLU E 344 -27.17 7.42 21.54
C GLU E 344 -27.36 6.79 20.17
N PHE E 345 -27.60 7.60 19.13
CA PHE E 345 -27.62 7.10 17.76
C PHE E 345 -26.27 6.56 17.32
N GLY E 346 -25.17 6.99 17.93
CA GLY E 346 -23.87 6.47 17.59
C GLY E 346 -22.85 7.49 17.14
N MET E 347 -23.19 8.77 17.20
CA MET E 347 -22.21 9.82 16.94
C MET E 347 -21.31 10.02 18.16
N ILE E 348 -20.05 10.30 17.90
CA ILE E 348 -19.07 10.47 18.98
C ILE E 348 -19.32 11.81 19.67
N PRO E 349 -19.24 11.88 21.01
CA PRO E 349 -19.43 13.17 21.70
C PRO E 349 -18.50 14.28 21.26
N GLU E 350 -17.22 13.97 21.00
CA GLU E 350 -16.30 14.96 20.44
C GLU E 350 -16.81 15.54 19.15
N PHE E 351 -17.53 14.74 18.36
CA PHE E 351 -18.03 15.16 17.06
C PHE E 351 -19.35 15.92 17.18
N VAL E 352 -20.25 15.45 18.03
CA VAL E 352 -21.52 16.15 18.26
C VAL E 352 -21.30 17.54 18.84
N GLY E 353 -20.30 17.69 19.71
CA GLY E 353 -20.01 19.00 20.27
C GLY E 353 -19.56 20.05 19.28
N ARG E 354 -18.97 19.64 18.17
CA ARG E 354 -18.49 20.56 17.15
C ARG E 354 -19.56 21.01 16.17
N LEU E 355 -20.77 20.46 16.26
CA LEU E 355 -21.90 20.83 15.41
C LEU E 355 -23.02 21.44 16.24
N PRO E 356 -22.82 22.65 16.78
CA PRO E 356 -23.72 23.17 17.81
C PRO E 356 -25.09 23.58 17.31
N VAL E 357 -25.26 23.80 16.02
CA VAL E 357 -26.54 24.19 15.43
C VAL E 357 -27.17 23.00 14.76
N VAL E 358 -28.41 22.68 15.14
CA VAL E 358 -29.15 21.54 14.62
C VAL E 358 -30.41 22.06 13.96
N VAL E 359 -30.70 21.61 12.74
CA VAL E 359 -31.83 22.10 11.95
C VAL E 359 -32.71 20.92 11.54
N PRO E 360 -33.96 20.85 11.96
CA PRO E 360 -34.88 19.83 11.46
C PRO E 360 -35.61 20.21 10.18
N LEU E 361 -35.62 19.32 9.19
CA LEU E 361 -36.35 19.51 7.94
C LEU E 361 -37.48 18.50 7.84
N HIS E 362 -38.67 18.98 7.48
CA HIS E 362 -39.84 18.12 7.35
C HIS E 362 -39.96 17.54 5.94
N SER E 363 -40.69 16.43 5.85
CA SER E 363 -41.01 15.80 4.58
C SER E 363 -41.99 16.65 3.76
N LEU E 364 -41.81 16.61 2.44
CA LEU E 364 -42.70 17.32 1.53
C LEU E 364 -44.07 16.65 1.44
N ASP E 365 -45.12 17.47 1.48
CA ASP E 365 -46.47 17.02 1.14
C ASP E 365 -46.71 17.08 -0.37
N GLU E 366 -47.75 16.36 -0.81
CA GLU E 366 -48.30 16.59 -2.14
C GLU E 366 -48.74 18.03 -2.32
N LYS E 367 -49.23 18.67 -1.26
CA LYS E 367 -49.54 20.10 -1.29
C LYS E 367 -48.33 20.92 -1.75
N THR E 368 -47.14 20.56 -1.25
CA THR E 368 -45.93 21.26 -1.65
C THR E 368 -45.37 20.78 -2.99
N LEU E 369 -45.54 19.50 -3.32
CA LEU E 369 -45.06 19.04 -4.63
C LEU E 369 -45.82 19.73 -5.76
N VAL E 370 -47.11 19.98 -5.56
CA VAL E 370 -47.86 20.81 -6.49
C VAL E 370 -47.30 22.22 -6.55
N GLN E 371 -46.81 22.74 -5.43
CA GLN E 371 -46.13 24.03 -5.43
C GLN E 371 -44.75 23.97 -6.08
N ILE E 372 -44.06 22.84 -5.95
CA ILE E 372 -42.73 22.73 -6.55
C ILE E 372 -42.81 22.69 -8.08
N LEU E 373 -43.91 22.18 -8.63
CA LEU E 373 -44.10 22.16 -10.08
C LEU E 373 -44.21 23.57 -10.66
N THR E 374 -45.02 24.44 -10.06
CA THR E 374 -45.12 25.83 -10.49
C THR E 374 -44.08 26.79 -9.89
N GLU E 375 -43.95 26.81 -8.56
CA GLU E 375 -43.50 28.03 -7.87
C GLU E 375 -42.01 28.35 -7.93
N PRO E 376 -41.10 27.40 -7.69
CA PRO E 376 -39.66 27.74 -7.69
C PRO E 376 -39.20 28.43 -8.97
N ARG E 377 -38.14 29.22 -8.83
CA ARG E 377 -37.49 29.86 -9.98
C ARG E 377 -36.99 28.87 -11.02
N ASN E 378 -36.69 27.64 -10.63
CA ASN E 378 -36.27 26.59 -11.55
C ASN E 378 -37.33 25.52 -11.74
N ALA E 379 -38.60 25.87 -11.57
CA ALA E 379 -39.68 24.91 -11.64
C ALA E 379 -39.76 24.24 -13.01
N VAL E 380 -40.27 23.00 -13.00
CA VAL E 380 -40.29 22.17 -14.21
C VAL E 380 -41.27 22.72 -15.24
N ILE E 381 -42.49 23.03 -14.81
CA ILE E 381 -43.56 23.40 -15.74
C ILE E 381 -43.30 24.71 -16.47
N PRO E 382 -42.88 25.80 -15.80
CA PRO E 382 -42.57 27.03 -16.55
C PRO E 382 -41.55 26.87 -17.67
N GLN E 383 -40.69 25.85 -17.58
CA GLN E 383 -39.77 25.57 -18.68
C GLN E 383 -40.50 25.13 -19.94
N TYR E 384 -41.23 24.01 -19.86
CA TYR E 384 -41.97 23.53 -21.03
C TYR E 384 -43.07 24.52 -21.43
N GLN E 385 -43.74 25.14 -20.46
CA GLN E 385 -44.78 26.10 -20.75
C GLN E 385 -44.24 27.36 -21.43
N ALA E 386 -42.93 27.60 -21.34
CA ALA E 386 -42.29 28.73 -22.00
C ALA E 386 -42.07 28.52 -23.49
N LEU E 387 -42.27 27.32 -24.02
CA LEU E 387 -41.99 27.10 -25.44
C LEU E 387 -42.94 27.89 -26.32
N PHE E 388 -42.45 28.25 -27.51
CA PHE E 388 -43.24 28.95 -28.50
C PHE E 388 -44.33 28.05 -29.09
N SER E 389 -45.43 28.69 -29.51
CA SER E 389 -46.61 27.98 -30.00
C SER E 389 -47.11 26.95 -28.99
N MET E 390 -47.29 27.40 -27.75
CA MET E 390 -47.68 26.52 -26.66
C MET E 390 -48.42 27.29 -25.59
N LEU E 395 -48.14 25.26 -23.23
CA LEU E 395 -49.00 24.24 -22.66
C LEU E 395 -50.15 24.84 -21.87
N ASN E 396 -51.25 24.10 -21.77
CA ASN E 396 -52.18 24.21 -20.66
C ASN E 396 -52.14 22.93 -19.85
N VAL E 397 -51.91 23.04 -18.54
CA VAL E 397 -51.96 21.90 -17.65
C VAL E 397 -53.06 22.18 -16.62
N THR E 398 -54.07 21.31 -16.60
CA THR E 398 -55.16 21.48 -15.65
C THR E 398 -54.66 21.32 -14.22
N GLU E 399 -55.30 22.03 -13.30
CA GLU E 399 -54.85 22.02 -11.90
C GLU E 399 -55.03 20.64 -11.28
N ASP E 400 -56.03 19.89 -11.72
CA ASP E 400 -56.19 18.51 -11.30
C ASP E 400 -55.14 17.58 -11.93
N ALA E 401 -54.53 17.98 -13.04
CA ALA E 401 -53.37 17.25 -13.55
C ALA E 401 -52.14 17.46 -12.67
N LEU E 402 -51.91 18.69 -12.20
CA LEU E 402 -50.83 18.93 -11.26
C LEU E 402 -50.98 18.07 -10.01
N LYS E 403 -52.18 18.03 -9.44
CA LYS E 403 -52.43 17.15 -8.30
C LYS E 403 -52.17 15.69 -8.66
N ALA E 404 -52.55 15.27 -9.86
CA ALA E 404 -52.29 13.90 -10.29
C ALA E 404 -50.80 13.61 -10.40
N ILE E 405 -50.03 14.55 -10.96
CA ILE E 405 -48.58 14.36 -11.07
C ILE E 405 -47.95 14.26 -9.69
N ALA E 406 -48.37 15.13 -8.76
CA ALA E 406 -47.84 15.07 -7.40
C ALA E 406 -48.16 13.73 -6.74
N ARG E 407 -49.40 13.27 -6.85
CA ARG E 407 -49.75 11.97 -6.29
C ARG E 407 -48.95 10.85 -6.96
N LEU E 408 -48.77 10.95 -8.28
CA LEU E 408 -48.03 9.91 -8.99
C LEU E 408 -46.57 9.83 -8.54
N ALA E 409 -45.95 10.99 -8.25
CA ALA E 409 -44.61 10.97 -7.70
C ALA E 409 -44.57 10.30 -6.34
N LEU E 410 -45.50 10.65 -5.45
CA LEU E 410 -45.59 10.00 -4.15
C LEU E 410 -45.88 8.51 -4.29
N GLU E 411 -46.84 8.15 -5.15
CA GLU E 411 -47.15 6.74 -5.34
C GLU E 411 -45.98 5.98 -5.95
N ARG E 412 -45.23 6.63 -6.85
CA ARG E 412 -43.98 6.06 -7.33
C ARG E 412 -42.91 6.07 -6.24
N LYS E 413 -43.15 6.80 -5.16
CA LYS E 413 -42.17 7.07 -4.10
C LYS E 413 -40.86 7.60 -4.67
N THR E 414 -40.98 8.57 -5.56
CA THR E 414 -39.87 9.44 -5.95
C THR E 414 -40.18 10.85 -5.47
N GLY E 415 -39.17 11.52 -4.93
CA GLY E 415 -39.35 12.87 -4.45
C GLY E 415 -39.48 13.87 -5.59
N ALA E 416 -39.33 15.14 -5.23
CA ALA E 416 -39.36 16.21 -6.23
C ALA E 416 -38.30 16.02 -7.31
N ARG E 417 -37.25 15.24 -7.03
CA ARG E 417 -36.30 14.91 -8.09
C ARG E 417 -36.97 14.17 -9.24
N GLY E 418 -38.03 13.41 -8.94
CA GLY E 418 -38.74 12.64 -9.95
C GLY E 418 -39.64 13.44 -10.85
N LEU E 419 -39.98 14.67 -10.47
CA LEU E 419 -40.99 15.44 -11.20
C LEU E 419 -40.54 15.77 -12.61
N ARG E 420 -39.24 16.03 -12.80
CA ARG E 420 -38.73 16.27 -14.16
C ARG E 420 -38.80 15.02 -15.03
N SER E 421 -38.73 13.83 -14.41
CA SER E 421 -38.75 12.59 -15.16
C SER E 421 -40.14 12.25 -15.68
N ILE E 422 -41.15 12.29 -14.81
CA ILE E 422 -42.53 12.02 -15.22
C ILE E 422 -43.01 13.04 -16.26
N MET E 423 -42.75 14.32 -16.02
CA MET E 423 -43.23 15.34 -16.96
C MET E 423 -42.56 15.23 -18.33
N GLU E 424 -41.26 14.90 -18.37
CA GLU E 424 -40.58 14.72 -19.64
C GLU E 424 -41.17 13.55 -20.45
N LYS E 425 -41.53 12.47 -19.77
CA LYS E 425 -42.14 11.32 -20.44
C LYS E 425 -43.55 11.60 -20.96
N LEU E 426 -44.32 12.47 -20.30
CA LEU E 426 -45.64 12.82 -20.81
C LEU E 426 -45.57 13.73 -22.03
N LEU E 427 -44.60 14.64 -22.10
CA LEU E 427 -44.55 15.62 -23.16
C LEU E 427 -43.74 15.19 -24.38
N LEU E 428 -43.27 13.94 -24.42
CA LEU E 428 -42.45 13.50 -25.55
C LEU E 428 -43.20 13.55 -26.86
N GLU E 429 -44.41 12.99 -26.90
CA GLU E 429 -45.17 12.98 -28.14
C GLU E 429 -45.58 14.35 -28.65
N PRO E 430 -46.07 15.29 -27.82
CA PRO E 430 -46.20 16.68 -28.30
C PRO E 430 -44.91 17.29 -28.84
N MET E 431 -43.78 17.06 -28.16
CA MET E 431 -42.52 17.69 -28.58
C MET E 431 -42.10 17.29 -29.98
N PHE E 432 -42.42 16.07 -30.42
CA PHE E 432 -42.20 15.72 -31.82
C PHE E 432 -43.21 16.39 -32.75
N GLU E 433 -44.50 16.35 -32.38
CA GLU E 433 -45.52 16.86 -33.29
C GLU E 433 -45.55 18.39 -33.35
N VAL E 434 -45.19 19.07 -32.27
CA VAL E 434 -45.45 20.51 -32.10
C VAL E 434 -44.92 21.41 -33.22
N PRO E 435 -43.81 21.09 -33.93
CA PRO E 435 -43.45 21.93 -35.09
C PRO E 435 -44.55 22.05 -36.14
N ASN E 436 -45.53 21.15 -36.16
CA ASN E 436 -46.62 21.24 -37.13
C ASN E 436 -47.49 22.45 -36.82
N SER E 437 -47.71 23.29 -37.83
CA SER E 437 -48.33 24.59 -37.63
C SER E 437 -49.76 24.51 -37.14
N ASP E 438 -50.44 23.37 -37.33
CA ASP E 438 -51.80 23.23 -36.80
C ASP E 438 -51.83 23.15 -35.28
N ILE E 439 -50.70 22.86 -34.64
CA ILE E 439 -50.60 22.78 -33.19
C ILE E 439 -50.39 24.18 -32.64
N VAL E 440 -51.48 24.89 -32.36
CA VAL E 440 -51.40 26.15 -31.64
C VAL E 440 -51.33 25.93 -30.13
N CYS E 441 -52.06 24.95 -29.61
CA CYS E 441 -52.03 24.63 -28.18
C CYS E 441 -51.91 23.14 -27.94
N VAL E 442 -51.12 22.78 -26.94
CA VAL E 442 -51.03 21.43 -26.40
C VAL E 442 -51.63 21.45 -25.01
N GLU E 443 -52.49 20.48 -24.71
CA GLU E 443 -53.22 20.49 -23.44
C GLU E 443 -53.08 19.15 -22.72
N VAL E 444 -52.86 19.24 -21.42
CA VAL E 444 -52.73 18.08 -20.53
C VAL E 444 -53.82 18.16 -19.48
N ASP E 445 -54.43 17.04 -19.15
CA ASP E 445 -55.53 17.01 -18.20
C ASP E 445 -55.42 15.77 -17.31
N LYS E 446 -56.24 15.75 -16.25
CA LYS E 446 -56.13 14.77 -15.19
C LYS E 446 -56.05 13.35 -15.72
N GLU E 447 -56.89 13.01 -16.69
CA GLU E 447 -56.88 11.65 -17.25
C GLU E 447 -55.74 11.41 -18.22
N VAL E 448 -55.10 12.47 -18.73
CA VAL E 448 -53.94 12.29 -19.61
C VAL E 448 -52.74 11.80 -18.80
N VAL E 449 -52.55 12.36 -17.60
CA VAL E 449 -51.50 11.91 -16.69
C VAL E 449 -51.74 10.46 -16.28
N GLU E 450 -53.00 10.06 -16.14
CA GLU E 450 -53.30 8.66 -15.85
C GLU E 450 -53.02 7.74 -17.04
N GLY E 451 -52.69 8.30 -18.20
CA GLY E 451 -52.43 7.51 -19.39
C GLY E 451 -53.67 6.92 -20.02
N LYS E 452 -54.85 7.32 -19.58
CA LYS E 452 -56.12 6.83 -20.10
C LYS E 452 -56.53 7.53 -21.39
N LYS E 453 -55.85 8.62 -21.74
CA LYS E 453 -56.24 9.45 -22.87
C LYS E 453 -55.00 10.05 -23.51
N GLU E 454 -55.11 10.35 -24.79
CA GLU E 454 -54.10 11.10 -25.52
C GLU E 454 -54.17 12.59 -25.18
N PRO E 455 -53.04 13.28 -25.20
CA PRO E 455 -53.06 14.73 -25.01
C PRO E 455 -53.83 15.43 -26.13
N GLY E 456 -54.43 16.58 -25.79
CA GLY E 456 -55.23 17.31 -26.75
C GLY E 456 -54.35 18.12 -27.68
N TYR E 457 -54.57 17.95 -28.98
CA TYR E 457 -53.93 18.78 -30.00
C TYR E 457 -54.99 19.66 -30.63
N ILE E 458 -54.82 20.98 -30.51
CA ILE E 458 -55.77 21.92 -31.07
C ILE E 458 -54.99 23.08 -31.71
N PRO F 20 -31.67 27.85 -38.86
CA PRO F 20 -32.21 27.07 -37.75
C PRO F 20 -32.16 25.56 -38.01
N PRO F 21 -32.32 24.75 -36.96
CA PRO F 21 -32.28 23.30 -37.13
C PRO F 21 -33.52 22.79 -37.84
N PRO F 22 -33.44 21.62 -38.48
CA PRO F 22 -34.64 21.02 -39.07
C PRO F 22 -35.55 20.47 -38.00
N PRO F 23 -36.85 20.35 -38.28
CA PRO F 23 -37.78 19.68 -37.36
C PRO F 23 -37.30 18.28 -37.01
N PRO F 24 -37.61 17.81 -35.80
CA PRO F 24 -37.14 16.49 -35.36
C PRO F 24 -37.67 15.33 -36.20
N LYS F 25 -38.83 15.47 -36.83
CA LYS F 25 -39.32 14.43 -37.72
C LYS F 25 -38.38 14.21 -38.89
N LYS F 26 -37.81 15.29 -39.43
CA LYS F 26 -36.86 15.15 -40.54
C LYS F 26 -35.50 14.66 -40.05
N ILE F 27 -35.09 15.10 -38.86
CA ILE F 27 -33.92 14.52 -38.20
C ILE F 27 -34.07 13.02 -38.01
N TYR F 28 -35.25 12.57 -37.57
CA TYR F 28 -35.50 11.13 -37.43
C TYR F 28 -35.36 10.40 -38.76
N ASN F 29 -35.88 10.98 -39.84
CA ASN F 29 -35.75 10.36 -41.15
C ASN F 29 -34.31 10.20 -41.58
N TYR F 30 -33.48 11.22 -41.34
CA TYR F 30 -32.06 11.12 -41.69
C TYR F 30 -31.31 10.15 -40.77
N LEU F 31 -31.66 10.12 -39.48
CA LEU F 31 -31.16 9.07 -38.61
C LEU F 31 -31.53 7.67 -39.11
N ASP F 32 -32.77 7.50 -39.58
CA ASP F 32 -33.16 6.22 -40.19
C ASP F 32 -32.39 5.90 -41.47
N LYS F 33 -31.71 6.86 -42.08
CA LYS F 33 -30.87 6.59 -43.24
C LYS F 33 -29.59 5.85 -42.90
N TYR F 34 -29.18 5.83 -41.62
CA TYR F 34 -27.93 5.19 -41.23
C TYR F 34 -28.03 4.32 -39.99
N VAL F 35 -29.08 4.44 -39.18
CA VAL F 35 -29.35 3.53 -38.07
C VAL F 35 -30.59 2.72 -38.41
N VAL F 36 -30.46 1.40 -38.39
CA VAL F 36 -31.53 0.54 -38.90
C VAL F 36 -32.63 0.37 -37.86
N GLY F 37 -32.27 0.10 -36.61
CA GLY F 37 -33.24 -0.07 -35.55
C GLY F 37 -33.45 1.17 -34.72
N GLN F 38 -33.74 0.97 -33.45
CA GLN F 38 -33.72 2.01 -32.42
C GLN F 38 -34.65 3.18 -32.76
N SER F 39 -35.78 2.89 -33.41
CA SER F 39 -36.70 3.95 -33.79
C SER F 39 -37.22 4.70 -32.57
N PHE F 40 -37.43 4.00 -31.45
CA PHE F 40 -37.82 4.65 -30.20
C PHE F 40 -36.75 5.60 -29.70
N ALA F 41 -35.50 5.11 -29.57
CA ALA F 41 -34.39 5.95 -29.16
C ALA F 41 -34.11 7.08 -30.15
N LYS F 42 -34.23 6.79 -31.44
CA LYS F 42 -34.06 7.83 -32.47
C LYS F 42 -35.09 8.93 -32.31
N LYS F 43 -36.31 8.59 -31.94
CA LYS F 43 -37.35 9.59 -31.74
C LYS F 43 -37.06 10.51 -30.57
N VAL F 44 -36.71 9.95 -29.41
CA VAL F 44 -36.43 10.77 -28.24
C VAL F 44 -35.20 11.65 -28.46
N LEU F 45 -34.13 11.08 -29.01
CA LEU F 45 -32.92 11.87 -29.28
C LEU F 45 -33.20 13.00 -30.25
N SER F 46 -33.96 12.74 -31.32
CA SER F 46 -34.35 13.80 -32.25
C SER F 46 -35.12 14.91 -31.54
N VAL F 47 -36.04 14.55 -30.66
CA VAL F 47 -36.79 15.56 -29.90
C VAL F 47 -35.87 16.32 -28.94
N ALA F 48 -34.89 15.63 -28.35
CA ALA F 48 -34.03 16.29 -27.37
C ALA F 48 -33.07 17.29 -28.02
N VAL F 49 -32.31 16.86 -29.02
CA VAL F 49 -31.27 17.75 -29.56
C VAL F 49 -31.88 18.97 -30.25
N TYR F 50 -33.03 18.82 -30.90
CA TYR F 50 -33.74 19.97 -31.44
C TYR F 50 -34.01 21.05 -30.39
N ASN F 51 -34.29 20.65 -29.16
CA ASN F 51 -34.52 21.59 -28.07
C ASN F 51 -33.26 22.29 -27.57
N HIS F 52 -32.08 21.76 -27.87
CA HIS F 52 -30.84 22.51 -27.63
C HIS F 52 -30.65 23.64 -28.63
N TYR F 53 -30.62 23.31 -29.92
CA TYR F 53 -30.23 24.27 -30.94
C TYR F 53 -31.27 25.36 -31.14
N LYS F 54 -32.54 25.06 -30.90
CA LYS F 54 -33.60 26.07 -31.05
C LYS F 54 -33.39 27.23 -30.09
N ARG F 55 -32.97 26.94 -28.85
CA ARG F 55 -32.73 28.03 -27.89
C ARG F 55 -31.65 28.98 -28.40
N ILE F 56 -30.65 28.47 -29.12
CA ILE F 56 -29.61 29.31 -29.68
C ILE F 56 -30.21 30.32 -30.67
N TYR F 57 -31.10 29.85 -31.55
CA TYR F 57 -31.76 30.74 -32.49
C TYR F 57 -32.80 31.64 -31.84
N ASN F 58 -33.22 31.33 -30.61
CA ASN F 58 -33.97 32.30 -29.84
C ASN F 58 -33.06 33.35 -29.21
N ASN F 59 -31.84 32.98 -28.87
CA ASN F 59 -30.89 33.95 -28.31
C ASN F 59 -30.29 34.84 -29.40
N ILE F 60 -30.07 34.30 -30.59
CA ILE F 60 -29.59 35.10 -31.72
C ILE F 60 -30.59 36.22 -32.04
N ASP F 136 -39.88 31.70 -15.11
CA ASP F 136 -39.76 32.46 -16.35
C ASP F 136 -38.30 32.54 -16.79
N ILE F 137 -37.41 32.00 -15.95
CA ILE F 137 -35.98 31.98 -16.27
C ILE F 137 -35.76 31.08 -17.48
N LYS F 138 -34.73 31.40 -18.27
CA LYS F 138 -34.44 30.63 -19.47
C LYS F 138 -34.18 29.17 -19.12
N LEU F 139 -34.45 28.30 -20.09
CA LEU F 139 -34.37 26.86 -19.85
C LEU F 139 -32.93 26.44 -19.58
N GLU F 140 -32.77 25.50 -18.66
CA GLU F 140 -31.47 24.91 -18.40
C GLU F 140 -30.99 24.10 -19.61
N LYS F 141 -29.69 23.85 -19.65
CA LYS F 141 -29.14 23.02 -20.71
C LYS F 141 -29.68 21.59 -20.61
N SER F 142 -29.90 20.99 -21.77
CA SER F 142 -30.39 19.62 -21.91
C SER F 142 -29.25 18.70 -22.34
N ASN F 143 -29.10 17.58 -21.64
CA ASN F 143 -28.05 16.62 -21.93
C ASN F 143 -28.65 15.23 -21.87
N ILE F 144 -28.00 14.29 -22.57
CA ILE F 144 -28.54 12.96 -22.80
C ILE F 144 -27.67 11.88 -22.15
N LEU F 145 -28.33 10.86 -21.61
CA LEU F 145 -27.76 9.53 -21.40
C LEU F 145 -28.22 8.59 -22.51
N LEU F 146 -27.26 7.94 -23.16
CA LEU F 146 -27.56 6.87 -24.11
C LEU F 146 -27.19 5.55 -23.43
N LEU F 147 -28.16 4.98 -22.73
CA LEU F 147 -27.92 3.78 -21.94
C LEU F 147 -27.80 2.54 -22.82
N THR F 150 -24.30 -3.24 -25.12
CA THR F 150 -22.92 -3.05 -25.53
C THR F 150 -22.74 -3.23 -27.02
N GLY F 151 -21.68 -2.62 -27.55
CA GLY F 151 -21.42 -2.69 -28.97
C GLY F 151 -22.46 -2.01 -29.84
N SER F 152 -23.36 -1.26 -29.23
CA SER F 152 -24.48 -0.68 -29.95
C SER F 152 -24.02 0.50 -30.81
N GLY F 153 -24.90 0.93 -31.71
CA GLY F 153 -24.63 2.05 -32.59
C GLY F 153 -24.85 3.41 -31.98
N LYS F 154 -24.77 3.51 -30.66
CA LYS F 154 -25.06 4.77 -29.98
C LYS F 154 -24.11 5.87 -30.44
N THR F 155 -22.82 5.54 -30.61
CA THR F 155 -21.88 6.51 -31.17
C THR F 155 -22.21 6.84 -32.62
N LEU F 156 -22.66 5.85 -33.38
CA LEU F 156 -23.09 6.08 -34.76
C LEU F 156 -24.34 6.96 -34.81
N LEU F 157 -25.24 6.80 -33.84
CA LEU F 157 -26.41 7.66 -33.76
C LEU F 157 -26.04 9.11 -33.48
N ALA F 158 -25.10 9.34 -32.56
CA ALA F 158 -24.65 10.70 -32.31
C ALA F 158 -23.93 11.27 -33.53
N GLN F 159 -23.10 10.47 -34.20
CA GLN F 159 -22.45 10.93 -35.42
C GLN F 159 -23.45 11.19 -36.53
N THR F 160 -24.44 10.30 -36.69
CA THR F 160 -25.51 10.56 -37.66
C THR F 160 -26.33 11.78 -37.28
N LEU F 161 -26.42 12.09 -35.99
CA LEU F 161 -27.11 13.31 -35.58
C LEU F 161 -26.41 14.56 -36.09
N ALA F 162 -25.08 14.50 -36.22
CA ALA F 162 -24.30 15.67 -36.64
C ALA F 162 -24.69 16.09 -38.05
N VAL F 167 -22.00 20.30 -37.36
CA VAL F 167 -21.45 20.58 -36.04
C VAL F 167 -20.12 19.85 -35.87
N PRO F 168 -19.32 20.24 -34.87
CA PRO F 168 -18.00 19.61 -34.71
C PRO F 168 -18.05 18.10 -34.54
N PHE F 169 -19.16 17.55 -34.06
CA PHE F 169 -19.35 16.10 -33.94
C PHE F 169 -18.25 15.42 -33.14
N ALA F 170 -17.59 16.16 -32.25
CA ALA F 170 -16.49 15.61 -31.48
C ALA F 170 -16.96 14.44 -30.62
N ILE F 171 -16.05 13.50 -30.38
CA ILE F 171 -16.37 12.32 -29.59
C ILE F 171 -15.11 11.87 -28.85
N CYS F 172 -15.33 11.18 -27.73
CA CYS F 172 -14.26 10.80 -26.82
C CYS F 172 -14.75 9.62 -26.00
N ASP F 173 -13.82 8.97 -25.32
CA ASP F 173 -14.17 7.87 -24.43
C ASP F 173 -13.24 7.86 -23.24
N CYS F 174 -13.71 7.30 -22.13
CA CYS F 174 -12.98 7.31 -20.88
C CYS F 174 -13.44 6.18 -19.98
N GLY F 208 -21.87 23.87 -31.04
CA GLY F 208 -21.21 22.60 -31.25
C GLY F 208 -21.72 21.50 -30.34
N ILE F 209 -21.10 20.32 -30.42
CA ILE F 209 -21.53 19.16 -29.66
C ILE F 209 -20.34 18.30 -29.30
N VAL F 210 -20.52 17.44 -28.30
CA VAL F 210 -19.50 16.52 -27.81
C VAL F 210 -20.17 15.19 -27.51
N PHE F 211 -19.34 14.18 -27.26
CA PHE F 211 -19.85 12.90 -26.78
C PHE F 211 -18.80 12.27 -25.88
N LEU F 212 -19.27 11.41 -24.97
CA LEU F 212 -18.38 10.83 -23.97
C LEU F 212 -18.86 9.42 -23.64
N ASP F 213 -17.93 8.61 -23.12
CA ASP F 213 -18.29 7.36 -22.46
C ASP F 213 -18.77 7.65 -21.04
N GLN F 214 -19.21 6.60 -20.35
CA GLN F 214 -19.68 6.68 -18.96
C GLN F 214 -20.67 7.82 -18.75
N GLY F 232 -13.09 8.47 -11.07
CA GLY F 232 -14.03 8.12 -10.01
C GLY F 232 -15.05 9.22 -9.75
N GLU F 233 -15.58 9.24 -8.53
CA GLU F 233 -16.47 10.33 -8.14
C GLU F 233 -15.77 11.68 -8.16
N GLY F 234 -14.45 11.69 -7.99
CA GLY F 234 -13.69 12.91 -8.26
C GLY F 234 -13.77 13.35 -9.71
N VAL F 235 -13.69 12.40 -10.63
CA VAL F 235 -13.72 12.72 -12.06
C VAL F 235 -15.11 13.14 -12.49
N GLN F 236 -16.15 12.50 -11.95
CA GLN F 236 -17.52 12.89 -12.25
C GLN F 236 -17.83 14.29 -11.71
N GLN F 237 -17.34 14.59 -10.51
CA GLN F 237 -17.47 15.95 -9.98
C GLN F 237 -16.73 16.98 -10.83
N GLY F 238 -15.57 16.62 -11.37
CA GLY F 238 -14.87 17.55 -12.26
C GLY F 238 -15.58 17.77 -13.58
N LEU F 239 -16.14 16.72 -14.16
CA LEU F 239 -16.94 16.89 -15.38
C LEU F 239 -18.22 17.67 -15.11
N LEU F 240 -18.80 17.52 -13.93
CA LEU F 240 -19.99 18.27 -13.56
C LEU F 240 -19.76 19.78 -13.60
N LYS F 241 -18.53 20.22 -13.36
CA LYS F 241 -18.20 21.64 -13.48
C LYS F 241 -18.13 22.12 -14.93
N LEU F 242 -17.91 21.22 -15.88
CA LEU F 242 -17.90 21.62 -17.29
C LEU F 242 -19.25 21.42 -17.97
N LEU F 243 -20.02 20.42 -17.54
CA LEU F 243 -21.30 20.13 -18.19
C LEU F 243 -22.32 21.24 -18.00
N GLU F 244 -22.11 22.13 -17.04
CA GLU F 244 -23.02 23.25 -16.79
C GLU F 244 -23.14 24.17 -18.00
N ASN F 269 -20.38 26.81 -23.13
CA ASN F 269 -20.64 25.38 -23.04
C ASN F 269 -21.24 24.85 -24.34
N ILE F 270 -21.28 23.52 -24.47
CA ILE F 270 -21.82 22.87 -25.65
C ILE F 270 -22.55 21.60 -25.23
N LEU F 271 -23.46 21.15 -26.10
CA LEU F 271 -24.23 19.94 -25.86
C LEU F 271 -23.31 18.73 -25.83
N PHE F 272 -23.64 17.78 -24.95
CA PHE F 272 -22.79 16.62 -24.71
C PHE F 272 -23.68 15.39 -24.62
N VAL F 273 -23.08 14.23 -24.83
CA VAL F 273 -23.77 12.95 -24.70
C VAL F 273 -22.89 11.96 -23.96
N ALA F 274 -23.49 11.21 -23.04
CA ALA F 274 -22.76 10.19 -22.30
C ALA F 274 -23.29 8.80 -22.66
N SER F 275 -22.41 7.94 -23.15
CA SER F 275 -22.78 6.56 -23.45
C SER F 275 -22.47 5.68 -22.24
N GLY F 276 -23.16 4.55 -22.15
CA GLY F 276 -22.88 3.62 -21.08
C GLY F 276 -23.79 2.42 -21.12
N ALA F 277 -23.55 1.51 -20.18
CA ALA F 277 -24.39 0.34 -19.96
C ALA F 277 -24.32 -0.02 -18.48
N PHE F 278 -25.37 -0.68 -17.98
CA PHE F 278 -25.51 -0.87 -16.55
C PHE F 278 -26.40 -2.08 -16.30
N ASN F 279 -26.38 -2.55 -15.05
CA ASN F 279 -27.20 -3.67 -14.60
C ASN F 279 -27.92 -3.34 -13.31
N GLY F 280 -29.10 -3.93 -13.13
CA GLY F 280 -29.87 -3.75 -11.92
C GLY F 280 -30.63 -2.45 -11.79
N LEU F 281 -30.84 -1.74 -12.90
CA LEU F 281 -31.57 -0.48 -12.88
C LEU F 281 -33.07 -0.64 -12.65
N ASP F 282 -33.57 -1.85 -12.49
CA ASP F 282 -34.98 -2.06 -12.19
C ASP F 282 -35.29 -1.67 -10.75
N ARG F 283 -36.56 -1.31 -10.51
CA ARG F 283 -36.95 -0.79 -9.21
C ARG F 283 -36.92 -1.85 -8.12
N ILE F 284 -36.96 -3.13 -8.49
CA ILE F 284 -36.91 -4.24 -7.54
C ILE F 284 -37.93 -4.08 -6.40
N LYS F 292 -41.56 -8.52 -4.19
CA LYS F 292 -42.72 -9.38 -4.42
C LYS F 292 -43.38 -9.75 -3.10
N TYR F 293 -44.64 -10.19 -3.18
CA TYR F 293 -45.39 -10.60 -2.00
C TYR F 293 -44.78 -11.87 -1.41
N LEU F 294 -44.93 -12.02 -0.09
CA LEU F 294 -44.38 -13.15 0.64
C LEU F 294 -45.48 -14.02 1.24
N GLY F 295 -46.64 -14.03 0.60
CA GLY F 295 -47.76 -14.79 1.13
C GLY F 295 -48.86 -14.90 0.09
N PHE F 296 -50.02 -15.37 0.55
CA PHE F 296 -51.16 -15.48 -0.35
C PHE F 296 -51.72 -14.10 -0.67
N GLY F 297 -52.28 -13.97 -1.87
CA GLY F 297 -52.93 -12.74 -2.29
C GLY F 297 -53.68 -12.89 -3.60
N THR F 298 -54.81 -12.19 -3.73
CA THR F 298 -55.67 -12.36 -4.90
C THR F 298 -55.02 -11.80 -6.16
N LYS F 330 -33.40 -4.81 -21.36
CA LYS F 330 -34.77 -5.26 -21.53
C LYS F 330 -35.76 -4.11 -21.43
N ASP F 331 -36.91 -4.26 -22.08
CA ASP F 331 -37.93 -3.22 -22.05
C ASP F 331 -38.45 -2.99 -20.63
N ARG F 332 -38.57 -4.06 -19.85
CA ARG F 332 -38.95 -3.95 -18.44
C ARG F 332 -37.85 -3.36 -17.57
N LEU F 333 -36.59 -3.44 -18.01
CA LEU F 333 -35.47 -2.93 -17.24
C LEU F 333 -35.19 -1.45 -17.48
N LEU F 334 -35.25 -1.01 -18.74
CA LEU F 334 -34.66 0.26 -19.14
C LEU F 334 -35.66 1.28 -19.66
N ARG F 335 -36.93 0.92 -19.80
CA ARG F 335 -37.94 1.94 -20.05
C ARG F 335 -38.33 2.67 -18.77
N HIS F 336 -38.23 2.01 -17.61
CA HIS F 336 -38.59 2.57 -16.32
C HIS F 336 -37.38 3.05 -15.54
N VAL F 337 -36.37 3.60 -16.23
CA VAL F 337 -35.21 4.14 -15.55
C VAL F 337 -35.60 5.33 -14.68
N GLU F 338 -35.03 5.38 -13.48
CA GLU F 338 -35.29 6.42 -12.49
C GLU F 338 -33.96 7.06 -12.09
N ALA F 339 -34.00 8.36 -11.80
CA ALA F 339 -32.84 9.00 -11.19
C ALA F 339 -32.42 8.32 -9.89
N ARG F 340 -33.41 7.86 -9.12
CA ARG F 340 -33.13 7.08 -7.91
C ARG F 340 -32.45 5.76 -8.21
N ASP F 341 -32.70 5.19 -9.40
CA ASP F 341 -31.98 3.99 -9.84
C ASP F 341 -30.56 4.30 -10.31
N LEU F 342 -30.36 5.37 -11.06
CA LEU F 342 -29.02 5.79 -11.44
C LEU F 342 -28.17 6.17 -10.24
N ILE F 343 -28.79 6.75 -9.21
CA ILE F 343 -28.08 7.01 -7.95
C ILE F 343 -27.68 5.71 -7.27
N GLU F 344 -28.58 4.72 -7.25
CA GLU F 344 -28.23 3.41 -6.70
C GLU F 344 -27.09 2.75 -7.48
N PHE F 345 -26.94 3.07 -8.76
CA PHE F 345 -25.76 2.62 -9.51
C PHE F 345 -24.51 3.44 -9.21
N GLY F 346 -24.62 4.48 -8.39
CA GLY F 346 -23.44 5.16 -7.88
C GLY F 346 -23.04 6.43 -8.59
N MET F 347 -23.82 6.89 -9.57
CA MET F 347 -23.57 8.19 -10.17
C MET F 347 -23.89 9.31 -9.17
N ILE F 348 -23.14 10.39 -9.24
CA ILE F 348 -23.34 11.50 -8.30
C ILE F 348 -24.67 12.18 -8.58
N PRO F 349 -25.53 12.37 -7.57
CA PRO F 349 -26.84 12.99 -7.80
C PRO F 349 -26.79 14.32 -8.55
N GLU F 350 -25.81 15.16 -8.26
CA GLU F 350 -25.68 16.41 -9.00
C GLU F 350 -25.28 16.17 -10.46
N PHE F 351 -24.58 15.08 -10.73
CA PHE F 351 -24.24 14.75 -12.12
C PHE F 351 -25.43 14.11 -12.84
N VAL F 352 -26.20 13.28 -12.13
CA VAL F 352 -27.46 12.78 -12.66
C VAL F 352 -28.41 13.91 -13.00
N GLY F 353 -28.45 14.95 -12.15
CA GLY F 353 -29.23 16.14 -12.45
C GLY F 353 -28.74 16.94 -13.64
N ARG F 354 -27.50 16.73 -14.08
CA ARG F 354 -27.01 17.36 -15.29
C ARG F 354 -27.37 16.57 -16.55
N LEU F 355 -27.80 15.32 -16.42
CA LEU F 355 -28.21 14.48 -17.53
C LEU F 355 -29.69 14.12 -17.39
N PRO F 356 -30.59 15.08 -17.64
CA PRO F 356 -32.01 14.85 -17.30
C PRO F 356 -32.75 13.87 -18.19
N VAL F 357 -32.27 13.60 -19.42
CA VAL F 357 -32.93 12.70 -20.34
C VAL F 357 -32.11 11.41 -20.43
N VAL F 358 -32.75 10.27 -20.22
CA VAL F 358 -32.14 8.96 -20.42
C VAL F 358 -32.93 8.19 -21.48
N VAL F 359 -32.27 7.82 -22.57
CA VAL F 359 -32.86 7.03 -23.65
C VAL F 359 -32.30 5.61 -23.59
N PRO F 360 -33.16 4.59 -23.60
CA PRO F 360 -32.67 3.20 -23.67
C PRO F 360 -32.50 2.72 -25.11
N LEU F 361 -31.36 2.10 -25.42
CA LEU F 361 -31.13 1.52 -26.74
C LEU F 361 -31.72 0.12 -26.88
N HIS F 362 -32.14 -0.19 -28.10
CA HIS F 362 -32.58 -1.54 -28.45
C HIS F 362 -31.42 -2.54 -28.39
N SER F 363 -31.71 -3.71 -27.84
CA SER F 363 -30.84 -4.88 -28.04
C SER F 363 -30.97 -5.38 -29.46
N LEU F 364 -29.89 -5.28 -30.25
CA LEU F 364 -29.89 -5.81 -31.61
C LEU F 364 -30.13 -7.32 -31.63
N LYS F 367 -32.63 -8.36 -35.16
CA LYS F 367 -31.84 -9.50 -35.60
C LYS F 367 -31.64 -9.46 -37.11
N THR F 368 -32.73 -9.19 -37.84
CA THR F 368 -32.63 -8.93 -39.27
C THR F 368 -31.77 -7.71 -39.56
N LEU F 369 -31.69 -6.78 -38.61
CA LEU F 369 -30.84 -5.61 -38.76
C LEU F 369 -29.37 -5.98 -38.87
N VAL F 370 -28.97 -7.11 -38.29
CA VAL F 370 -27.59 -7.57 -38.46
C VAL F 370 -27.34 -7.99 -39.91
N GLN F 371 -28.32 -8.63 -40.55
CA GLN F 371 -28.18 -8.93 -41.96
C GLN F 371 -28.52 -7.75 -42.86
N ILE F 372 -29.30 -6.79 -42.36
CA ILE F 372 -29.73 -5.66 -43.18
C ILE F 372 -28.80 -4.46 -43.14
N LEU F 373 -27.88 -4.40 -42.17
CA LEU F 373 -26.90 -3.32 -42.15
C LEU F 373 -26.00 -3.37 -43.38
N THR F 374 -25.54 -2.20 -43.81
CA THR F 374 -24.65 -2.09 -44.96
C THR F 374 -23.69 -0.93 -44.74
N GLU F 375 -22.60 -0.94 -45.48
CA GLU F 375 -21.58 0.08 -45.36
C GLU F 375 -21.49 0.93 -46.63
N PRO F 382 -20.49 -10.23 -45.61
CA PRO F 382 -20.37 -10.76 -46.97
C PRO F 382 -19.62 -9.83 -47.91
N GLN F 383 -19.17 -8.69 -47.38
CA GLN F 383 -18.40 -7.73 -48.18
C GLN F 383 -17.03 -8.26 -48.59
N TYR F 384 -16.58 -9.35 -47.98
CA TYR F 384 -15.28 -9.96 -48.30
C TYR F 384 -15.20 -10.54 -49.70
N GLN F 385 -16.31 -10.54 -50.45
CA GLN F 385 -16.30 -11.01 -51.83
C GLN F 385 -15.26 -10.29 -52.67
N ALA F 386 -14.93 -9.03 -52.32
CA ALA F 386 -13.90 -8.30 -53.04
C ALA F 386 -12.52 -8.94 -52.86
N LEU F 387 -12.25 -9.55 -51.70
CA LEU F 387 -10.95 -10.20 -51.49
C LEU F 387 -10.79 -11.44 -52.38
N PHE F 388 -11.82 -12.27 -52.46
CA PHE F 388 -11.79 -13.40 -53.39
C PHE F 388 -11.80 -12.92 -54.84
N SER F 389 -12.51 -11.84 -55.14
CA SER F 389 -12.46 -11.26 -56.48
C SER F 389 -11.03 -10.87 -56.86
N MET F 390 -10.26 -10.35 -55.90
CA MET F 390 -8.84 -10.13 -56.13
C MET F 390 -8.07 -11.44 -56.29
N ASP F 391 -8.62 -12.55 -55.82
CA ASP F 391 -8.06 -13.87 -56.11
C ASP F 391 -8.64 -14.49 -57.38
N LYS F 392 -9.37 -13.72 -58.19
CA LYS F 392 -10.02 -14.22 -59.41
C LYS F 392 -11.05 -15.30 -59.12
N CYS F 393 -11.63 -15.30 -57.93
CA CYS F 393 -12.65 -16.29 -57.56
C CYS F 393 -13.88 -15.59 -57.03
N GLU F 394 -15.05 -16.14 -57.35
CA GLU F 394 -16.30 -15.61 -56.85
C GLU F 394 -16.55 -16.09 -55.42
N LEU F 395 -17.49 -15.42 -54.76
CA LEU F 395 -17.95 -15.86 -53.44
C LEU F 395 -19.43 -15.55 -53.28
N ASN F 396 -20.12 -16.41 -52.55
CA ASN F 396 -21.55 -16.25 -52.33
C ASN F 396 -21.94 -17.03 -51.08
N VAL F 397 -23.11 -16.70 -50.55
CA VAL F 397 -23.66 -17.40 -49.39
C VAL F 397 -25.17 -17.42 -49.50
N THR F 398 -25.77 -18.51 -49.01
CA THR F 398 -27.21 -18.69 -49.06
C THR F 398 -27.90 -17.79 -48.05
N GLU F 399 -28.60 -16.76 -48.53
CA GLU F 399 -29.25 -15.80 -47.65
C GLU F 399 -30.21 -16.49 -46.69
N ASP F 400 -30.90 -17.52 -47.17
CA ASP F 400 -31.86 -18.26 -46.35
C ASP F 400 -31.22 -18.95 -45.16
N ALA F 401 -29.90 -19.09 -45.15
CA ALA F 401 -29.17 -19.60 -44.00
C ALA F 401 -28.27 -18.57 -43.34
N LEU F 402 -27.97 -17.46 -44.02
CA LEU F 402 -27.15 -16.42 -43.42
C LEU F 402 -27.73 -15.92 -42.10
N LYS F 403 -29.06 -15.98 -41.96
CA LYS F 403 -29.70 -15.71 -40.68
C LYS F 403 -29.11 -16.55 -39.55
N ALA F 404 -28.62 -17.75 -39.86
CA ALA F 404 -27.98 -18.58 -38.84
C ALA F 404 -26.54 -18.17 -38.58
N ILE F 405 -25.87 -17.60 -39.58
CA ILE F 405 -24.55 -17.03 -39.35
C ILE F 405 -24.65 -15.74 -38.53
N ALA F 406 -25.64 -14.90 -38.85
CA ALA F 406 -25.90 -13.74 -38.00
C ALA F 406 -26.37 -14.14 -36.60
N ARG F 407 -27.12 -15.24 -36.48
CA ARG F 407 -27.57 -15.68 -35.17
C ARG F 407 -26.42 -16.14 -34.26
N LEU F 408 -25.28 -16.53 -34.82
CA LEU F 408 -24.12 -16.87 -33.99
C LEU F 408 -23.63 -15.67 -33.19
N ALA F 409 -23.72 -14.47 -33.77
CA ALA F 409 -23.43 -13.25 -33.02
C ALA F 409 -24.42 -13.02 -31.89
N LEU F 410 -25.67 -13.45 -32.06
CA LEU F 410 -26.65 -13.30 -30.99
C LEU F 410 -26.40 -14.26 -29.83
N GLU F 411 -25.92 -15.47 -30.10
CA GLU F 411 -25.63 -16.40 -29.02
C GLU F 411 -24.27 -16.15 -28.39
N ARG F 412 -23.32 -15.61 -29.16
CA ARG F 412 -22.05 -15.18 -28.59
C ARG F 412 -22.20 -13.93 -27.73
N LYS F 413 -23.28 -13.17 -27.91
CA LYS F 413 -23.48 -11.88 -27.24
C LYS F 413 -22.34 -10.91 -27.54
N THR F 414 -21.76 -11.01 -28.74
CA THR F 414 -20.72 -10.09 -29.15
C THR F 414 -21.25 -8.69 -29.44
N GLY F 415 -22.54 -8.55 -29.73
CA GLY F 415 -23.03 -7.42 -30.46
C GLY F 415 -22.51 -7.38 -31.89
N ALA F 416 -22.70 -6.21 -32.51
CA ALA F 416 -22.37 -6.04 -33.93
C ALA F 416 -20.88 -6.22 -34.22
N ARG F 417 -20.02 -6.06 -33.21
CA ARG F 417 -18.59 -6.19 -33.44
C ARG F 417 -18.16 -7.62 -33.76
N GLY F 418 -19.00 -8.62 -33.46
CA GLY F 418 -18.59 -9.99 -33.69
C GLY F 418 -18.52 -10.39 -35.16
N LEU F 419 -19.24 -9.67 -36.03
CA LEU F 419 -19.38 -10.09 -37.41
C LEU F 419 -18.04 -10.30 -38.10
N ARG F 420 -17.10 -9.39 -37.88
CA ARG F 420 -15.79 -9.47 -38.53
C ARG F 420 -15.03 -10.71 -38.07
N SER F 421 -15.11 -11.04 -36.79
CA SER F 421 -14.46 -12.23 -36.25
C SER F 421 -15.07 -13.51 -36.81
N ILE F 422 -16.41 -13.56 -36.88
CA ILE F 422 -17.09 -14.75 -37.38
C ILE F 422 -16.74 -15.03 -38.83
N MET F 423 -16.71 -13.99 -39.67
CA MET F 423 -16.30 -14.18 -41.06
C MET F 423 -14.88 -14.70 -41.17
N GLU F 424 -13.96 -14.17 -40.38
CA GLU F 424 -12.58 -14.65 -40.41
C GLU F 424 -12.44 -16.11 -40.00
N LYS F 425 -13.38 -16.64 -39.19
CA LYS F 425 -13.34 -18.08 -38.89
C LYS F 425 -13.87 -18.95 -40.03
N LEU F 426 -15.11 -18.69 -40.47
CA LEU F 426 -15.74 -19.58 -41.46
C LEU F 426 -14.99 -19.60 -42.78
N LEU F 427 -14.46 -18.46 -43.20
CA LEU F 427 -13.78 -18.37 -44.48
C LEU F 427 -12.32 -18.83 -44.43
N LEU F 428 -11.81 -19.24 -43.27
CA LEU F 428 -10.38 -19.48 -43.13
C LEU F 428 -9.88 -20.55 -44.09
N GLU F 429 -10.52 -21.71 -44.08
CA GLU F 429 -10.08 -22.79 -44.96
C GLU F 429 -10.30 -22.47 -46.44
N PRO F 430 -11.43 -21.90 -46.84
CA PRO F 430 -11.50 -21.33 -48.20
C PRO F 430 -10.36 -20.40 -48.53
N MET F 431 -10.03 -19.47 -47.62
CA MET F 431 -8.91 -18.56 -47.86
C MET F 431 -7.57 -19.29 -47.93
N PHE F 432 -7.45 -20.46 -47.31
CA PHE F 432 -6.23 -21.25 -47.44
C PHE F 432 -6.14 -22.01 -48.75
N GLU F 433 -7.26 -22.54 -49.25
CA GLU F 433 -7.24 -23.39 -50.44
C GLU F 433 -7.35 -22.59 -51.75
N VAL F 434 -8.22 -21.58 -51.77
CA VAL F 434 -8.52 -20.88 -53.02
C VAL F 434 -7.33 -20.20 -53.69
N PRO F 435 -6.41 -19.53 -52.98
CA PRO F 435 -5.53 -18.57 -53.67
C PRO F 435 -4.75 -19.06 -54.88
N ASN F 436 -4.25 -20.28 -54.90
CA ASN F 436 -3.42 -20.69 -56.02
C ASN F 436 -3.37 -22.20 -56.11
N SER F 437 -2.99 -22.69 -57.29
CA SER F 437 -2.97 -24.12 -57.60
C SER F 437 -4.32 -24.77 -57.35
N ASP F 438 -5.40 -24.00 -57.49
CA ASP F 438 -6.73 -24.50 -57.16
C ASP F 438 -7.74 -23.86 -58.09
N ILE F 439 -8.90 -24.52 -58.19
CA ILE F 439 -9.94 -24.09 -59.12
C ILE F 439 -10.48 -22.72 -58.76
N VAL F 440 -10.71 -21.90 -59.79
CA VAL F 440 -11.03 -20.49 -59.63
C VAL F 440 -12.53 -20.23 -59.53
N CYS F 441 -13.35 -21.28 -59.64
CA CYS F 441 -14.79 -21.11 -59.63
C CYS F 441 -15.28 -20.71 -58.24
N VAL F 442 -16.58 -20.38 -58.18
CA VAL F 442 -17.16 -19.79 -57.00
C VAL F 442 -17.17 -20.75 -55.82
N GLU F 443 -16.77 -20.24 -54.66
CA GLU F 443 -17.04 -20.92 -53.39
C GLU F 443 -18.51 -20.73 -53.04
N VAL F 444 -19.06 -21.68 -52.29
CA VAL F 444 -20.46 -21.59 -51.91
C VAL F 444 -20.65 -22.23 -50.55
N ASP F 445 -21.67 -21.77 -49.83
CA ASP F 445 -22.02 -22.33 -48.53
C ASP F 445 -23.51 -22.17 -48.29
N LYS F 446 -24.07 -23.12 -47.55
CA LYS F 446 -25.45 -23.04 -47.08
C LYS F 446 -25.54 -23.90 -45.83
N GLU F 447 -25.92 -23.28 -44.71
CA GLU F 447 -25.93 -23.95 -43.41
C GLU F 447 -24.56 -24.52 -43.04
N VAL F 448 -23.50 -24.02 -43.69
CA VAL F 448 -22.16 -24.54 -43.42
C VAL F 448 -21.73 -24.22 -42.00
N VAL F 449 -22.27 -23.14 -41.42
CA VAL F 449 -22.02 -22.83 -40.01
C VAL F 449 -22.79 -23.73 -39.07
N GLU F 450 -23.80 -24.44 -39.56
CA GLU F 450 -24.54 -25.38 -38.72
C GLU F 450 -23.88 -26.75 -38.74
N LYS F 453 -21.66 -30.80 -41.90
CA LYS F 453 -21.57 -29.92 -43.06
C LYS F 453 -20.12 -29.55 -43.36
N GLU F 454 -19.88 -29.08 -44.58
CA GLU F 454 -18.56 -28.59 -44.98
C GLU F 454 -18.76 -27.60 -46.12
N PRO F 455 -17.80 -26.71 -46.33
CA PRO F 455 -17.96 -25.73 -47.42
C PRO F 455 -17.83 -26.41 -48.77
N GLY F 456 -18.70 -25.99 -49.70
CA GLY F 456 -18.66 -26.48 -51.06
C GLY F 456 -17.98 -25.50 -52.00
N TYR F 457 -17.67 -25.99 -53.20
CA TYR F 457 -17.20 -25.12 -54.25
C TYR F 457 -17.57 -25.71 -55.60
N ILE F 458 -17.80 -24.84 -56.58
CA ILE F 458 -17.60 -25.23 -57.97
C ILE F 458 -16.11 -25.28 -58.28
N ARG F 459 -15.77 -26.00 -59.34
CA ARG F 459 -14.38 -26.10 -59.79
C ARG F 459 -14.30 -25.90 -61.29
N ALA F 460 -13.27 -25.18 -61.72
CA ALA F 460 -13.06 -24.89 -63.13
C ALA F 460 -11.59 -24.64 -63.41
N UNK G 1 -11.46 -3.31 5.56
CA UNK G 1 -10.71 -3.04 4.34
C UNK G 1 -9.23 -3.32 4.53
N UNK G 2 -8.55 -3.64 3.45
CA UNK G 2 -7.11 -3.86 3.49
C UNK G 2 -6.37 -2.52 3.58
N UNK G 3 -5.16 -2.57 4.11
CA UNK G 3 -4.26 -1.43 3.99
C UNK G 3 -3.70 -1.33 2.58
N UNK G 4 -3.44 -0.11 2.15
CA UNK G 4 -2.97 0.16 0.79
C UNK G 4 -1.53 0.67 0.83
N UNK G 5 -0.58 -0.17 0.42
CA UNK G 5 0.79 0.26 0.23
C UNK G 5 0.90 1.18 -1.00
N UNK G 6 1.81 2.14 -0.94
CA UNK G 6 1.98 3.11 -2.01
C UNK G 6 3.33 2.91 -2.71
N UNK G 7 3.32 2.34 -3.90
CA UNK G 7 4.52 2.26 -4.71
C UNK G 7 4.89 3.64 -5.25
N UNK G 8 6.18 3.96 -5.25
CA UNK G 8 6.67 5.25 -5.72
C UNK G 8 7.15 5.14 -7.16
N UNK G 9 6.24 5.43 -8.10
CA UNK G 9 6.61 5.56 -9.51
C UNK G 9 7.63 6.67 -9.70
N UNK G 10 8.67 6.39 -10.48
CA UNK G 10 9.69 7.39 -10.82
C UNK G 10 9.37 8.00 -12.18
N UNK G 11 8.92 9.26 -12.18
CA UNK G 11 8.80 10.02 -13.42
C UNK G 11 10.18 10.35 -13.99
N UNK G 12 10.26 10.41 -15.30
CA UNK G 12 11.51 10.72 -15.99
C UNK G 12 11.88 12.19 -15.86
#